data_2QLD
# 
_entry.id   2QLD 
# 
_audit_conform.dict_name       mmcif_pdbx.dic 
_audit_conform.dict_version    5.389 
_audit_conform.dict_location   http://mmcif.pdb.org/dictionaries/ascii/mmcif_pdbx.dic 
# 
loop_
_database_2.database_id 
_database_2.database_code 
_database_2.pdbx_database_accession 
_database_2.pdbx_DOI 
PDB   2QLD         pdb_00002qld 10.2210/pdb2qld/pdb 
RCSB  RCSB043743   ?            ?                   
WWPDB D_1000043743 ?            ?                   
# 
loop_
_pdbx_audit_revision_history.ordinal 
_pdbx_audit_revision_history.data_content_type 
_pdbx_audit_revision_history.major_revision 
_pdbx_audit_revision_history.minor_revision 
_pdbx_audit_revision_history.revision_date 
1 'Structure model' 1 0 2008-07-15 
2 'Structure model' 1 1 2011-07-13 
3 'Structure model' 1 2 2024-02-21 
4 'Structure model' 1 3 2024-04-03 
# 
_pdbx_audit_revision_details.ordinal             1 
_pdbx_audit_revision_details.revision_ordinal    1 
_pdbx_audit_revision_details.data_content_type   'Structure model' 
_pdbx_audit_revision_details.provider            repository 
_pdbx_audit_revision_details.type                'Initial release' 
_pdbx_audit_revision_details.description         ? 
_pdbx_audit_revision_details.details             ? 
# 
loop_
_pdbx_audit_revision_group.ordinal 
_pdbx_audit_revision_group.revision_ordinal 
_pdbx_audit_revision_group.data_content_type 
_pdbx_audit_revision_group.group 
1 2 'Structure model' 'Version format compliance' 
2 3 'Structure model' 'Data collection'           
3 3 'Structure model' 'Database references'       
4 4 'Structure model' 'Refinement description'    
# 
loop_
_pdbx_audit_revision_category.ordinal 
_pdbx_audit_revision_category.revision_ordinal 
_pdbx_audit_revision_category.data_content_type 
_pdbx_audit_revision_category.category 
1 3 'Structure model' chem_comp_atom                
2 3 'Structure model' chem_comp_bond                
3 3 'Structure model' database_2                    
4 4 'Structure model' pdbx_initial_refinement_model 
# 
loop_
_pdbx_audit_revision_item.ordinal 
_pdbx_audit_revision_item.revision_ordinal 
_pdbx_audit_revision_item.data_content_type 
_pdbx_audit_revision_item.item 
1 3 'Structure model' '_database_2.pdbx_DOI'                
2 3 'Structure model' '_database_2.pdbx_database_accession' 
# 
_pdbx_database_status.status_code                     REL 
_pdbx_database_status.entry_id                        2QLD 
_pdbx_database_status.recvd_initial_deposition_date   2007-07-12 
_pdbx_database_status.deposit_site                    RCSB 
_pdbx_database_status.process_site                    RCSB 
_pdbx_database_status.status_code_sf                  REL 
_pdbx_database_status.status_code_mr                  ? 
_pdbx_database_status.SG_entry                        ? 
_pdbx_database_status.pdb_format_compatible           Y 
_pdbx_database_status.status_code_cs                  ? 
_pdbx_database_status.status_code_nmr_data            ? 
_pdbx_database_status.methods_development_category    ? 
# 
loop_
_audit_author.name 
_audit_author.pdbx_ordinal 
'Hu, J.'  1 
'Wu, Y.'  2 
'Li, J.'  3 
'Fu, Z.'  4 
'Sha, B.' 5 
# 
_citation.id                        primary 
_citation.title                     
'The crystal structure of the putative peptide-binding fragment from the human Hsp40 protein Hdj1.' 
_citation.journal_abbrev            'Bmc Struct.Biol.' 
_citation.journal_volume            8 
_citation.page_first                3 
_citation.page_last                 3 
_citation.year                      2008 
_citation.journal_id_ASTM           ? 
_citation.country                   UK 
_citation.journal_id_ISSN           1472-6807 
_citation.journal_id_CSD            ? 
_citation.book_publisher            ? 
_citation.pdbx_database_id_PubMed   18211704 
_citation.pdbx_database_id_DOI      10.1186/1472-6807-8-3 
# 
loop_
_citation_author.citation_id 
_citation_author.name 
_citation_author.ordinal 
_citation_author.identifier_ORCID 
primary 'Hu, J.'   1 ? 
primary 'Wu, Y.'   2 ? 
primary 'Li, J.'   3 ? 
primary 'Qian, X.' 4 ? 
primary 'Fu, Z.'   5 ? 
primary 'Sha, B.'  6 ? 
# 
_entity.id                         1 
_entity.type                       polymer 
_entity.src_method                 man 
_entity.pdbx_description           'DnaJ homolog subfamily B member 1' 
_entity.formula_weight             20737.207 
_entity.pdbx_number_of_molecules   1 
_entity.pdbx_ec                    ? 
_entity.pdbx_mutation              ? 
_entity.pdbx_fragment              ? 
_entity.details                    ? 
# 
_entity_name_com.entity_id   1 
_entity_name_com.name        'Heat shock 40 kDa protein 1, Heat shock protein 40, HSP40, DnaJ protein homolog 1, HDJ-1' 
# 
_entity_poly.entity_id                      1 
_entity_poly.type                           'polypeptide(L)' 
_entity_poly.nstd_linkage                   no 
_entity_poly.nstd_monomer                   no 
_entity_poly.pdbx_seq_one_letter_code       
;KKQDPPVTHDLRVSLEEIYSGCTKKMKISHKRLNPDGKSIRNEDKILTIEVKKGWKEGTKITFPKEGDQTSNNIPADIVF
VLKDKPHNIFKRDGSDVIYPARISLREALCGCTVNVPTLDGRTIPVVFKDVIRPGMRRKVPGEGLPLPKTPEKRGDLIIE
FEVIFPERIPQTSRTVLEQVLPI
;
_entity_poly.pdbx_seq_one_letter_code_can   
;KKQDPPVTHDLRVSLEEIYSGCTKKMKISHKRLNPDGKSIRNEDKILTIEVKKGWKEGTKITFPKEGDQTSNNIPADIVF
VLKDKPHNIFKRDGSDVIYPARISLREALCGCTVNVPTLDGRTIPVVFKDVIRPGMRRKVPGEGLPLPKTPEKRGDLIIE
FEVIFPERIPQTSRTVLEQVLPI
;
_entity_poly.pdbx_strand_id                 A 
_entity_poly.pdbx_target_identifier         ? 
# 
loop_
_entity_poly_seq.entity_id 
_entity_poly_seq.num 
_entity_poly_seq.mon_id 
_entity_poly_seq.hetero 
1 1   LYS n 
1 2   LYS n 
1 3   GLN n 
1 4   ASP n 
1 5   PRO n 
1 6   PRO n 
1 7   VAL n 
1 8   THR n 
1 9   HIS n 
1 10  ASP n 
1 11  LEU n 
1 12  ARG n 
1 13  VAL n 
1 14  SER n 
1 15  LEU n 
1 16  GLU n 
1 17  GLU n 
1 18  ILE n 
1 19  TYR n 
1 20  SER n 
1 21  GLY n 
1 22  CYS n 
1 23  THR n 
1 24  LYS n 
1 25  LYS n 
1 26  MET n 
1 27  LYS n 
1 28  ILE n 
1 29  SER n 
1 30  HIS n 
1 31  LYS n 
1 32  ARG n 
1 33  LEU n 
1 34  ASN n 
1 35  PRO n 
1 36  ASP n 
1 37  GLY n 
1 38  LYS n 
1 39  SER n 
1 40  ILE n 
1 41  ARG n 
1 42  ASN n 
1 43  GLU n 
1 44  ASP n 
1 45  LYS n 
1 46  ILE n 
1 47  LEU n 
1 48  THR n 
1 49  ILE n 
1 50  GLU n 
1 51  VAL n 
1 52  LYS n 
1 53  LYS n 
1 54  GLY n 
1 55  TRP n 
1 56  LYS n 
1 57  GLU n 
1 58  GLY n 
1 59  THR n 
1 60  LYS n 
1 61  ILE n 
1 62  THR n 
1 63  PHE n 
1 64  PRO n 
1 65  LYS n 
1 66  GLU n 
1 67  GLY n 
1 68  ASP n 
1 69  GLN n 
1 70  THR n 
1 71  SER n 
1 72  ASN n 
1 73  ASN n 
1 74  ILE n 
1 75  PRO n 
1 76  ALA n 
1 77  ASP n 
1 78  ILE n 
1 79  VAL n 
1 80  PHE n 
1 81  VAL n 
1 82  LEU n 
1 83  LYS n 
1 84  ASP n 
1 85  LYS n 
1 86  PRO n 
1 87  HIS n 
1 88  ASN n 
1 89  ILE n 
1 90  PHE n 
1 91  LYS n 
1 92  ARG n 
1 93  ASP n 
1 94  GLY n 
1 95  SER n 
1 96  ASP n 
1 97  VAL n 
1 98  ILE n 
1 99  TYR n 
1 100 PRO n 
1 101 ALA n 
1 102 ARG n 
1 103 ILE n 
1 104 SER n 
1 105 LEU n 
1 106 ARG n 
1 107 GLU n 
1 108 ALA n 
1 109 LEU n 
1 110 CYS n 
1 111 GLY n 
1 112 CYS n 
1 113 THR n 
1 114 VAL n 
1 115 ASN n 
1 116 VAL n 
1 117 PRO n 
1 118 THR n 
1 119 LEU n 
1 120 ASP n 
1 121 GLY n 
1 122 ARG n 
1 123 THR n 
1 124 ILE n 
1 125 PRO n 
1 126 VAL n 
1 127 VAL n 
1 128 PHE n 
1 129 LYS n 
1 130 ASP n 
1 131 VAL n 
1 132 ILE n 
1 133 ARG n 
1 134 PRO n 
1 135 GLY n 
1 136 MET n 
1 137 ARG n 
1 138 ARG n 
1 139 LYS n 
1 140 VAL n 
1 141 PRO n 
1 142 GLY n 
1 143 GLU n 
1 144 GLY n 
1 145 LEU n 
1 146 PRO n 
1 147 LEU n 
1 148 PRO n 
1 149 LYS n 
1 150 THR n 
1 151 PRO n 
1 152 GLU n 
1 153 LYS n 
1 154 ARG n 
1 155 GLY n 
1 156 ASP n 
1 157 LEU n 
1 158 ILE n 
1 159 ILE n 
1 160 GLU n 
1 161 PHE n 
1 162 GLU n 
1 163 VAL n 
1 164 ILE n 
1 165 PHE n 
1 166 PRO n 
1 167 GLU n 
1 168 ARG n 
1 169 ILE n 
1 170 PRO n 
1 171 GLN n 
1 172 THR n 
1 173 SER n 
1 174 ARG n 
1 175 THR n 
1 176 VAL n 
1 177 LEU n 
1 178 GLU n 
1 179 GLN n 
1 180 VAL n 
1 181 LEU n 
1 182 PRO n 
1 183 ILE n 
# 
_entity_src_gen.entity_id                          1 
_entity_src_gen.pdbx_src_id                        1 
_entity_src_gen.pdbx_alt_source_flag               sample 
_entity_src_gen.pdbx_seq_type                      ? 
_entity_src_gen.pdbx_beg_seq_num                   ? 
_entity_src_gen.pdbx_end_seq_num                   ? 
_entity_src_gen.gene_src_common_name               human 
_entity_src_gen.gene_src_genus                     ? 
_entity_src_gen.pdbx_gene_src_gene                 'DNAJB1, DNAJ1, HDJ1, HSPF1' 
_entity_src_gen.gene_src_species                   ? 
_entity_src_gen.gene_src_strain                    ? 
_entity_src_gen.gene_src_tissue                    ? 
_entity_src_gen.gene_src_tissue_fraction           ? 
_entity_src_gen.gene_src_details                   ? 
_entity_src_gen.pdbx_gene_src_fragment             ? 
_entity_src_gen.pdbx_gene_src_scientific_name      'Homo sapiens' 
_entity_src_gen.pdbx_gene_src_ncbi_taxonomy_id     9606 
_entity_src_gen.pdbx_gene_src_variant              ? 
_entity_src_gen.pdbx_gene_src_cell_line            ? 
_entity_src_gen.pdbx_gene_src_atcc                 ? 
_entity_src_gen.pdbx_gene_src_organ                ? 
_entity_src_gen.pdbx_gene_src_organelle            ? 
_entity_src_gen.pdbx_gene_src_cell                 ? 
_entity_src_gen.pdbx_gene_src_cellular_location    ? 
_entity_src_gen.host_org_common_name               ? 
_entity_src_gen.pdbx_host_org_scientific_name      'Escherichia coli' 
_entity_src_gen.pdbx_host_org_ncbi_taxonomy_id     562 
_entity_src_gen.host_org_genus                     ? 
_entity_src_gen.pdbx_host_org_gene                 ? 
_entity_src_gen.pdbx_host_org_organ                ? 
_entity_src_gen.host_org_species                   ? 
_entity_src_gen.pdbx_host_org_tissue               ? 
_entity_src_gen.pdbx_host_org_tissue_fraction      ? 
_entity_src_gen.pdbx_host_org_strain               'BL21(DE3)' 
_entity_src_gen.pdbx_host_org_variant              ? 
_entity_src_gen.pdbx_host_org_cell_line            ? 
_entity_src_gen.pdbx_host_org_atcc                 ? 
_entity_src_gen.pdbx_host_org_culture_collection   ? 
_entity_src_gen.pdbx_host_org_cell                 ? 
_entity_src_gen.pdbx_host_org_organelle            ? 
_entity_src_gen.pdbx_host_org_cellular_location    ? 
_entity_src_gen.pdbx_host_org_vector_type          Plasmid 
_entity_src_gen.pdbx_host_org_vector               ? 
_entity_src_gen.host_org_details                   ? 
_entity_src_gen.expression_system_id               ? 
_entity_src_gen.plasmid_name                       Pet28b 
_entity_src_gen.plasmid_details                    ? 
_entity_src_gen.pdbx_description                   ? 
# 
loop_
_chem_comp.id 
_chem_comp.type 
_chem_comp.mon_nstd_flag 
_chem_comp.name 
_chem_comp.pdbx_synonyms 
_chem_comp.formula 
_chem_comp.formula_weight 
ALA 'L-peptide linking' y ALANINE         ? 'C3 H7 N O2'     89.093  
ARG 'L-peptide linking' y ARGININE        ? 'C6 H15 N4 O2 1' 175.209 
ASN 'L-peptide linking' y ASPARAGINE      ? 'C4 H8 N2 O3'    132.118 
ASP 'L-peptide linking' y 'ASPARTIC ACID' ? 'C4 H7 N O4'     133.103 
CYS 'L-peptide linking' y CYSTEINE        ? 'C3 H7 N O2 S'   121.158 
GLN 'L-peptide linking' y GLUTAMINE       ? 'C5 H10 N2 O3'   146.144 
GLU 'L-peptide linking' y 'GLUTAMIC ACID' ? 'C5 H9 N O4'     147.129 
GLY 'peptide linking'   y GLYCINE         ? 'C2 H5 N O2'     75.067  
HIS 'L-peptide linking' y HISTIDINE       ? 'C6 H10 N3 O2 1' 156.162 
ILE 'L-peptide linking' y ISOLEUCINE      ? 'C6 H13 N O2'    131.173 
LEU 'L-peptide linking' y LEUCINE         ? 'C6 H13 N O2'    131.173 
LYS 'L-peptide linking' y LYSINE          ? 'C6 H15 N2 O2 1' 147.195 
MET 'L-peptide linking' y METHIONINE      ? 'C5 H11 N O2 S'  149.211 
PHE 'L-peptide linking' y PHENYLALANINE   ? 'C9 H11 N O2'    165.189 
PRO 'L-peptide linking' y PROLINE         ? 'C5 H9 N O2'     115.130 
SER 'L-peptide linking' y SERINE          ? 'C3 H7 N O3'     105.093 
THR 'L-peptide linking' y THREONINE       ? 'C4 H9 N O3'     119.119 
TRP 'L-peptide linking' y TRYPTOPHAN      ? 'C11 H12 N2 O2'  204.225 
TYR 'L-peptide linking' y TYROSINE        ? 'C9 H11 N O3'    181.189 
VAL 'L-peptide linking' y VALINE          ? 'C5 H11 N O2'    117.146 
# 
loop_
_pdbx_poly_seq_scheme.asym_id 
_pdbx_poly_seq_scheme.entity_id 
_pdbx_poly_seq_scheme.seq_id 
_pdbx_poly_seq_scheme.mon_id 
_pdbx_poly_seq_scheme.ndb_seq_num 
_pdbx_poly_seq_scheme.pdb_seq_num 
_pdbx_poly_seq_scheme.auth_seq_num 
_pdbx_poly_seq_scheme.pdb_mon_id 
_pdbx_poly_seq_scheme.auth_mon_id 
_pdbx_poly_seq_scheme.pdb_strand_id 
_pdbx_poly_seq_scheme.pdb_ins_code 
_pdbx_poly_seq_scheme.hetero 
A 1 1   LYS 1   158 ?   ?   ?   A . n 
A 1 2   LYS 2   159 ?   ?   ?   A . n 
A 1 3   GLN 3   160 ?   ?   ?   A . n 
A 1 4   ASP 4   161 ?   ?   ?   A . n 
A 1 5   PRO 5   162 162 PRO PRO A . n 
A 1 6   PRO 6   163 163 PRO PRO A . n 
A 1 7   VAL 7   164 164 VAL VAL A . n 
A 1 8   THR 8   165 165 THR THR A . n 
A 1 9   HIS 9   166 166 HIS HIS A . n 
A 1 10  ASP 10  167 167 ASP ASP A . n 
A 1 11  LEU 11  168 168 LEU LEU A . n 
A 1 12  ARG 12  169 169 ARG ARG A . n 
A 1 13  VAL 13  170 170 VAL VAL A . n 
A 1 14  SER 14  171 171 SER SER A . n 
A 1 15  LEU 15  172 172 LEU LEU A . n 
A 1 16  GLU 16  173 173 GLU GLU A . n 
A 1 17  GLU 17  174 174 GLU GLU A . n 
A 1 18  ILE 18  175 175 ILE ILE A . n 
A 1 19  TYR 19  176 176 TYR TYR A . n 
A 1 20  SER 20  177 177 SER SER A . n 
A 1 21  GLY 21  178 178 GLY GLY A . n 
A 1 22  CYS 22  179 179 CYS CYS A . n 
A 1 23  THR 23  180 180 THR THR A . n 
A 1 24  LYS 24  181 181 LYS LYS A . n 
A 1 25  LYS 25  182 182 LYS LYS A . n 
A 1 26  MET 26  183 183 MET MET A . n 
A 1 27  LYS 27  184 184 LYS LYS A . n 
A 1 28  ILE 28  185 185 ILE ILE A . n 
A 1 29  SER 29  186 186 SER SER A . n 
A 1 30  HIS 30  187 187 HIS HIS A . n 
A 1 31  LYS 31  188 188 LYS LYS A . n 
A 1 32  ARG 32  189 189 ARG ARG A . n 
A 1 33  LEU 33  190 190 LEU LEU A . n 
A 1 34  ASN 34  191 191 ASN ASN A . n 
A 1 35  PRO 35  192 192 PRO PRO A . n 
A 1 36  ASP 36  193 193 ASP ASP A . n 
A 1 37  GLY 37  194 194 GLY GLY A . n 
A 1 38  LYS 38  195 195 LYS LYS A . n 
A 1 39  SER 39  196 196 SER SER A . n 
A 1 40  ILE 40  197 197 ILE ILE A . n 
A 1 41  ARG 41  198 198 ARG ARG A . n 
A 1 42  ASN 42  199 199 ASN ASN A . n 
A 1 43  GLU 43  200 200 GLU GLU A . n 
A 1 44  ASP 44  201 201 ASP ASP A . n 
A 1 45  LYS 45  202 202 LYS LYS A . n 
A 1 46  ILE 46  203 203 ILE ILE A . n 
A 1 47  LEU 47  204 204 LEU LEU A . n 
A 1 48  THR 48  205 205 THR THR A . n 
A 1 49  ILE 49  206 206 ILE ILE A . n 
A 1 50  GLU 50  207 207 GLU GLU A . n 
A 1 51  VAL 51  208 208 VAL VAL A . n 
A 1 52  LYS 52  209 209 LYS LYS A . n 
A 1 53  LYS 53  210 210 LYS LYS A . n 
A 1 54  GLY 54  211 211 GLY GLY A . n 
A 1 55  TRP 55  212 212 TRP TRP A . n 
A 1 56  LYS 56  213 213 LYS LYS A . n 
A 1 57  GLU 57  214 214 GLU GLU A . n 
A 1 58  GLY 58  215 215 GLY GLY A . n 
A 1 59  THR 59  216 216 THR THR A . n 
A 1 60  LYS 60  217 217 LYS LYS A . n 
A 1 61  ILE 61  218 218 ILE ILE A . n 
A 1 62  THR 62  219 219 THR THR A . n 
A 1 63  PHE 63  220 220 PHE PHE A . n 
A 1 64  PRO 64  221 221 PRO PRO A . n 
A 1 65  LYS 65  222 222 LYS LYS A . n 
A 1 66  GLU 66  223 223 GLU GLU A . n 
A 1 67  GLY 67  224 224 GLY GLY A . n 
A 1 68  ASP 68  225 225 ASP ASP A . n 
A 1 69  GLN 69  226 226 GLN GLN A . n 
A 1 70  THR 70  227 227 THR THR A . n 
A 1 71  SER 71  228 ?   ?   ?   A . n 
A 1 72  ASN 72  229 ?   ?   ?   A . n 
A 1 73  ASN 73  230 ?   ?   ?   A . n 
A 1 74  ILE 74  231 231 ILE ILE A . n 
A 1 75  PRO 75  232 232 PRO PRO A . n 
A 1 76  ALA 76  233 233 ALA ALA A . n 
A 1 77  ASP 77  234 234 ASP ASP A . n 
A 1 78  ILE 78  235 235 ILE ILE A . n 
A 1 79  VAL 79  236 236 VAL VAL A . n 
A 1 80  PHE 80  237 237 PHE PHE A . n 
A 1 81  VAL 81  238 238 VAL VAL A . n 
A 1 82  LEU 82  239 239 LEU LEU A . n 
A 1 83  LYS 83  240 240 LYS LYS A . n 
A 1 84  ASP 84  241 241 ASP ASP A . n 
A 1 85  LYS 85  242 242 LYS LYS A . n 
A 1 86  PRO 86  243 243 PRO PRO A . n 
A 1 87  HIS 87  244 244 HIS HIS A . n 
A 1 88  ASN 88  245 245 ASN ASN A . n 
A 1 89  ILE 89  246 246 ILE ILE A . n 
A 1 90  PHE 90  247 247 PHE PHE A . n 
A 1 91  LYS 91  248 248 LYS LYS A . n 
A 1 92  ARG 92  249 249 ARG ARG A . n 
A 1 93  ASP 93  250 250 ASP ASP A . n 
A 1 94  GLY 94  251 251 GLY GLY A . n 
A 1 95  SER 95  252 252 SER SER A . n 
A 1 96  ASP 96  253 253 ASP ASP A . n 
A 1 97  VAL 97  254 254 VAL VAL A . n 
A 1 98  ILE 98  255 255 ILE ILE A . n 
A 1 99  TYR 99  256 256 TYR TYR A . n 
A 1 100 PRO 100 257 257 PRO PRO A . n 
A 1 101 ALA 101 258 258 ALA ALA A . n 
A 1 102 ARG 102 259 259 ARG ARG A . n 
A 1 103 ILE 103 260 260 ILE ILE A . n 
A 1 104 SER 104 261 261 SER SER A . n 
A 1 105 LEU 105 262 262 LEU LEU A . n 
A 1 106 ARG 106 263 263 ARG ARG A . n 
A 1 107 GLU 107 264 264 GLU GLU A . n 
A 1 108 ALA 108 265 265 ALA ALA A . n 
A 1 109 LEU 109 266 266 LEU LEU A . n 
A 1 110 CYS 110 267 267 CYS CYS A . n 
A 1 111 GLY 111 268 268 GLY GLY A . n 
A 1 112 CYS 112 269 269 CYS CYS A . n 
A 1 113 THR 113 270 270 THR THR A . n 
A 1 114 VAL 114 271 271 VAL VAL A . n 
A 1 115 ASN 115 272 272 ASN ASN A . n 
A 1 116 VAL 116 273 273 VAL VAL A . n 
A 1 117 PRO 117 274 274 PRO PRO A . n 
A 1 118 THR 118 275 275 THR THR A . n 
A 1 119 LEU 119 276 276 LEU LEU A . n 
A 1 120 ASP 120 277 277 ASP ASP A . n 
A 1 121 GLY 121 278 278 GLY GLY A . n 
A 1 122 ARG 122 279 279 ARG ARG A . n 
A 1 123 THR 123 280 280 THR THR A . n 
A 1 124 ILE 124 281 281 ILE ILE A . n 
A 1 125 PRO 125 282 282 PRO PRO A . n 
A 1 126 VAL 126 283 283 VAL VAL A . n 
A 1 127 VAL 127 284 284 VAL VAL A . n 
A 1 128 PHE 128 285 285 PHE PHE A . n 
A 1 129 LYS 129 286 286 LYS LYS A . n 
A 1 130 ASP 130 287 287 ASP ASP A . n 
A 1 131 VAL 131 288 288 VAL VAL A . n 
A 1 132 ILE 132 289 289 ILE ILE A . n 
A 1 133 ARG 133 290 290 ARG ARG A . n 
A 1 134 PRO 134 291 291 PRO PRO A . n 
A 1 135 GLY 135 292 292 GLY GLY A . n 
A 1 136 MET 136 293 293 MET MET A . n 
A 1 137 ARG 137 294 294 ARG ARG A . n 
A 1 138 ARG 138 295 295 ARG ARG A . n 
A 1 139 LYS 139 296 296 LYS LYS A . n 
A 1 140 VAL 140 297 297 VAL VAL A . n 
A 1 141 PRO 141 298 298 PRO PRO A . n 
A 1 142 GLY 142 299 299 GLY GLY A . n 
A 1 143 GLU 143 300 300 GLU GLU A . n 
A 1 144 GLY 144 301 301 GLY GLY A . n 
A 1 145 LEU 145 302 302 LEU LEU A . n 
A 1 146 PRO 146 303 303 PRO PRO A . n 
A 1 147 LEU 147 304 304 LEU LEU A . n 
A 1 148 PRO 148 305 305 PRO PRO A . n 
A 1 149 LYS 149 306 306 LYS LYS A . n 
A 1 150 THR 150 307 307 THR THR A . n 
A 1 151 PRO 151 308 308 PRO PRO A . n 
A 1 152 GLU 152 309 309 GLU GLU A . n 
A 1 153 LYS 153 310 310 LYS LYS A . n 
A 1 154 ARG 154 311 311 ARG ARG A . n 
A 1 155 GLY 155 312 312 GLY GLY A . n 
A 1 156 ASP 156 313 313 ASP ASP A . n 
A 1 157 LEU 157 314 314 LEU LEU A . n 
A 1 158 ILE 158 315 315 ILE ILE A . n 
A 1 159 ILE 159 316 316 ILE ILE A . n 
A 1 160 GLU 160 317 317 GLU GLU A . n 
A 1 161 PHE 161 318 318 PHE PHE A . n 
A 1 162 GLU 162 319 319 GLU GLU A . n 
A 1 163 VAL 163 320 320 VAL VAL A . n 
A 1 164 ILE 164 321 321 ILE ILE A . n 
A 1 165 PHE 165 322 322 PHE PHE A . n 
A 1 166 PRO 166 323 323 PRO PRO A . n 
A 1 167 GLU 167 324 324 GLU GLU A . n 
A 1 168 ARG 168 325 325 ARG ARG A . n 
A 1 169 ILE 169 326 326 ILE ILE A . n 
A 1 170 PRO 170 327 327 PRO PRO A . n 
A 1 171 GLN 171 328 328 GLN GLN A . n 
A 1 172 THR 172 329 329 THR THR A . n 
A 1 173 SER 173 330 330 SER SER A . n 
A 1 174 ARG 174 331 331 ARG ARG A . n 
A 1 175 THR 175 332 332 THR THR A . n 
A 1 176 VAL 176 333 333 VAL VAL A . n 
A 1 177 LEU 177 334 334 LEU LEU A . n 
A 1 178 GLU 178 335 335 GLU GLU A . n 
A 1 179 GLN 179 336 ?   ?   ?   A . n 
A 1 180 VAL 180 337 ?   ?   ?   A . n 
A 1 181 LEU 181 338 ?   ?   ?   A . n 
A 1 182 PRO 182 339 ?   ?   ?   A . n 
A 1 183 ILE 183 340 ?   ?   ?   A . n 
# 
loop_
_software.name 
_software.classification 
_software.version 
_software.citation_id 
_software.pdbx_ordinal 
HKL-2000  'data collection' .   ? 1 
EPMR      phasing           .   ? 2 
CNS       refinement        1.0 ? 3 
HKL-2000  'data reduction'  .   ? 4 
SCALEPACK 'data scaling'    .   ? 5 
# 
_cell.entry_id           2QLD 
_cell.length_a           97.010 
_cell.length_b           191.130 
_cell.length_c           40.960 
_cell.angle_alpha        90.00 
_cell.angle_beta         90.00 
_cell.angle_gamma        90.00 
_cell.Z_PDB              8 
_cell.pdbx_unique_axis   ? 
_cell.length_a_esd       ? 
_cell.length_b_esd       ? 
_cell.length_c_esd       ? 
_cell.angle_alpha_esd    ? 
_cell.angle_beta_esd     ? 
_cell.angle_gamma_esd    ? 
# 
_symmetry.entry_id                         2QLD 
_symmetry.space_group_name_H-M             'C 2 2 21' 
_symmetry.pdbx_full_space_group_name_H-M   ? 
_symmetry.cell_setting                     ? 
_symmetry.Int_Tables_number                20 
_symmetry.space_group_name_Hall            ? 
# 
_exptl.entry_id          2QLD 
_exptl.method            'X-RAY DIFFRACTION' 
_exptl.crystals_number   1 
# 
_exptl_crystal.id                    1 
_exptl_crystal.density_meas          ? 
_exptl_crystal.density_Matthews      4.57 
_exptl_crystal.density_percent_sol   73.11 
_exptl_crystal.description           ? 
_exptl_crystal.F_000                 ? 
_exptl_crystal.preparation           ? 
# 
_exptl_crystal_grow.crystal_id      1 
_exptl_crystal_grow.method          'VAPOR DIFFUSION, HANGING DROP' 
_exptl_crystal_grow.temp            295 
_exptl_crystal_grow.temp_details    ? 
_exptl_crystal_grow.pH              5.5 
_exptl_crystal_grow.pdbx_details    '100mM Citric buffer, PEG400 25%, pH 5.5, VAPOR DIFFUSION, HANGING DROP, temperature 295K' 
_exptl_crystal_grow.pdbx_pH_range   . 
# 
_diffrn.id                     1 
_diffrn.ambient_temp           100 
_diffrn.ambient_temp_details   ? 
_diffrn.crystal_id             1 
# 
_diffrn_detector.diffrn_id              1 
_diffrn_detector.detector               CCD 
_diffrn_detector.type                   'MAR CCD 165 mm' 
_diffrn_detector.pdbx_collection_date   2005-07-20 
_diffrn_detector.details                ? 
# 
_diffrn_radiation.diffrn_id                        1 
_diffrn_radiation.wavelength_id                    1 
_diffrn_radiation.pdbx_monochromatic_or_laue_m_l   M 
_diffrn_radiation.monochromator                    Graphite 
_diffrn_radiation.pdbx_diffrn_protocol             'SINGLE WAVELENGTH' 
_diffrn_radiation.pdbx_scattering_type             x-ray 
# 
_diffrn_radiation_wavelength.id           1 
_diffrn_radiation_wavelength.wavelength   1.0 
_diffrn_radiation_wavelength.wt           1.0 
# 
_diffrn_source.diffrn_id                   1 
_diffrn_source.source                      SYNCHROTRON 
_diffrn_source.type                        'APS BEAMLINE 22-ID' 
_diffrn_source.pdbx_synchrotron_site       APS 
_diffrn_source.pdbx_synchrotron_beamline   22-ID 
_diffrn_source.pdbx_wavelength             ? 
_diffrn_source.pdbx_wavelength_list        1.0 
# 
_reflns.entry_id                     2QLD 
_reflns.observed_criterion_sigma_F   0 
_reflns.observed_criterion_sigma_I   0 
_reflns.d_resolution_high            2.7 
_reflns.d_resolution_low             30 
_reflns.number_all                   11070 
_reflns.number_obs                   9943 
_reflns.percent_possible_obs         89.8 
_reflns.pdbx_Rmerge_I_obs            0.065 
_reflns.pdbx_Rsym_value              0.065 
_reflns.pdbx_netI_over_sigmaI        18.1 
_reflns.B_iso_Wilson_estimate        55.0 
_reflns.pdbx_redundancy              5.7 
_reflns.R_free_details               ? 
_reflns.limit_h_max                  ? 
_reflns.limit_h_min                  ? 
_reflns.limit_k_max                  ? 
_reflns.limit_k_min                  ? 
_reflns.limit_l_max                  ? 
_reflns.limit_l_min                  ? 
_reflns.observed_criterion_F_max     ? 
_reflns.observed_criterion_F_min     ? 
_reflns.pdbx_chi_squared             ? 
_reflns.pdbx_scaling_rejects         ? 
_reflns.pdbx_diffrn_id               1 
_reflns.pdbx_ordinal                 1 
# 
_reflns_shell.d_res_high             2.70 
_reflns_shell.d_res_low              2.82 
_reflns_shell.percent_possible_all   65.9 
_reflns_shell.Rmerge_I_obs           0.382 
_reflns_shell.pdbx_Rsym_value        0.382 
_reflns_shell.meanI_over_sigI_obs    2.1 
_reflns_shell.pdbx_redundancy        1.5 
_reflns_shell.percent_possible_obs   ? 
_reflns_shell.number_unique_all      882 
_reflns_shell.number_measured_all    ? 
_reflns_shell.number_measured_obs    ? 
_reflns_shell.number_unique_obs      ? 
_reflns_shell.pdbx_chi_squared       ? 
_reflns_shell.pdbx_diffrn_id         ? 
_reflns_shell.pdbx_ordinal           1 
# 
_refine.entry_id                                 2QLD 
_refine.ls_d_res_high                            2.7 
_refine.ls_d_res_low                             30 
_refine.pdbx_ls_sigma_F                          0 
_refine.pdbx_ls_sigma_I                          0 
_refine.ls_number_reflns_all                     11070 
_refine.ls_number_reflns_obs                     9943 
_refine.ls_number_reflns_R_free                  681 
_refine.ls_percent_reflns_obs                    89.8 
_refine.ls_R_factor_all                          0.283 
_refine.ls_R_factor_obs                          0.283 
_refine.ls_R_factor_R_work                       0.283 
_refine.ls_R_factor_R_free                       0.336 
_refine.ls_redundancy_reflns_obs                 ? 
_refine.pdbx_data_cutoff_high_absF               ? 
_refine.pdbx_data_cutoff_low_absF                ? 
_refine.ls_number_parameters                     ? 
_refine.ls_number_restraints                     ? 
_refine.ls_percent_reflns_R_free                 ? 
_refine.ls_R_factor_R_free_error                 ? 
_refine.ls_R_factor_R_free_error_details         ? 
_refine.pdbx_method_to_determine_struct          'MOLECULAR REPLACEMENT' 
_refine.pdbx_starting_model                      'Yeast Hsp40 Sis1' 
_refine.pdbx_ls_cross_valid_method               THROUGHOUT 
_refine.pdbx_R_Free_selection_details            random 
_refine.pdbx_stereochem_target_val_spec_case     ? 
_refine.pdbx_stereochemistry_target_values       'Engh & Huber' 
_refine.solvent_model_details                    ? 
_refine.solvent_model_param_bsol                 ? 
_refine.solvent_model_param_ksol                 ? 
_refine.occupancy_max                            ? 
_refine.occupancy_min                            ? 
_refine.pdbx_isotropic_thermal_model             Isotropic 
_refine.B_iso_mean                               63.0 
_refine.aniso_B[1][1]                            ? 
_refine.aniso_B[1][2]                            ? 
_refine.aniso_B[1][3]                            ? 
_refine.aniso_B[2][2]                            ? 
_refine.aniso_B[2][3]                            ? 
_refine.aniso_B[3][3]                            ? 
_refine.details                                  ? 
_refine.B_iso_min                                ? 
_refine.B_iso_max                                ? 
_refine.correlation_coeff_Fo_to_Fc               ? 
_refine.correlation_coeff_Fo_to_Fc_free          ? 
_refine.pdbx_solvent_vdw_probe_radii             ? 
_refine.pdbx_solvent_ion_probe_radii             ? 
_refine.pdbx_solvent_shrinkage_radii             ? 
_refine.overall_SU_R_Cruickshank_DPI             ? 
_refine.overall_SU_R_free                        ? 
_refine.overall_SU_ML                            ? 
_refine.overall_SU_B                             ? 
_refine.pdbx_overall_ESU_R_Free                  ? 
_refine.pdbx_data_cutoff_high_rms_absF           ? 
_refine.pdbx_overall_ESU_R                       ? 
_refine.ls_wR_factor_R_free                      ? 
_refine.ls_wR_factor_R_work                      ? 
_refine.overall_FOM_free_R_set                   ? 
_refine.overall_FOM_work_R_set                   ? 
_refine.pdbx_overall_phase_error                 ? 
_refine.pdbx_refine_id                           'X-RAY DIFFRACTION' 
_refine.pdbx_diffrn_id                           1 
_refine.pdbx_TLS_residual_ADP_flag               ? 
_refine.pdbx_overall_SU_R_free_Cruickshank_DPI   ? 
_refine.pdbx_overall_SU_R_Blow_DPI               ? 
_refine.pdbx_overall_SU_R_free_Blow_DPI          ? 
# 
_refine_analyze.entry_id                        2QLD 
_refine_analyze.Luzzati_coordinate_error_obs    0.52 
_refine_analyze.Luzzati_sigma_a_obs             0.52 
_refine_analyze.Luzzati_d_res_low_obs           5.0 
_refine_analyze.Luzzati_coordinate_error_free   0.56 
_refine_analyze.Luzzati_sigma_a_free            0.41 
_refine_analyze.Luzzati_d_res_low_free          ? 
_refine_analyze.number_disordered_residues      ? 
_refine_analyze.occupancy_sum_non_hydrogen      ? 
_refine_analyze.occupancy_sum_hydrogen          ? 
_refine_analyze.pdbx_Luzzati_d_res_high_obs     ? 
_refine_analyze.pdbx_refine_id                  'X-RAY DIFFRACTION' 
# 
_refine_hist.pdbx_refine_id                   'X-RAY DIFFRACTION' 
_refine_hist.cycle_id                         LAST 
_refine_hist.pdbx_number_atoms_protein        1359 
_refine_hist.pdbx_number_atoms_nucleic_acid   0 
_refine_hist.pdbx_number_atoms_ligand         0 
_refine_hist.number_atoms_solvent             0 
_refine_hist.number_atoms_total               1359 
_refine_hist.d_res_high                       2.7 
_refine_hist.d_res_low                        30 
# 
loop_
_refine_ls_restr.type 
_refine_ls_restr.dev_ideal 
_refine_ls_restr.dev_ideal_target 
_refine_ls_restr.weight 
_refine_ls_restr.number 
_refine_ls_restr.pdbx_refine_id 
_refine_ls_restr.pdbx_restraint_function 
c_angle_deg        1.5  ? ? ? 'X-RAY DIFFRACTION' ? 
c_bond_d           0.01 ? ? ? 'X-RAY DIFFRACTION' ? 
c_improper_angle_d 1.09 ? ? ? 'X-RAY DIFFRACTION' ? 
c_dihedral_angle_d 25.8 ? ? ? 'X-RAY DIFFRACTION' ? 
# 
loop_
_refine_ls_shell.pdbx_total_number_of_bins_used 
_refine_ls_shell.d_res_high 
_refine_ls_shell.d_res_low 
_refine_ls_shell.number_reflns_R_work 
_refine_ls_shell.R_factor_R_work 
_refine_ls_shell.percent_reflns_obs 
_refine_ls_shell.R_factor_R_free 
_refine_ls_shell.R_factor_R_free_error 
_refine_ls_shell.percent_reflns_R_free 
_refine_ls_shell.number_reflns_R_free 
_refine_ls_shell.number_reflns_all 
_refine_ls_shell.R_factor_all 
_refine_ls_shell.number_reflns_obs 
_refine_ls_shell.redundancy_reflns_obs 
_refine_ls_shell.pdbx_refine_id 
5 2.7  2.91 . 0.388  . 0.423  . . 46  . . 721  . 'X-RAY DIFFRACTION' 
5 2.91 3.20 . 0.331  . 0.3681 . . 135 . . 1695 . 'X-RAY DIFFRACTION' 
5 3.20 3.66 . 0.3209 . 0.3772 . . 143 . . 1992 . 'X-RAY DIFFRACTION' 
5 3.66 4.61 . 0.2719 . 0.3411 . . 178 . . 2013 . 'X-RAY DIFFRACTION' 
5 4.61 30   . 0.2518 . 0.2934 . . 179 . . 2114 . 'X-RAY DIFFRACTION' 
# 
_struct.entry_id                  2QLD 
_struct.title                     'human Hsp40 Hdj1' 
_struct.pdbx_model_details        ? 
_struct.pdbx_CASP_flag            Y 
_struct.pdbx_model_type_details   ? 
# 
_struct_keywords.entry_id        2QLD 
_struct_keywords.pdbx_keywords   CHAPERONE 
_struct_keywords.text            'primarily beta sheets, CHAPERONE' 
# 
_struct_asym.id                            A 
_struct_asym.pdbx_blank_PDB_chainid_flag   N 
_struct_asym.pdbx_modified                 N 
_struct_asym.entity_id                     1 
_struct_asym.details                       ? 
# 
_struct_ref.id                         1 
_struct_ref.db_name                    UNP 
_struct_ref.db_code                    DNJB1_HUMAN 
_struct_ref.pdbx_db_accession          P25685 
_struct_ref.entity_id                  1 
_struct_ref.pdbx_seq_one_letter_code   
;KKQDPPVTHDLRVSLEEIYSGCTKKMKISHKRLNPDGKSIRNEDKILTIEVKKGWKEGTKITFPKEGDQTSNNIPADIVF
VLKDKPHNIFKRDGSDVIYPARISLREALCGCTVNVPTLDGRTIPVVFKDVIRPGMRRKVPGEGLPLPKTPEKRGDLIIE
FEVIFPERIPQTSRTVLEQVLPI
;
_struct_ref.pdbx_align_begin           158 
_struct_ref.pdbx_db_isoform            ? 
# 
_struct_ref_seq.align_id                      1 
_struct_ref_seq.ref_id                        1 
_struct_ref_seq.pdbx_PDB_id_code              2QLD 
_struct_ref_seq.pdbx_strand_id                A 
_struct_ref_seq.seq_align_beg                 1 
_struct_ref_seq.pdbx_seq_align_beg_ins_code   ? 
_struct_ref_seq.seq_align_end                 183 
_struct_ref_seq.pdbx_seq_align_end_ins_code   ? 
_struct_ref_seq.pdbx_db_accession             P25685 
_struct_ref_seq.db_align_beg                  158 
_struct_ref_seq.pdbx_db_align_beg_ins_code    ? 
_struct_ref_seq.db_align_end                  340 
_struct_ref_seq.pdbx_db_align_end_ins_code    ? 
_struct_ref_seq.pdbx_auth_seq_align_beg       158 
_struct_ref_seq.pdbx_auth_seq_align_end       340 
# 
_pdbx_struct_assembly.id                   1 
_pdbx_struct_assembly.details              author_and_software_defined_assembly 
_pdbx_struct_assembly.method_details       PISA 
_pdbx_struct_assembly.oligomeric_details   dimeric 
_pdbx_struct_assembly.oligomeric_count     2 
# 
loop_
_pdbx_struct_assembly_prop.biol_id 
_pdbx_struct_assembly_prop.type 
_pdbx_struct_assembly_prop.value 
_pdbx_struct_assembly_prop.details 
1 'ABSA (A^2)' 1690  ? 
1 MORE         -19   ? 
1 'SSA (A^2)'  20880 ? 
# 
_pdbx_struct_assembly_gen.assembly_id       1 
_pdbx_struct_assembly_gen.oper_expression   1,2 
_pdbx_struct_assembly_gen.asym_id_list      A 
# 
loop_
_pdbx_struct_oper_list.id 
_pdbx_struct_oper_list.type 
_pdbx_struct_oper_list.name 
_pdbx_struct_oper_list.symmetry_operation 
_pdbx_struct_oper_list.matrix[1][1] 
_pdbx_struct_oper_list.matrix[1][2] 
_pdbx_struct_oper_list.matrix[1][3] 
_pdbx_struct_oper_list.vector[1] 
_pdbx_struct_oper_list.matrix[2][1] 
_pdbx_struct_oper_list.matrix[2][2] 
_pdbx_struct_oper_list.matrix[2][3] 
_pdbx_struct_oper_list.vector[2] 
_pdbx_struct_oper_list.matrix[3][1] 
_pdbx_struct_oper_list.matrix[3][2] 
_pdbx_struct_oper_list.matrix[3][3] 
_pdbx_struct_oper_list.vector[3] 
1 'identity operation'         1_555 x,y,z         1.0000000000  0.0000000000  0.0000000000  0.0000000000 0.0000000000  1.0000000000 0.0000000000 0.0000000000  0.0000000000  0.0000000000 1.0000000000  0.0000000000   
2 'crystal symmetry operation' 3_655 -x+1,y,-z+1/2 -0.7321039300 -0.6315193705 -0.2553568493 5.4044694983 -0.6315193705 0.4886993871 0.6019602925 15.4191178469 -0.2553568493 0.6019602925 -0.7565954571 -32.4629454063 
# 
_struct_biol.id        1 
_struct_biol.details   
;The second part of the biological assemly is generated by the two fold axis: 
1-x,y,1/2-z
;
# 
loop_
_struct_conf.conf_type_id 
_struct_conf.id 
_struct_conf.pdbx_PDB_helix_id 
_struct_conf.beg_label_comp_id 
_struct_conf.beg_label_asym_id 
_struct_conf.beg_label_seq_id 
_struct_conf.pdbx_beg_PDB_ins_code 
_struct_conf.end_label_comp_id 
_struct_conf.end_label_asym_id 
_struct_conf.end_label_seq_id 
_struct_conf.pdbx_end_PDB_ins_code 
_struct_conf.beg_auth_comp_id 
_struct_conf.beg_auth_asym_id 
_struct_conf.beg_auth_seq_id 
_struct_conf.end_auth_comp_id 
_struct_conf.end_auth_asym_id 
_struct_conf.end_auth_seq_id 
_struct_conf.pdbx_PDB_helix_class 
_struct_conf.details 
_struct_conf.pdbx_PDB_helix_length 
HELX_P HELX_P1 1 SER A 14  ? GLY A 21  ? SER A 171 GLY A 178 1 ? 8 
HELX_P HELX_P2 2 LEU A 105 ? GLY A 111 ? LEU A 262 GLY A 268 1 ? 7 
HELX_P HELX_P3 3 PRO A 170 ? LEU A 177 ? PRO A 327 LEU A 334 1 ? 8 
# 
_struct_conf_type.id          HELX_P 
_struct_conf_type.criteria    ? 
_struct_conf_type.reference   ? 
# 
loop_
_struct_sheet.id 
_struct_sheet.type 
_struct_sheet.number_strands 
_struct_sheet.details 
A ? 3 ? 
B ? 2 ? 
C ? 4 ? 
D ? 2 ? 
# 
loop_
_struct_sheet_order.sheet_id 
_struct_sheet_order.range_id_1 
_struct_sheet_order.range_id_2 
_struct_sheet_order.offset 
_struct_sheet_order.sense 
A 1 2 ? parallel      
A 2 3 ? anti-parallel 
B 1 2 ? anti-parallel 
C 1 2 ? anti-parallel 
C 2 3 ? parallel      
C 3 4 ? anti-parallel 
D 1 2 ? anti-parallel 
# 
loop_
_struct_sheet_range.sheet_id 
_struct_sheet_range.id 
_struct_sheet_range.beg_label_comp_id 
_struct_sheet_range.beg_label_asym_id 
_struct_sheet_range.beg_label_seq_id 
_struct_sheet_range.pdbx_beg_PDB_ins_code 
_struct_sheet_range.end_label_comp_id 
_struct_sheet_range.end_label_asym_id 
_struct_sheet_range.end_label_seq_id 
_struct_sheet_range.pdbx_end_PDB_ins_code 
_struct_sheet_range.beg_auth_comp_id 
_struct_sheet_range.beg_auth_asym_id 
_struct_sheet_range.beg_auth_seq_id 
_struct_sheet_range.end_auth_comp_id 
_struct_sheet_range.end_auth_asym_id 
_struct_sheet_range.end_auth_seq_id 
A 1 VAL A 7   ? VAL A 13  ? VAL A 164 VAL A 170 
A 2 ILE A 78  ? ASP A 84  ? ILE A 235 ASP A 241 
A 3 LYS A 60  ? PHE A 63  ? LYS A 217 PHE A 220 
B 1 CYS A 22  ? SER A 29  ? CYS A 179 SER A 186 
B 2 ASP A 44  ? VAL A 51  ? ASP A 201 VAL A 208 
C 1 LYS A 91  ? ASP A 93  ? LYS A 248 ASP A 250 
C 2 ASP A 96  ? SER A 104 ? ASP A 253 SER A 261 
C 3 LEU A 157 ? ILE A 164 ? LEU A 314 ILE A 321 
C 4 ARG A 137 ? VAL A 140 ? ARG A 294 VAL A 297 
D 1 CYS A 112 ? PRO A 117 ? CYS A 269 PRO A 274 
D 2 THR A 123 ? PHE A 128 ? THR A 280 PHE A 285 
# 
loop_
_pdbx_struct_sheet_hbond.sheet_id 
_pdbx_struct_sheet_hbond.range_id_1 
_pdbx_struct_sheet_hbond.range_id_2 
_pdbx_struct_sheet_hbond.range_1_label_atom_id 
_pdbx_struct_sheet_hbond.range_1_label_comp_id 
_pdbx_struct_sheet_hbond.range_1_label_asym_id 
_pdbx_struct_sheet_hbond.range_1_label_seq_id 
_pdbx_struct_sheet_hbond.range_1_PDB_ins_code 
_pdbx_struct_sheet_hbond.range_1_auth_atom_id 
_pdbx_struct_sheet_hbond.range_1_auth_comp_id 
_pdbx_struct_sheet_hbond.range_1_auth_asym_id 
_pdbx_struct_sheet_hbond.range_1_auth_seq_id 
_pdbx_struct_sheet_hbond.range_2_label_atom_id 
_pdbx_struct_sheet_hbond.range_2_label_comp_id 
_pdbx_struct_sheet_hbond.range_2_label_asym_id 
_pdbx_struct_sheet_hbond.range_2_label_seq_id 
_pdbx_struct_sheet_hbond.range_2_PDB_ins_code 
_pdbx_struct_sheet_hbond.range_2_auth_atom_id 
_pdbx_struct_sheet_hbond.range_2_auth_comp_id 
_pdbx_struct_sheet_hbond.range_2_auth_asym_id 
_pdbx_struct_sheet_hbond.range_2_auth_seq_id 
A 1 2 N VAL A 7   ? N VAL A 164 O VAL A 79  ? O VAL A 236 
A 2 3 O PHE A 80  ? O PHE A 237 N ILE A 61  ? N ILE A 218 
B 1 2 N MET A 26  ? N MET A 183 O LEU A 47  ? O LEU A 204 
C 1 2 N LYS A 91  ? N LYS A 248 O ILE A 98  ? O ILE A 255 
C 2 3 N TYR A 99  ? N TYR A 256 O ILE A 158 ? O ILE A 315 
C 3 4 O LEU A 157 ? O LEU A 314 N VAL A 140 ? N VAL A 297 
D 1 2 N VAL A 116 ? N VAL A 273 O ILE A 124 ? O ILE A 281 
# 
loop_
_pdbx_validate_torsion.id 
_pdbx_validate_torsion.PDB_model_num 
_pdbx_validate_torsion.auth_comp_id 
_pdbx_validate_torsion.auth_asym_id 
_pdbx_validate_torsion.auth_seq_id 
_pdbx_validate_torsion.PDB_ins_code 
_pdbx_validate_torsion.label_alt_id 
_pdbx_validate_torsion.phi 
_pdbx_validate_torsion.psi 
1  1 LEU A 190 ? ? -47.19  -19.63  
2  1 ASN A 191 ? ? 49.90   164.54  
3  1 PRO A 192 ? ? -56.45  54.73   
4  1 ASP A 193 ? ? -147.06 -52.89  
5  1 LYS A 195 ? ? -128.97 -67.13  
6  1 GLU A 200 ? ? -5.74   136.00  
7  1 LYS A 202 ? ? -172.24 129.00  
8  1 LYS A 222 ? ? 25.23   34.39   
9  1 ASP A 225 ? ? -103.09 -107.83 
10 1 GLN A 226 ? ? -166.65 78.13   
11 1 PRO A 232 ? ? -39.01  137.67  
12 1 ASN A 245 ? ? -90.66  36.05   
13 1 ILE A 246 ? ? -157.51 -35.40  
14 1 ASP A 250 ? ? -150.14 70.53   
15 1 MET A 293 ? ? -45.94  153.59  
16 1 PRO A 308 ? ? -46.60  -18.52  
17 1 PRO A 327 ? ? -46.72  150.51  
18 1 LEU A 334 ? ? -47.93  18.85   
# 
loop_
_pdbx_unobs_or_zero_occ_residues.id 
_pdbx_unobs_or_zero_occ_residues.PDB_model_num 
_pdbx_unobs_or_zero_occ_residues.polymer_flag 
_pdbx_unobs_or_zero_occ_residues.occupancy_flag 
_pdbx_unobs_or_zero_occ_residues.auth_asym_id 
_pdbx_unobs_or_zero_occ_residues.auth_comp_id 
_pdbx_unobs_or_zero_occ_residues.auth_seq_id 
_pdbx_unobs_or_zero_occ_residues.PDB_ins_code 
_pdbx_unobs_or_zero_occ_residues.label_asym_id 
_pdbx_unobs_or_zero_occ_residues.label_comp_id 
_pdbx_unobs_or_zero_occ_residues.label_seq_id 
1  1 Y 1 A LYS 158 ? A LYS 1   
2  1 Y 1 A LYS 159 ? A LYS 2   
3  1 Y 1 A GLN 160 ? A GLN 3   
4  1 Y 1 A ASP 161 ? A ASP 4   
5  1 Y 1 A SER 228 ? A SER 71  
6  1 Y 1 A ASN 229 ? A ASN 72  
7  1 Y 1 A ASN 230 ? A ASN 73  
8  1 Y 1 A GLN 336 ? A GLN 179 
9  1 Y 1 A VAL 337 ? A VAL 180 
10 1 Y 1 A LEU 338 ? A LEU 181 
11 1 Y 1 A PRO 339 ? A PRO 182 
12 1 Y 1 A ILE 340 ? A ILE 183 
# 
loop_
_chem_comp_atom.comp_id 
_chem_comp_atom.atom_id 
_chem_comp_atom.type_symbol 
_chem_comp_atom.pdbx_aromatic_flag 
_chem_comp_atom.pdbx_stereo_config 
_chem_comp_atom.pdbx_ordinal 
ALA N    N N N 1   
ALA CA   C N S 2   
ALA C    C N N 3   
ALA O    O N N 4   
ALA CB   C N N 5   
ALA OXT  O N N 6   
ALA H    H N N 7   
ALA H2   H N N 8   
ALA HA   H N N 9   
ALA HB1  H N N 10  
ALA HB2  H N N 11  
ALA HB3  H N N 12  
ALA HXT  H N N 13  
ARG N    N N N 14  
ARG CA   C N S 15  
ARG C    C N N 16  
ARG O    O N N 17  
ARG CB   C N N 18  
ARG CG   C N N 19  
ARG CD   C N N 20  
ARG NE   N N N 21  
ARG CZ   C N N 22  
ARG NH1  N N N 23  
ARG NH2  N N N 24  
ARG OXT  O N N 25  
ARG H    H N N 26  
ARG H2   H N N 27  
ARG HA   H N N 28  
ARG HB2  H N N 29  
ARG HB3  H N N 30  
ARG HG2  H N N 31  
ARG HG3  H N N 32  
ARG HD2  H N N 33  
ARG HD3  H N N 34  
ARG HE   H N N 35  
ARG HH11 H N N 36  
ARG HH12 H N N 37  
ARG HH21 H N N 38  
ARG HH22 H N N 39  
ARG HXT  H N N 40  
ASN N    N N N 41  
ASN CA   C N S 42  
ASN C    C N N 43  
ASN O    O N N 44  
ASN CB   C N N 45  
ASN CG   C N N 46  
ASN OD1  O N N 47  
ASN ND2  N N N 48  
ASN OXT  O N N 49  
ASN H    H N N 50  
ASN H2   H N N 51  
ASN HA   H N N 52  
ASN HB2  H N N 53  
ASN HB3  H N N 54  
ASN HD21 H N N 55  
ASN HD22 H N N 56  
ASN HXT  H N N 57  
ASP N    N N N 58  
ASP CA   C N S 59  
ASP C    C N N 60  
ASP O    O N N 61  
ASP CB   C N N 62  
ASP CG   C N N 63  
ASP OD1  O N N 64  
ASP OD2  O N N 65  
ASP OXT  O N N 66  
ASP H    H N N 67  
ASP H2   H N N 68  
ASP HA   H N N 69  
ASP HB2  H N N 70  
ASP HB3  H N N 71  
ASP HD2  H N N 72  
ASP HXT  H N N 73  
CYS N    N N N 74  
CYS CA   C N R 75  
CYS C    C N N 76  
CYS O    O N N 77  
CYS CB   C N N 78  
CYS SG   S N N 79  
CYS OXT  O N N 80  
CYS H    H N N 81  
CYS H2   H N N 82  
CYS HA   H N N 83  
CYS HB2  H N N 84  
CYS HB3  H N N 85  
CYS HG   H N N 86  
CYS HXT  H N N 87  
GLN N    N N N 88  
GLN CA   C N S 89  
GLN C    C N N 90  
GLN O    O N N 91  
GLN CB   C N N 92  
GLN CG   C N N 93  
GLN CD   C N N 94  
GLN OE1  O N N 95  
GLN NE2  N N N 96  
GLN OXT  O N N 97  
GLN H    H N N 98  
GLN H2   H N N 99  
GLN HA   H N N 100 
GLN HB2  H N N 101 
GLN HB3  H N N 102 
GLN HG2  H N N 103 
GLN HG3  H N N 104 
GLN HE21 H N N 105 
GLN HE22 H N N 106 
GLN HXT  H N N 107 
GLU N    N N N 108 
GLU CA   C N S 109 
GLU C    C N N 110 
GLU O    O N N 111 
GLU CB   C N N 112 
GLU CG   C N N 113 
GLU CD   C N N 114 
GLU OE1  O N N 115 
GLU OE2  O N N 116 
GLU OXT  O N N 117 
GLU H    H N N 118 
GLU H2   H N N 119 
GLU HA   H N N 120 
GLU HB2  H N N 121 
GLU HB3  H N N 122 
GLU HG2  H N N 123 
GLU HG3  H N N 124 
GLU HE2  H N N 125 
GLU HXT  H N N 126 
GLY N    N N N 127 
GLY CA   C N N 128 
GLY C    C N N 129 
GLY O    O N N 130 
GLY OXT  O N N 131 
GLY H    H N N 132 
GLY H2   H N N 133 
GLY HA2  H N N 134 
GLY HA3  H N N 135 
GLY HXT  H N N 136 
HIS N    N N N 137 
HIS CA   C N S 138 
HIS C    C N N 139 
HIS O    O N N 140 
HIS CB   C N N 141 
HIS CG   C Y N 142 
HIS ND1  N Y N 143 
HIS CD2  C Y N 144 
HIS CE1  C Y N 145 
HIS NE2  N Y N 146 
HIS OXT  O N N 147 
HIS H    H N N 148 
HIS H2   H N N 149 
HIS HA   H N N 150 
HIS HB2  H N N 151 
HIS HB3  H N N 152 
HIS HD1  H N N 153 
HIS HD2  H N N 154 
HIS HE1  H N N 155 
HIS HE2  H N N 156 
HIS HXT  H N N 157 
ILE N    N N N 158 
ILE CA   C N S 159 
ILE C    C N N 160 
ILE O    O N N 161 
ILE CB   C N S 162 
ILE CG1  C N N 163 
ILE CG2  C N N 164 
ILE CD1  C N N 165 
ILE OXT  O N N 166 
ILE H    H N N 167 
ILE H2   H N N 168 
ILE HA   H N N 169 
ILE HB   H N N 170 
ILE HG12 H N N 171 
ILE HG13 H N N 172 
ILE HG21 H N N 173 
ILE HG22 H N N 174 
ILE HG23 H N N 175 
ILE HD11 H N N 176 
ILE HD12 H N N 177 
ILE HD13 H N N 178 
ILE HXT  H N N 179 
LEU N    N N N 180 
LEU CA   C N S 181 
LEU C    C N N 182 
LEU O    O N N 183 
LEU CB   C N N 184 
LEU CG   C N N 185 
LEU CD1  C N N 186 
LEU CD2  C N N 187 
LEU OXT  O N N 188 
LEU H    H N N 189 
LEU H2   H N N 190 
LEU HA   H N N 191 
LEU HB2  H N N 192 
LEU HB3  H N N 193 
LEU HG   H N N 194 
LEU HD11 H N N 195 
LEU HD12 H N N 196 
LEU HD13 H N N 197 
LEU HD21 H N N 198 
LEU HD22 H N N 199 
LEU HD23 H N N 200 
LEU HXT  H N N 201 
LYS N    N N N 202 
LYS CA   C N S 203 
LYS C    C N N 204 
LYS O    O N N 205 
LYS CB   C N N 206 
LYS CG   C N N 207 
LYS CD   C N N 208 
LYS CE   C N N 209 
LYS NZ   N N N 210 
LYS OXT  O N N 211 
LYS H    H N N 212 
LYS H2   H N N 213 
LYS HA   H N N 214 
LYS HB2  H N N 215 
LYS HB3  H N N 216 
LYS HG2  H N N 217 
LYS HG3  H N N 218 
LYS HD2  H N N 219 
LYS HD3  H N N 220 
LYS HE2  H N N 221 
LYS HE3  H N N 222 
LYS HZ1  H N N 223 
LYS HZ2  H N N 224 
LYS HZ3  H N N 225 
LYS HXT  H N N 226 
MET N    N N N 227 
MET CA   C N S 228 
MET C    C N N 229 
MET O    O N N 230 
MET CB   C N N 231 
MET CG   C N N 232 
MET SD   S N N 233 
MET CE   C N N 234 
MET OXT  O N N 235 
MET H    H N N 236 
MET H2   H N N 237 
MET HA   H N N 238 
MET HB2  H N N 239 
MET HB3  H N N 240 
MET HG2  H N N 241 
MET HG3  H N N 242 
MET HE1  H N N 243 
MET HE2  H N N 244 
MET HE3  H N N 245 
MET HXT  H N N 246 
PHE N    N N N 247 
PHE CA   C N S 248 
PHE C    C N N 249 
PHE O    O N N 250 
PHE CB   C N N 251 
PHE CG   C Y N 252 
PHE CD1  C Y N 253 
PHE CD2  C Y N 254 
PHE CE1  C Y N 255 
PHE CE2  C Y N 256 
PHE CZ   C Y N 257 
PHE OXT  O N N 258 
PHE H    H N N 259 
PHE H2   H N N 260 
PHE HA   H N N 261 
PHE HB2  H N N 262 
PHE HB3  H N N 263 
PHE HD1  H N N 264 
PHE HD2  H N N 265 
PHE HE1  H N N 266 
PHE HE2  H N N 267 
PHE HZ   H N N 268 
PHE HXT  H N N 269 
PRO N    N N N 270 
PRO CA   C N S 271 
PRO C    C N N 272 
PRO O    O N N 273 
PRO CB   C N N 274 
PRO CG   C N N 275 
PRO CD   C N N 276 
PRO OXT  O N N 277 
PRO H    H N N 278 
PRO HA   H N N 279 
PRO HB2  H N N 280 
PRO HB3  H N N 281 
PRO HG2  H N N 282 
PRO HG3  H N N 283 
PRO HD2  H N N 284 
PRO HD3  H N N 285 
PRO HXT  H N N 286 
SER N    N N N 287 
SER CA   C N S 288 
SER C    C N N 289 
SER O    O N N 290 
SER CB   C N N 291 
SER OG   O N N 292 
SER OXT  O N N 293 
SER H    H N N 294 
SER H2   H N N 295 
SER HA   H N N 296 
SER HB2  H N N 297 
SER HB3  H N N 298 
SER HG   H N N 299 
SER HXT  H N N 300 
THR N    N N N 301 
THR CA   C N S 302 
THR C    C N N 303 
THR O    O N N 304 
THR CB   C N R 305 
THR OG1  O N N 306 
THR CG2  C N N 307 
THR OXT  O N N 308 
THR H    H N N 309 
THR H2   H N N 310 
THR HA   H N N 311 
THR HB   H N N 312 
THR HG1  H N N 313 
THR HG21 H N N 314 
THR HG22 H N N 315 
THR HG23 H N N 316 
THR HXT  H N N 317 
TRP N    N N N 318 
TRP CA   C N S 319 
TRP C    C N N 320 
TRP O    O N N 321 
TRP CB   C N N 322 
TRP CG   C Y N 323 
TRP CD1  C Y N 324 
TRP CD2  C Y N 325 
TRP NE1  N Y N 326 
TRP CE2  C Y N 327 
TRP CE3  C Y N 328 
TRP CZ2  C Y N 329 
TRP CZ3  C Y N 330 
TRP CH2  C Y N 331 
TRP OXT  O N N 332 
TRP H    H N N 333 
TRP H2   H N N 334 
TRP HA   H N N 335 
TRP HB2  H N N 336 
TRP HB3  H N N 337 
TRP HD1  H N N 338 
TRP HE1  H N N 339 
TRP HE3  H N N 340 
TRP HZ2  H N N 341 
TRP HZ3  H N N 342 
TRP HH2  H N N 343 
TRP HXT  H N N 344 
TYR N    N N N 345 
TYR CA   C N S 346 
TYR C    C N N 347 
TYR O    O N N 348 
TYR CB   C N N 349 
TYR CG   C Y N 350 
TYR CD1  C Y N 351 
TYR CD2  C Y N 352 
TYR CE1  C Y N 353 
TYR CE2  C Y N 354 
TYR CZ   C Y N 355 
TYR OH   O N N 356 
TYR OXT  O N N 357 
TYR H    H N N 358 
TYR H2   H N N 359 
TYR HA   H N N 360 
TYR HB2  H N N 361 
TYR HB3  H N N 362 
TYR HD1  H N N 363 
TYR HD2  H N N 364 
TYR HE1  H N N 365 
TYR HE2  H N N 366 
TYR HH   H N N 367 
TYR HXT  H N N 368 
VAL N    N N N 369 
VAL CA   C N S 370 
VAL C    C N N 371 
VAL O    O N N 372 
VAL CB   C N N 373 
VAL CG1  C N N 374 
VAL CG2  C N N 375 
VAL OXT  O N N 376 
VAL H    H N N 377 
VAL H2   H N N 378 
VAL HA   H N N 379 
VAL HB   H N N 380 
VAL HG11 H N N 381 
VAL HG12 H N N 382 
VAL HG13 H N N 383 
VAL HG21 H N N 384 
VAL HG22 H N N 385 
VAL HG23 H N N 386 
VAL HXT  H N N 387 
# 
loop_
_chem_comp_bond.comp_id 
_chem_comp_bond.atom_id_1 
_chem_comp_bond.atom_id_2 
_chem_comp_bond.value_order 
_chem_comp_bond.pdbx_aromatic_flag 
_chem_comp_bond.pdbx_stereo_config 
_chem_comp_bond.pdbx_ordinal 
ALA N   CA   sing N N 1   
ALA N   H    sing N N 2   
ALA N   H2   sing N N 3   
ALA CA  C    sing N N 4   
ALA CA  CB   sing N N 5   
ALA CA  HA   sing N N 6   
ALA C   O    doub N N 7   
ALA C   OXT  sing N N 8   
ALA CB  HB1  sing N N 9   
ALA CB  HB2  sing N N 10  
ALA CB  HB3  sing N N 11  
ALA OXT HXT  sing N N 12  
ARG N   CA   sing N N 13  
ARG N   H    sing N N 14  
ARG N   H2   sing N N 15  
ARG CA  C    sing N N 16  
ARG CA  CB   sing N N 17  
ARG CA  HA   sing N N 18  
ARG C   O    doub N N 19  
ARG C   OXT  sing N N 20  
ARG CB  CG   sing N N 21  
ARG CB  HB2  sing N N 22  
ARG CB  HB3  sing N N 23  
ARG CG  CD   sing N N 24  
ARG CG  HG2  sing N N 25  
ARG CG  HG3  sing N N 26  
ARG CD  NE   sing N N 27  
ARG CD  HD2  sing N N 28  
ARG CD  HD3  sing N N 29  
ARG NE  CZ   sing N N 30  
ARG NE  HE   sing N N 31  
ARG CZ  NH1  sing N N 32  
ARG CZ  NH2  doub N N 33  
ARG NH1 HH11 sing N N 34  
ARG NH1 HH12 sing N N 35  
ARG NH2 HH21 sing N N 36  
ARG NH2 HH22 sing N N 37  
ARG OXT HXT  sing N N 38  
ASN N   CA   sing N N 39  
ASN N   H    sing N N 40  
ASN N   H2   sing N N 41  
ASN CA  C    sing N N 42  
ASN CA  CB   sing N N 43  
ASN CA  HA   sing N N 44  
ASN C   O    doub N N 45  
ASN C   OXT  sing N N 46  
ASN CB  CG   sing N N 47  
ASN CB  HB2  sing N N 48  
ASN CB  HB3  sing N N 49  
ASN CG  OD1  doub N N 50  
ASN CG  ND2  sing N N 51  
ASN ND2 HD21 sing N N 52  
ASN ND2 HD22 sing N N 53  
ASN OXT HXT  sing N N 54  
ASP N   CA   sing N N 55  
ASP N   H    sing N N 56  
ASP N   H2   sing N N 57  
ASP CA  C    sing N N 58  
ASP CA  CB   sing N N 59  
ASP CA  HA   sing N N 60  
ASP C   O    doub N N 61  
ASP C   OXT  sing N N 62  
ASP CB  CG   sing N N 63  
ASP CB  HB2  sing N N 64  
ASP CB  HB3  sing N N 65  
ASP CG  OD1  doub N N 66  
ASP CG  OD2  sing N N 67  
ASP OD2 HD2  sing N N 68  
ASP OXT HXT  sing N N 69  
CYS N   CA   sing N N 70  
CYS N   H    sing N N 71  
CYS N   H2   sing N N 72  
CYS CA  C    sing N N 73  
CYS CA  CB   sing N N 74  
CYS CA  HA   sing N N 75  
CYS C   O    doub N N 76  
CYS C   OXT  sing N N 77  
CYS CB  SG   sing N N 78  
CYS CB  HB2  sing N N 79  
CYS CB  HB3  sing N N 80  
CYS SG  HG   sing N N 81  
CYS OXT HXT  sing N N 82  
GLN N   CA   sing N N 83  
GLN N   H    sing N N 84  
GLN N   H2   sing N N 85  
GLN CA  C    sing N N 86  
GLN CA  CB   sing N N 87  
GLN CA  HA   sing N N 88  
GLN C   O    doub N N 89  
GLN C   OXT  sing N N 90  
GLN CB  CG   sing N N 91  
GLN CB  HB2  sing N N 92  
GLN CB  HB3  sing N N 93  
GLN CG  CD   sing N N 94  
GLN CG  HG2  sing N N 95  
GLN CG  HG3  sing N N 96  
GLN CD  OE1  doub N N 97  
GLN CD  NE2  sing N N 98  
GLN NE2 HE21 sing N N 99  
GLN NE2 HE22 sing N N 100 
GLN OXT HXT  sing N N 101 
GLU N   CA   sing N N 102 
GLU N   H    sing N N 103 
GLU N   H2   sing N N 104 
GLU CA  C    sing N N 105 
GLU CA  CB   sing N N 106 
GLU CA  HA   sing N N 107 
GLU C   O    doub N N 108 
GLU C   OXT  sing N N 109 
GLU CB  CG   sing N N 110 
GLU CB  HB2  sing N N 111 
GLU CB  HB3  sing N N 112 
GLU CG  CD   sing N N 113 
GLU CG  HG2  sing N N 114 
GLU CG  HG3  sing N N 115 
GLU CD  OE1  doub N N 116 
GLU CD  OE2  sing N N 117 
GLU OE2 HE2  sing N N 118 
GLU OXT HXT  sing N N 119 
GLY N   CA   sing N N 120 
GLY N   H    sing N N 121 
GLY N   H2   sing N N 122 
GLY CA  C    sing N N 123 
GLY CA  HA2  sing N N 124 
GLY CA  HA3  sing N N 125 
GLY C   O    doub N N 126 
GLY C   OXT  sing N N 127 
GLY OXT HXT  sing N N 128 
HIS N   CA   sing N N 129 
HIS N   H    sing N N 130 
HIS N   H2   sing N N 131 
HIS CA  C    sing N N 132 
HIS CA  CB   sing N N 133 
HIS CA  HA   sing N N 134 
HIS C   O    doub N N 135 
HIS C   OXT  sing N N 136 
HIS CB  CG   sing N N 137 
HIS CB  HB2  sing N N 138 
HIS CB  HB3  sing N N 139 
HIS CG  ND1  sing Y N 140 
HIS CG  CD2  doub Y N 141 
HIS ND1 CE1  doub Y N 142 
HIS ND1 HD1  sing N N 143 
HIS CD2 NE2  sing Y N 144 
HIS CD2 HD2  sing N N 145 
HIS CE1 NE2  sing Y N 146 
HIS CE1 HE1  sing N N 147 
HIS NE2 HE2  sing N N 148 
HIS OXT HXT  sing N N 149 
ILE N   CA   sing N N 150 
ILE N   H    sing N N 151 
ILE N   H2   sing N N 152 
ILE CA  C    sing N N 153 
ILE CA  CB   sing N N 154 
ILE CA  HA   sing N N 155 
ILE C   O    doub N N 156 
ILE C   OXT  sing N N 157 
ILE CB  CG1  sing N N 158 
ILE CB  CG2  sing N N 159 
ILE CB  HB   sing N N 160 
ILE CG1 CD1  sing N N 161 
ILE CG1 HG12 sing N N 162 
ILE CG1 HG13 sing N N 163 
ILE CG2 HG21 sing N N 164 
ILE CG2 HG22 sing N N 165 
ILE CG2 HG23 sing N N 166 
ILE CD1 HD11 sing N N 167 
ILE CD1 HD12 sing N N 168 
ILE CD1 HD13 sing N N 169 
ILE OXT HXT  sing N N 170 
LEU N   CA   sing N N 171 
LEU N   H    sing N N 172 
LEU N   H2   sing N N 173 
LEU CA  C    sing N N 174 
LEU CA  CB   sing N N 175 
LEU CA  HA   sing N N 176 
LEU C   O    doub N N 177 
LEU C   OXT  sing N N 178 
LEU CB  CG   sing N N 179 
LEU CB  HB2  sing N N 180 
LEU CB  HB3  sing N N 181 
LEU CG  CD1  sing N N 182 
LEU CG  CD2  sing N N 183 
LEU CG  HG   sing N N 184 
LEU CD1 HD11 sing N N 185 
LEU CD1 HD12 sing N N 186 
LEU CD1 HD13 sing N N 187 
LEU CD2 HD21 sing N N 188 
LEU CD2 HD22 sing N N 189 
LEU CD2 HD23 sing N N 190 
LEU OXT HXT  sing N N 191 
LYS N   CA   sing N N 192 
LYS N   H    sing N N 193 
LYS N   H2   sing N N 194 
LYS CA  C    sing N N 195 
LYS CA  CB   sing N N 196 
LYS CA  HA   sing N N 197 
LYS C   O    doub N N 198 
LYS C   OXT  sing N N 199 
LYS CB  CG   sing N N 200 
LYS CB  HB2  sing N N 201 
LYS CB  HB3  sing N N 202 
LYS CG  CD   sing N N 203 
LYS CG  HG2  sing N N 204 
LYS CG  HG3  sing N N 205 
LYS CD  CE   sing N N 206 
LYS CD  HD2  sing N N 207 
LYS CD  HD3  sing N N 208 
LYS CE  NZ   sing N N 209 
LYS CE  HE2  sing N N 210 
LYS CE  HE3  sing N N 211 
LYS NZ  HZ1  sing N N 212 
LYS NZ  HZ2  sing N N 213 
LYS NZ  HZ3  sing N N 214 
LYS OXT HXT  sing N N 215 
MET N   CA   sing N N 216 
MET N   H    sing N N 217 
MET N   H2   sing N N 218 
MET CA  C    sing N N 219 
MET CA  CB   sing N N 220 
MET CA  HA   sing N N 221 
MET C   O    doub N N 222 
MET C   OXT  sing N N 223 
MET CB  CG   sing N N 224 
MET CB  HB2  sing N N 225 
MET CB  HB3  sing N N 226 
MET CG  SD   sing N N 227 
MET CG  HG2  sing N N 228 
MET CG  HG3  sing N N 229 
MET SD  CE   sing N N 230 
MET CE  HE1  sing N N 231 
MET CE  HE2  sing N N 232 
MET CE  HE3  sing N N 233 
MET OXT HXT  sing N N 234 
PHE N   CA   sing N N 235 
PHE N   H    sing N N 236 
PHE N   H2   sing N N 237 
PHE CA  C    sing N N 238 
PHE CA  CB   sing N N 239 
PHE CA  HA   sing N N 240 
PHE C   O    doub N N 241 
PHE C   OXT  sing N N 242 
PHE CB  CG   sing N N 243 
PHE CB  HB2  sing N N 244 
PHE CB  HB3  sing N N 245 
PHE CG  CD1  doub Y N 246 
PHE CG  CD2  sing Y N 247 
PHE CD1 CE1  sing Y N 248 
PHE CD1 HD1  sing N N 249 
PHE CD2 CE2  doub Y N 250 
PHE CD2 HD2  sing N N 251 
PHE CE1 CZ   doub Y N 252 
PHE CE1 HE1  sing N N 253 
PHE CE2 CZ   sing Y N 254 
PHE CE2 HE2  sing N N 255 
PHE CZ  HZ   sing N N 256 
PHE OXT HXT  sing N N 257 
PRO N   CA   sing N N 258 
PRO N   CD   sing N N 259 
PRO N   H    sing N N 260 
PRO CA  C    sing N N 261 
PRO CA  CB   sing N N 262 
PRO CA  HA   sing N N 263 
PRO C   O    doub N N 264 
PRO C   OXT  sing N N 265 
PRO CB  CG   sing N N 266 
PRO CB  HB2  sing N N 267 
PRO CB  HB3  sing N N 268 
PRO CG  CD   sing N N 269 
PRO CG  HG2  sing N N 270 
PRO CG  HG3  sing N N 271 
PRO CD  HD2  sing N N 272 
PRO CD  HD3  sing N N 273 
PRO OXT HXT  sing N N 274 
SER N   CA   sing N N 275 
SER N   H    sing N N 276 
SER N   H2   sing N N 277 
SER CA  C    sing N N 278 
SER CA  CB   sing N N 279 
SER CA  HA   sing N N 280 
SER C   O    doub N N 281 
SER C   OXT  sing N N 282 
SER CB  OG   sing N N 283 
SER CB  HB2  sing N N 284 
SER CB  HB3  sing N N 285 
SER OG  HG   sing N N 286 
SER OXT HXT  sing N N 287 
THR N   CA   sing N N 288 
THR N   H    sing N N 289 
THR N   H2   sing N N 290 
THR CA  C    sing N N 291 
THR CA  CB   sing N N 292 
THR CA  HA   sing N N 293 
THR C   O    doub N N 294 
THR C   OXT  sing N N 295 
THR CB  OG1  sing N N 296 
THR CB  CG2  sing N N 297 
THR CB  HB   sing N N 298 
THR OG1 HG1  sing N N 299 
THR CG2 HG21 sing N N 300 
THR CG2 HG22 sing N N 301 
THR CG2 HG23 sing N N 302 
THR OXT HXT  sing N N 303 
TRP N   CA   sing N N 304 
TRP N   H    sing N N 305 
TRP N   H2   sing N N 306 
TRP CA  C    sing N N 307 
TRP CA  CB   sing N N 308 
TRP CA  HA   sing N N 309 
TRP C   O    doub N N 310 
TRP C   OXT  sing N N 311 
TRP CB  CG   sing N N 312 
TRP CB  HB2  sing N N 313 
TRP CB  HB3  sing N N 314 
TRP CG  CD1  doub Y N 315 
TRP CG  CD2  sing Y N 316 
TRP CD1 NE1  sing Y N 317 
TRP CD1 HD1  sing N N 318 
TRP CD2 CE2  doub Y N 319 
TRP CD2 CE3  sing Y N 320 
TRP NE1 CE2  sing Y N 321 
TRP NE1 HE1  sing N N 322 
TRP CE2 CZ2  sing Y N 323 
TRP CE3 CZ3  doub Y N 324 
TRP CE3 HE3  sing N N 325 
TRP CZ2 CH2  doub Y N 326 
TRP CZ2 HZ2  sing N N 327 
TRP CZ3 CH2  sing Y N 328 
TRP CZ3 HZ3  sing N N 329 
TRP CH2 HH2  sing N N 330 
TRP OXT HXT  sing N N 331 
TYR N   CA   sing N N 332 
TYR N   H    sing N N 333 
TYR N   H2   sing N N 334 
TYR CA  C    sing N N 335 
TYR CA  CB   sing N N 336 
TYR CA  HA   sing N N 337 
TYR C   O    doub N N 338 
TYR C   OXT  sing N N 339 
TYR CB  CG   sing N N 340 
TYR CB  HB2  sing N N 341 
TYR CB  HB3  sing N N 342 
TYR CG  CD1  doub Y N 343 
TYR CG  CD2  sing Y N 344 
TYR CD1 CE1  sing Y N 345 
TYR CD1 HD1  sing N N 346 
TYR CD2 CE2  doub Y N 347 
TYR CD2 HD2  sing N N 348 
TYR CE1 CZ   doub Y N 349 
TYR CE1 HE1  sing N N 350 
TYR CE2 CZ   sing Y N 351 
TYR CE2 HE2  sing N N 352 
TYR CZ  OH   sing N N 353 
TYR OH  HH   sing N N 354 
TYR OXT HXT  sing N N 355 
VAL N   CA   sing N N 356 
VAL N   H    sing N N 357 
VAL N   H2   sing N N 358 
VAL CA  C    sing N N 359 
VAL CA  CB   sing N N 360 
VAL CA  HA   sing N N 361 
VAL C   O    doub N N 362 
VAL C   OXT  sing N N 363 
VAL CB  CG1  sing N N 364 
VAL CB  CG2  sing N N 365 
VAL CB  HB   sing N N 366 
VAL CG1 HG11 sing N N 367 
VAL CG1 HG12 sing N N 368 
VAL CG1 HG13 sing N N 369 
VAL CG2 HG21 sing N N 370 
VAL CG2 HG22 sing N N 371 
VAL CG2 HG23 sing N N 372 
VAL OXT HXT  sing N N 373 
# 
_pdbx_initial_refinement_model.accession_code   ? 
_pdbx_initial_refinement_model.id               1 
_pdbx_initial_refinement_model.entity_id_list   ? 
_pdbx_initial_refinement_model.type             'experimental model' 
_pdbx_initial_refinement_model.source_name      Other 
_pdbx_initial_refinement_model.details          'Yeast Hsp40 Sis1' 
# 
_atom_sites.entry_id                    2QLD 
_atom_sites.fract_transf_matrix[1][1]   -0.00630586 
_atom_sites.fract_transf_matrix[1][2]   -0.00521104 
_atom_sites.fract_transf_matrix[1][3]   0.00627184 
_atom_sites.fract_transf_matrix[2][1]   0.00191486 
_atom_sites.fract_transf_matrix[2][2]   -0.00451394 
_atom_sites.fract_transf_matrix[2][3]   -0.00182523 
_atom_sites.fract_transf_matrix[3][1]   0.01712152 
_atom_sites.fract_transf_matrix[3][2]   0.00022636 
_atom_sites.fract_transf_matrix[3][3]   0.01740247 
_atom_sites.fract_transf_vector[1]      0.659006 
_atom_sites.fract_transf_vector[2]      0.399299 
_atom_sites.fract_transf_vector[3]      0.484456 
# 
loop_
_atom_type.symbol 
C 
N 
O 
S 
# 
loop_
_atom_site.group_PDB 
_atom_site.id 
_atom_site.type_symbol 
_atom_site.label_atom_id 
_atom_site.label_alt_id 
_atom_site.label_comp_id 
_atom_site.label_asym_id 
_atom_site.label_entity_id 
_atom_site.label_seq_id 
_atom_site.pdbx_PDB_ins_code 
_atom_site.Cartn_x 
_atom_site.Cartn_y 
_atom_site.Cartn_z 
_atom_site.occupancy 
_atom_site.B_iso_or_equiv 
_atom_site.pdbx_formal_charge 
_atom_site.auth_seq_id 
_atom_site.auth_comp_id 
_atom_site.auth_asym_id 
_atom_site.auth_atom_id 
_atom_site.pdbx_PDB_model_num 
ATOM 1    N N   . PRO A 1 5   ? -4.876  29.078  10.799  1.00 111.25 ? 162 PRO A N   1 
ATOM 2    C CA  . PRO A 1 5   ? -3.533  28.618  10.344  1.00 111.25 ? 162 PRO A CA  1 
ATOM 3    C C   . PRO A 1 5   ? -3.301  27.147  10.709  1.00 111.25 ? 162 PRO A C   1 
ATOM 4    O O   . PRO A 1 5   ? -2.510  26.848  11.595  1.00 111.25 ? 162 PRO A O   1 
ATOM 5    C CB  . PRO A 1 5   ? -2.514  29.505  11.041  1.00 51.13  ? 162 PRO A CB  1 
ATOM 6    C CG  . PRO A 1 5   ? -3.297  29.880  12.351  1.00 51.13  ? 162 PRO A CG  1 
ATOM 7    C CD  . PRO A 1 5   ? -4.742  30.092  11.867  1.00 51.13  ? 162 PRO A CD  1 
ATOM 8    N N   . PRO A 1 6   ? -3.962  26.211  10.005  1.00 91.83  ? 163 PRO A N   1 
ATOM 9    C CA  . PRO A 1 6   ? -3.820  24.777  10.283  1.00 91.83  ? 163 PRO A CA  1 
ATOM 10   C C   . PRO A 1 6   ? -2.425  24.197  10.094  1.00 91.83  ? 163 PRO A C   1 
ATOM 11   O O   . PRO A 1 6   ? -1.510  24.864  9.612   1.00 91.83  ? 163 PRO A O   1 
ATOM 12   C CB  . PRO A 1 6   ? -4.821  24.145  9.330   1.00 63.44  ? 163 PRO A CB  1 
ATOM 13   C CG  . PRO A 1 6   ? -4.667  24.997  8.136   1.00 32.70  ? 163 PRO A CG  1 
ATOM 14   C CD  . PRO A 1 6   ? -4.668  26.412  8.728   1.00 32.70  ? 163 PRO A CD  1 
ATOM 15   N N   . VAL A 1 7   ? -2.287  22.932  10.477  1.00 77.62  ? 164 VAL A N   1 
ATOM 16   C CA  . VAL A 1 7   ? -1.027  22.214  10.371  1.00 77.62  ? 164 VAL A CA  1 
ATOM 17   C C   . VAL A 1 7   ? -1.262  20.811  9.820   1.00 77.62  ? 164 VAL A C   1 
ATOM 18   O O   . VAL A 1 7   ? -2.162  20.099  10.265  1.00 77.62  ? 164 VAL A O   1 
ATOM 19   C CB  . VAL A 1 7   ? -0.358  22.108  11.733  1.00 79.12  ? 164 VAL A CB  1 
ATOM 20   C CG1 . VAL A 1 7   ? 0.933   21.318  11.618  1.00 79.12  ? 164 VAL A CG1 1 
ATOM 21   C CG2 . VAL A 1 7   ? -0.096  23.500  12.273  1.00 79.12  ? 164 VAL A CG2 1 
ATOM 22   N N   . THR A 1 8   ? -0.432  20.417  8.860   1.00 58.07  ? 165 THR A N   1 
ATOM 23   C CA  . THR A 1 8   ? -0.568  19.121  8.209   1.00 58.07  ? 165 THR A CA  1 
ATOM 24   C C   . THR A 1 8   ? 0.472   18.113  8.634   1.00 58.07  ? 165 THR A C   1 
ATOM 25   O O   . THR A 1 8   ? 1.640   18.446  8.842   1.00 58.07  ? 165 THR A O   1 
ATOM 26   C CB  . THR A 1 8   ? -0.472  19.277  6.695   1.00 105.05 ? 165 THR A CB  1 
ATOM 27   O OG1 . THR A 1 8   ? 0.694   20.048  6.382   1.00 74.31  ? 165 THR A OG1 1 
ATOM 28   C CG2 . THR A 1 8   ? -1.702  19.979  6.149   1.00 74.31  ? 165 THR A CG2 1 
ATOM 29   N N   . HIS A 1 9   ? 0.035   16.868  8.747   1.00 62.69  ? 166 HIS A N   1 
ATOM 30   C CA  . HIS A 1 9   ? 0.918   15.787  9.135   1.00 62.69  ? 166 HIS A CA  1 
ATOM 31   C C   . HIS A 1 9   ? 0.564   14.495  8.435   1.00 62.69  ? 166 HIS A C   1 
ATOM 32   O O   . HIS A 1 9   ? -0.588  14.058  8.447   1.00 62.69  ? 166 HIS A O   1 
ATOM 33   C CB  . HIS A 1 9   ? 0.874   15.595  10.639  1.00 102.97 ? 166 HIS A CB  1 
ATOM 34   C CG  . HIS A 1 9   ? 1.980   16.298  11.351  1.00 72.23  ? 166 HIS A CG  1 
ATOM 35   N ND1 . HIS A 1 9   ? 3.286   15.861  11.301  1.00 72.23  ? 166 HIS A ND1 1 
ATOM 36   C CD2 . HIS A 1 9   ? 1.991   17.436  12.081  1.00 72.23  ? 166 HIS A CD2 1 
ATOM 37   C CE1 . HIS A 1 9   ? 4.054   16.700  11.969  1.00 72.23  ? 166 HIS A CE1 1 
ATOM 38   N NE2 . HIS A 1 9   ? 3.293   17.665  12.452  1.00 72.23  ? 166 HIS A NE2 1 
ATOM 39   N N   . ASP A 1 10  ? 1.571   13.884  7.824   1.00 49.54  ? 167 ASP A N   1 
ATOM 40   C CA  . ASP A 1 10  ? 1.379   12.638  7.100   1.00 49.54  ? 167 ASP A CA  1 
ATOM 41   C C   . ASP A 1 10  ? 1.150   11.476  8.047   1.00 49.54  ? 167 ASP A C   1 
ATOM 42   O O   . ASP A 1 10  ? 1.724   11.440  9.129   1.00 49.54  ? 167 ASP A O   1 
ATOM 43   C CB  . ASP A 1 10  ? 2.589   12.378  6.216   1.00 108.61 ? 167 ASP A CB  1 
ATOM 44   C CG  . ASP A 1 10  ? 2.701   13.387  5.106   1.00 108.61 ? 167 ASP A CG  1 
ATOM 45   O OD1 . ASP A 1 10  ? 2.437   14.584  5.365   1.00 77.87  ? 167 ASP A OD1 1 
ATOM 46   O OD2 . ASP A 1 10  ? 3.049   12.986  3.980   1.00 77.87  ? 167 ASP A OD2 1 
ATOM 47   N N   . LEU A 1 11  ? 0.299   10.540  7.634   1.00 50.55  ? 168 LEU A N   1 
ATOM 48   C CA  . LEU A 1 11  ? -0.021  9.372   8.440   1.00 50.55  ? 168 LEU A CA  1 
ATOM 49   C C   . LEU A 1 11  ? 0.330   8.094   7.659   1.00 50.55  ? 168 LEU A C   1 
ATOM 50   O O   . LEU A 1 11  ? -0.423  7.675   6.769   1.00 50.55  ? 168 LEU A O   1 
ATOM 51   C CB  . LEU A 1 11  ? -1.511  9.381   8.792   1.00 73.40  ? 168 LEU A CB  1 
ATOM 52   C CG  . LEU A 1 11  ? -1.999  8.600   10.018  1.00 42.66  ? 168 LEU A CG  1 
ATOM 53   C CD1 . LEU A 1 11  ? -3.496  8.390   9.903   1.00 73.40  ? 168 LEU A CD1 1 
ATOM 54   C CD2 . LEU A 1 11  ? -1.311  7.253   10.102  1.00 42.66  ? 168 LEU A CD2 1 
ATOM 55   N N   . ARG A 1 12  ? 1.469   7.490   8.009   1.00 65.56  ? 169 ARG A N   1 
ATOM 56   C CA  . ARG A 1 12  ? 1.989   6.269   7.383   1.00 65.56  ? 169 ARG A CA  1 
ATOM 57   C C   . ARG A 1 12  ? 1.192   5.012   7.722   1.00 65.56  ? 169 ARG A C   1 
ATOM 58   O O   . ARG A 1 12  ? 1.130   4.602   8.884   1.00 65.56  ? 169 ARG A O   1 
ATOM 59   C CB  . ARG A 1 12  ? 3.432   6.032   7.830   1.00 118.24 ? 169 ARG A CB  1 
ATOM 60   C CG  . ARG A 1 12  ? 4.440   7.037   7.340   1.00 118.24 ? 169 ARG A CG  1 
ATOM 61   C CD  . ARG A 1 12  ? 4.725   6.840   5.869   1.00 118.24 ? 169 ARG A CD  1 
ATOM 62   N NE  . ARG A 1 12  ? 6.146   7.017   5.589   1.00 87.50  ? 169 ARG A NE  1 
ATOM 63   C CZ  . ARG A 1 12  ? 7.092   6.129   5.897   1.00 87.50  ? 169 ARG A CZ  1 
ATOM 64   N NH1 . ARG A 1 12  ? 6.777   4.981   6.493   1.00 87.50  ? 169 ARG A NH1 1 
ATOM 65   N NH2 . ARG A 1 12  ? 8.364   6.403   5.629   1.00 87.50  ? 169 ARG A NH2 1 
ATOM 66   N N   . VAL A 1 13  ? 0.613   4.376   6.712   1.00 50.23  ? 170 VAL A N   1 
ATOM 67   C CA  . VAL A 1 13  ? -0.155  3.166   6.951   1.00 50.23  ? 170 VAL A CA  1 
ATOM 68   C C   . VAL A 1 13  ? 0.248   2.001   6.056   1.00 50.23  ? 170 VAL A C   1 
ATOM 69   O O   . VAL A 1 13  ? 0.183   2.085   4.821   1.00 50.23  ? 170 VAL A O   1 
ATOM 70   C CB  . VAL A 1 13  ? -1.654  3.412   6.774   1.00 69.73  ? 170 VAL A CB  1 
ATOM 71   C CG1 . VAL A 1 13  ? -2.410  2.090   6.796   1.00 69.73  ? 170 VAL A CG1 1 
ATOM 72   C CG2 . VAL A 1 13  ? -2.144  4.317   7.883   1.00 69.73  ? 170 VAL A CG2 1 
ATOM 73   N N   . SER A 1 14  ? 0.666   0.916   6.702   1.00 49.19  ? 171 SER A N   1 
ATOM 74   C CA  . SER A 1 14  ? 1.070   -0.293  6.005   1.00 49.19  ? 171 SER A CA  1 
ATOM 75   C C   . SER A 1 14  ? -0.097  -0.735  5.139   1.00 49.19  ? 171 SER A C   1 
ATOM 76   O O   . SER A 1 14  ? -1.254  -0.424  5.438   1.00 49.19  ? 171 SER A O   1 
ATOM 77   C CB  . SER A 1 14  ? 1.402   -1.397  7.013   1.00 39.85  ? 171 SER A CB  1 
ATOM 78   O OG  . SER A 1 14  ? 0.518   -2.500  6.837   1.00 39.85  ? 171 SER A OG  1 
ATOM 79   N N   . LEU A 1 15  ? 0.211   -1.465  4.074   1.00 51.43  ? 172 LEU A N   1 
ATOM 80   C CA  . LEU A 1 15  ? -0.815  -1.947  3.155   1.00 51.43  ? 172 LEU A CA  1 
ATOM 81   C C   . LEU A 1 15  ? -1.741  -2.946  3.830   1.00 51.43  ? 172 LEU A C   1 
ATOM 82   O O   . LEU A 1 15  ? -2.918  -3.035  3.492   1.00 51.43  ? 172 LEU A O   1 
ATOM 83   C CB  . LEU A 1 15  ? -0.171  -2.610  1.942   1.00 52.96  ? 172 LEU A CB  1 
ATOM 84   C CG  . LEU A 1 15  ? -1.187  -3.077  0.904   1.00 52.96  ? 172 LEU A CG  1 
ATOM 85   C CD1 . LEU A 1 15  ? -1.582  -1.878  0.057   1.00 52.96  ? 172 LEU A CD1 1 
ATOM 86   C CD2 . LEU A 1 15  ? -0.606  -4.183  0.028   1.00 52.96  ? 172 LEU A CD2 1 
ATOM 87   N N   . GLU A 1 16  ? -1.200  -3.713  4.773   1.00 54.13  ? 173 GLU A N   1 
ATOM 88   C CA  . GLU A 1 16  ? -2.008  -4.699  5.475   1.00 54.13  ? 173 GLU A CA  1 
ATOM 89   C C   . GLU A 1 16  ? -2.902  -3.966  6.432   1.00 54.13  ? 173 GLU A C   1 
ATOM 90   O O   . GLU A 1 16  ? -4.018  -4.400  6.701   1.00 54.13  ? 173 GLU A O   1 
ATOM 91   C CB  . GLU A 1 16  ? -1.146  -5.690  6.254   1.00 59.26  ? 173 GLU A CB  1 
ATOM 92   C CG  . GLU A 1 16  ? -0.382  -6.640  5.382   1.00 59.26  ? 173 GLU A CG  1 
ATOM 93   C CD  . GLU A 1 16  ? 0.964   -6.095  4.976   1.00 59.26  ? 173 GLU A CD  1 
ATOM 94   O OE1 . GLU A 1 16  ? 1.108   -4.852  4.920   1.00 59.26  ? 173 GLU A OE1 1 
ATOM 95   O OE2 . GLU A 1 16  ? 1.875   -6.914  4.706   1.00 59.26  ? 173 GLU A OE2 1 
ATOM 96   N N   . GLU A 1 17  ? -2.395  -2.851  6.947   1.00 69.73  ? 174 GLU A N   1 
ATOM 97   C CA  . GLU A 1 17  ? -3.164  -2.040  7.868   1.00 69.73  ? 174 GLU A CA  1 
ATOM 98   C C   . GLU A 1 17  ? -4.401  -1.552  7.140   1.00 69.73  ? 174 GLU A C   1 
ATOM 99   O O   . GLU A 1 17  ? -5.490  -1.538  7.714   1.00 69.73  ? 174 GLU A O   1 
ATOM 100  C CB  . GLU A 1 17  ? -2.337  -0.859  8.360   1.00 82.96  ? 174 GLU A CB  1 
ATOM 101  C CG  . GLU A 1 17  ? -1.095  -1.296  9.099   1.00 82.96  ? 174 GLU A CG  1 
ATOM 102  C CD  . GLU A 1 17  ? -0.543  -0.230  10.014  1.00 52.22  ? 174 GLU A CD  1 
ATOM 103  O OE1 . GLU A 1 17  ? -0.363  0.924   9.558   1.00 52.22  ? 174 GLU A OE1 1 
ATOM 104  O OE2 . GLU A 1 17  ? -0.280  -0.548  11.198  1.00 52.22  ? 174 GLU A OE2 1 
ATOM 105  N N   . ILE A 1 18  ? -4.236  -1.179  5.870   1.00 40.46  ? 175 ILE A N   1 
ATOM 106  C CA  . ILE A 1 18  ? -5.358  -0.704  5.070   1.00 40.46  ? 175 ILE A CA  1 
ATOM 107  C C   . ILE A 1 18  ? -6.263  -1.857  4.639   1.00 40.46  ? 175 ILE A C   1 
ATOM 108  O O   . ILE A 1 18  ? -7.439  -1.675  4.297   1.00 40.46  ? 175 ILE A O   1 
ATOM 109  C CB  . ILE A 1 18  ? -4.858  0.058   3.838   1.00 65.13  ? 175 ILE A CB  1 
ATOM 110  C CG1 . ILE A 1 18  ? -4.483  1.483   4.252   1.00 34.39  ? 175 ILE A CG1 1 
ATOM 111  C CG2 . ILE A 1 18  ? -5.915  0.057   2.746   1.00 34.39  ? 175 ILE A CG2 1 
ATOM 112  C CD1 . ILE A 1 18  ? -4.162  2.403   3.088   1.00 65.13  ? 175 ILE A CD1 1 
ATOM 113  N N   . TYR A 1 19  ? -5.709  -3.054  4.668   1.00 63.97  ? 176 TYR A N   1 
ATOM 114  C CA  . TYR A 1 19  ? -6.458  -4.228  4.276   1.00 63.97  ? 176 TYR A CA  1 
ATOM 115  C C   . TYR A 1 19  ? -7.511  -4.606  5.318   1.00 63.97  ? 176 TYR A C   1 
ATOM 116  O O   . TYR A 1 19  ? -8.677  -4.825  4.998   1.00 63.97  ? 176 TYR A O   1 
ATOM 117  C CB  . TYR A 1 19  ? -5.495  -5.381  4.069   1.00 59.66  ? 176 TYR A CB  1 
ATOM 118  C CG  . TYR A 1 19  ? -6.197  -6.679  3.894   1.00 59.66  ? 176 TYR A CG  1 
ATOM 119  C CD1 . TYR A 1 19  ? -6.995  -6.908  2.786   1.00 59.66  ? 176 TYR A CD1 1 
ATOM 120  C CD2 . TYR A 1 19  ? -6.083  -7.679  4.847   1.00 59.66  ? 176 TYR A CD2 1 
ATOM 121  C CE1 . TYR A 1 19  ? -7.663  -8.105  2.633   1.00 59.66  ? 176 TYR A CE1 1 
ATOM 122  C CE2 . TYR A 1 19  ? -6.744  -8.879  4.706   1.00 59.66  ? 176 TYR A CE2 1 
ATOM 123  C CZ  . TYR A 1 19  ? -7.531  -9.087  3.597   1.00 59.66  ? 176 TYR A CZ  1 
ATOM 124  O OH  . TYR A 1 19  ? -8.183  -10.287 3.452   1.00 28.92  ? 176 TYR A OH  1 
ATOM 125  N N   . SER A 1 20  ? -7.089  -4.674  6.572   1.00 58.57  ? 177 SER A N   1 
ATOM 126  C CA  . SER A 1 20  ? -7.978  -5.034  7.664   1.00 58.57  ? 177 SER A CA  1 
ATOM 127  C C   . SER A 1 20  ? -8.503  -3.800  8.399   1.00 58.57  ? 177 SER A C   1 
ATOM 128  O O   . SER A 1 20  ? -9.577  -3.833  8.996   1.00 58.57  ? 177 SER A O   1 
ATOM 129  C CB  . SER A 1 20  ? -7.220  -5.884  8.661   1.00 71.98  ? 177 SER A CB  1 
ATOM 130  O OG  . SER A 1 20  ? -6.252  -5.062  9.292   1.00 41.24  ? 177 SER A OG  1 
ATOM 131  N N   . GLY A 1 21  ? -7.738  -2.714  8.355   1.00 65.27  ? 178 GLY A N   1 
ATOM 132  C CA  . GLY A 1 21  ? -8.130  -1.507  9.061   1.00 65.27  ? 178 GLY A CA  1 
ATOM 133  C C   . GLY A 1 21  ? -7.349  -1.531  10.361  1.00 65.27  ? 178 GLY A C   1 
ATOM 134  O O   . GLY A 1 21  ? -7.021  -2.610  10.861  1.00 65.27  ? 178 GLY A O   1 
ATOM 135  N N   . CYS A 1 22  ? -7.035  -0.371  10.924  1.00 67.87  ? 179 CYS A N   1 
ATOM 136  C CA  . CYS A 1 22  ? -6.264  -0.369  12.156  1.00 67.87  ? 179 CYS A CA  1 
ATOM 137  C C   . CYS A 1 22  ? -6.466  0.861   13.019  1.00 67.87  ? 179 CYS A C   1 
ATOM 138  O O   . CYS A 1 22  ? -7.055  1.859   12.597  1.00 67.87  ? 179 CYS A O   1 
ATOM 139  C CB  . CYS A 1 22  ? -4.775  -0.469  11.837  1.00 93.75  ? 179 CYS A CB  1 
ATOM 140  S SG  . CYS A 1 22  ? -4.043  1.110   11.298  1.00 63.01  ? 179 CYS A SG  1 
ATOM 141  N N   . THR A 1 23  ? -5.953  0.771   14.240  1.00 70.57  ? 180 THR A N   1 
ATOM 142  C CA  . THR A 1 23  ? -6.015  1.877   15.173  1.00 70.57  ? 180 THR A CA  1 
ATOM 143  C C   . THR A 1 23  ? -4.587  2.385   15.198  1.00 70.57  ? 180 THR A C   1 
ATOM 144  O O   . THR A 1 23  ? -3.654  1.607   15.403  1.00 70.57  ? 180 THR A O   1 
ATOM 145  C CB  . THR A 1 23  ? -6.372  1.418   16.594  1.00 84.13  ? 180 THR A CB  1 
ATOM 146  O OG1 . THR A 1 23  ? -7.452  0.482   16.543  1.00 53.39  ? 180 THR A OG1 1 
ATOM 147  C CG2 . THR A 1 23  ? -6.786  2.610   17.443  1.00 53.39  ? 180 THR A CG2 1 
ATOM 148  N N   . LYS A 1 24  ? -4.409  3.676   14.966  1.00 49.33  ? 181 LYS A N   1 
ATOM 149  C CA  . LYS A 1 24  ? -3.079  4.254   14.994  1.00 49.33  ? 181 LYS A CA  1 
ATOM 150  C C   . LYS A 1 24  ? -3.109  5.462   15.924  1.00 49.33  ? 181 LYS A C   1 
ATOM 151  O O   . LYS A 1 24  ? -3.854  6.411   15.703  1.00 49.33  ? 181 LYS A O   1 
ATOM 152  C CB  . LYS A 1 24  ? -2.643  4.648   13.579  1.00 78.41  ? 181 LYS A CB  1 
ATOM 153  C CG  . LYS A 1 24  ? -1.216  4.224   13.263  1.00 78.41  ? 181 LYS A CG  1 
ATOM 154  C CD  . LYS A 1 24  ? -0.949  4.126   11.769  1.00 78.41  ? 181 LYS A CD  1 
ATOM 155  C CE  . LYS A 1 24  ? 0.438   3.538   11.488  1.00 78.41  ? 181 LYS A CE  1 
ATOM 156  N NZ  . LYS A 1 24  ? 1.545   4.363   12.057  1.00 78.41  ? 181 LYS A NZ  1 
ATOM 157  N N   . LYS A 1 25  ? -2.320  5.413   16.989  1.00 58.31  ? 182 LYS A N   1 
ATOM 158  C CA  . LYS A 1 25  ? -2.279  6.515   17.940  1.00 58.31  ? 182 LYS A CA  1 
ATOM 159  C C   . LYS A 1 25  ? -1.022  7.319   17.692  1.00 58.31  ? 182 LYS A C   1 
ATOM 160  O O   . LYS A 1 25  ? 0.077   6.782   17.723  1.00 58.31  ? 182 LYS A O   1 
ATOM 161  C CB  . LYS A 1 25  ? -2.319  5.971   19.370  1.00 121.71 ? 182 LYS A CB  1 
ATOM 162  C CG  . LYS A 1 25  ? -3.605  5.206   19.655  1.00 90.97  ? 182 LYS A CG  1 
ATOM 163  C CD  . LYS A 1 25  ? -3.786  4.848   21.113  1.00 90.97  ? 182 LYS A CD  1 
ATOM 164  C CE  . LYS A 1 25  ? -2.922  3.678   21.519  1.00 90.97  ? 182 LYS A CE  1 
ATOM 165  N NZ  . LYS A 1 25  ? -3.192  3.293   22.935  1.00 90.97  ? 182 LYS A NZ  1 
ATOM 166  N N   . MET A 1 26  ? -1.193  8.606   17.417  1.00 72.21  ? 183 MET A N   1 
ATOM 167  C CA  . MET A 1 26  ? -0.066  9.481   17.131  1.00 72.21  ? 183 MET A CA  1 
ATOM 168  C C   . MET A 1 26  ? 0.269   10.367  18.322  1.00 72.21  ? 183 MET A C   1 
ATOM 169  O O   . MET A 1 26  ? -0.624  10.866  18.999  1.00 72.21  ? 183 MET A O   1 
ATOM 170  C CB  . MET A 1 26  ? -0.385  10.355  15.914  1.00 95.68  ? 183 MET A CB  1 
ATOM 171  C CG  . MET A 1 26  ? -0.814  9.578   14.672  1.00 95.68  ? 183 MET A CG  1 
ATOM 172  S SD  . MET A 1 26  ? 0.489   8.543   13.936  1.00 64.94  ? 183 MET A SD  1 
ATOM 173  C CE  . MET A 1 26  ? 0.132   6.937   14.680  1.00 64.94  ? 183 MET A CE  1 
ATOM 174  N N   . LYS A 1 27  ? 1.561   10.549  18.574  1.00 75.74  ? 184 LYS A N   1 
ATOM 175  C CA  . LYS A 1 27  ? 2.030   11.385  19.671  1.00 75.74  ? 184 LYS A CA  1 
ATOM 176  C C   . LYS A 1 27  ? 2.460   12.743  19.136  1.00 75.74  ? 184 LYS A C   1 
ATOM 177  O O   . LYS A 1 27  ? 3.379   12.846  18.313  1.00 75.74  ? 184 LYS A O   1 
ATOM 178  C CB  . LYS A 1 27  ? 3.209   10.721  20.388  1.00 74.92  ? 184 LYS A CB  1 
ATOM 179  C CG  . LYS A 1 27  ? 4.041   11.673  21.266  1.00 74.92  ? 184 LYS A CG  1 
ATOM 180  C CD  . LYS A 1 27  ? 5.331   11.004  21.753  1.00 74.92  ? 184 LYS A CD  1 
ATOM 181  C CE  . LYS A 1 27  ? 6.313   12.007  22.378  1.00 74.92  ? 184 LYS A CE  1 
ATOM 182  N NZ  . LYS A 1 27  ? 7.600   11.370  22.825  1.00 74.92  ? 184 LYS A NZ  1 
ATOM 183  N N   . ILE A 1 28  ? 1.791   13.788  19.610  1.00 63.41  ? 185 ILE A N   1 
ATOM 184  C CA  . ILE A 1 28  ? 2.098   15.143  19.186  1.00 63.41  ? 185 ILE A CA  1 
ATOM 185  C C   . ILE A 1 28  ? 2.520   15.963  20.386  1.00 63.41  ? 185 ILE A C   1 
ATOM 186  O O   . ILE A 1 28  ? 2.399   15.518  21.528  1.00 63.41  ? 185 ILE A O   1 
ATOM 187  C CB  . ILE A 1 28  ? 0.880   15.805  18.525  1.00 135.10 ? 185 ILE A CB  1 
ATOM 188  C CG1 . ILE A 1 28  ? 0.393   14.927  17.373  1.00 135.10 ? 185 ILE A CG1 1 
ATOM 189  C CG2 . ILE A 1 28  ? 1.249   17.189  18.005  1.00 135.10 ? 185 ILE A CG2 1 
ATOM 190  C CD1 . ILE A 1 28  ? -0.780  15.502  16.623  1.00 135.10 ? 185 ILE A CD1 1 
ATOM 191  N N   . SER A 1 29  ? 3.026   17.158  20.118  1.00 74.53  ? 186 SER A N   1 
ATOM 192  C CA  . SER A 1 29  ? 3.473   18.053  21.170  1.00 74.53  ? 186 SER A CA  1 
ATOM 193  C C   . SER A 1 29  ? 3.011   19.468  20.854  1.00 74.53  ? 186 SER A C   1 
ATOM 194  O O   . SER A 1 29  ? 3.418   20.058  19.852  1.00 74.53  ? 186 SER A O   1 
ATOM 195  C CB  . SER A 1 29  ? 4.999   18.007  21.277  1.00 56.48  ? 186 SER A CB  1 
ATOM 196  O OG  . SER A 1 29  ? 5.474   18.846  22.318  1.00 56.48  ? 186 SER A OG  1 
ATOM 197  N N   . HIS A 1 30  ? 2.147   20.007  21.709  1.00 92.78  ? 187 HIS A N   1 
ATOM 198  C CA  . HIS A 1 30  ? 1.649   21.358  21.514  1.00 92.78  ? 187 HIS A CA  1 
ATOM 199  C C   . HIS A 1 30  ? 2.003   22.283  22.672  1.00 92.78  ? 187 HIS A C   1 
ATOM 200  O O   . HIS A 1 30  ? 2.761   21.919  23.571  1.00 92.78  ? 187 HIS A O   1 
ATOM 201  C CB  . HIS A 1 30  ? 0.133   21.352  21.300  1.00 93.52  ? 187 HIS A CB  1 
ATOM 202  C CG  . HIS A 1 30  ? -0.621  20.530  22.295  1.00 93.52  ? 187 HIS A CG  1 
ATOM 203  N ND1 . HIS A 1 30  ? -0.280  20.472  23.630  1.00 62.78  ? 187 HIS A ND1 1 
ATOM 204  C CD2 . HIS A 1 30  ? -1.711  19.740  22.148  1.00 62.78  ? 187 HIS A CD2 1 
ATOM 205  C CE1 . HIS A 1 30  ? -1.127  19.677  24.263  1.00 62.78  ? 187 HIS A CE1 1 
ATOM 206  N NE2 . HIS A 1 30  ? -2.004  19.221  23.386  1.00 62.78  ? 187 HIS A NE2 1 
ATOM 207  N N   . LYS A 1 31  ? 1.443   23.484  22.642  1.00 95.92  ? 188 LYS A N   1 
ATOM 208  C CA  . LYS A 1 31  ? 1.712   24.464  23.676  1.00 95.92  ? 188 LYS A CA  1 
ATOM 209  C C   . LYS A 1 31  ? 0.456   24.903  24.403  1.00 95.92  ? 188 LYS A C   1 
ATOM 210  O O   . LYS A 1 31  ? -0.623  24.977  23.816  1.00 95.92  ? 188 LYS A O   1 
ATOM 211  C CB  . LYS A 1 31  ? 2.403   25.679  23.059  1.00 82.79  ? 188 LYS A CB  1 
ATOM 212  C CG  . LYS A 1 31  ? 3.723   25.343  22.385  1.00 82.79  ? 188 LYS A CG  1 
ATOM 213  C CD  . LYS A 1 31  ? 4.649   24.641  23.364  1.00 82.79  ? 188 LYS A CD  1 
ATOM 214  C CE  . LYS A 1 31  ? 6.027   24.398  22.773  1.00 82.79  ? 188 LYS A CE  1 
ATOM 215  N NZ  . LYS A 1 31  ? 6.935   23.746  23.766  1.00 82.79  ? 188 LYS A NZ  1 
ATOM 216  N N   . ARG A 1 32  ? 0.608   25.185  25.691  1.00 92.97  ? 189 ARG A N   1 
ATOM 217  C CA  . ARG A 1 32  ? -0.504  25.632  26.512  1.00 92.97  ? 189 ARG A CA  1 
ATOM 218  C C   . ARG A 1 32  ? -0.075  26.790  27.407  1.00 92.97  ? 189 ARG A C   1 
ATOM 219  O O   . ARG A 1 32  ? 0.808   26.661  28.253  1.00 92.97  ? 189 ARG A O   1 
ATOM 220  C CB  . ARG A 1 32  ? -1.054  24.458  27.321  1.00 70.09  ? 189 ARG A CB  1 
ATOM 221  C CG  . ARG A 1 32  ? -1.770  23.438  26.436  1.00 70.09  ? 189 ARG A CG  1 
ATOM 222  C CD  . ARG A 1 32  ? -2.944  24.100  25.716  1.00 70.09  ? 189 ARG A CD  1 
ATOM 223  N NE  . ARG A 1 32  ? -2.993  23.812  24.283  1.00 70.09  ? 189 ARG A NE  1 
ATOM 224  C CZ  . ARG A 1 32  ? -3.371  22.653  23.753  1.00 70.09  ? 189 ARG A CZ  1 
ATOM 225  N NH1 . ARG A 1 32  ? -3.739  21.639  24.532  1.00 70.09  ? 189 ARG A NH1 1 
ATOM 226  N NH2 . ARG A 1 32  ? -3.404  22.519  22.437  1.00 70.09  ? 189 ARG A NH2 1 
ATOM 227  N N   . LEU A 1 33  ? -0.723  27.926  27.184  1.00 82.94  ? 190 LEU A N   1 
ATOM 228  C CA  . LEU A 1 33  ? -0.458  29.177  27.877  1.00 82.94  ? 190 LEU A CA  1 
ATOM 229  C C   . LEU A 1 33  ? -0.328  29.171  29.398  1.00 82.94  ? 190 LEU A C   1 
ATOM 230  O O   . LEU A 1 33  ? 0.234   30.106  29.962  1.00 82.94  ? 190 LEU A O   1 
ATOM 231  C CB  . LEU A 1 33  ? -1.526  30.195  27.480  1.00 69.94  ? 190 LEU A CB  1 
ATOM 232  C CG  . LEU A 1 33  ? -1.285  31.673  27.807  1.00 69.94  ? 190 LEU A CG  1 
ATOM 233  C CD1 . LEU A 1 33  ? -0.039  32.200  27.075  1.00 69.94  ? 190 LEU A CD1 1 
ATOM 234  C CD2 . LEU A 1 33  ? -2.524  32.470  27.400  1.00 69.94  ? 190 LEU A CD2 1 
ATOM 235  N N   . ASN A 1 34  ? -0.839  28.143  30.063  1.00 57.50  ? 191 ASN A N   1 
ATOM 236  C CA  . ASN A 1 34  ? -0.778  28.052  31.531  1.00 57.50  ? 191 ASN A CA  1 
ATOM 237  C C   . ASN A 1 34  ? -1.248  29.299  32.326  1.00 57.50  ? 191 ASN A C   1 
ATOM 238  O O   . ASN A 1 34  ? -1.389  30.395  31.775  1.00 57.50  ? 191 ASN A O   1 
ATOM 239  C CB  . ASN A 1 34  ? 0.629   27.613  31.997  1.00 89.98  ? 191 ASN A CB  1 
ATOM 240  C CG  . ASN A 1 34  ? 1.718   28.592  31.635  1.00 89.98  ? 191 ASN A CG  1 
ATOM 241  O OD1 . ASN A 1 34  ? 1.605   29.792  31.880  1.00 89.98  ? 191 ASN A OD1 1 
ATOM 242  N ND2 . ASN A 1 34  ? 2.799   28.078  31.068  1.00 89.98  ? 191 ASN A ND2 1 
ATOM 243  N N   . PRO A 1 35  ? -1.503  29.132  33.638  1.00 73.35  ? 192 PRO A N   1 
ATOM 244  C CA  . PRO A 1 35  ? -1.968  30.187  34.549  1.00 73.35  ? 192 PRO A CA  1 
ATOM 245  C C   . PRO A 1 35  ? -1.113  31.439  34.658  1.00 73.35  ? 192 PRO A C   1 
ATOM 246  O O   . PRO A 1 35  ? -0.734  31.835  35.754  1.00 73.35  ? 192 PRO A O   1 
ATOM 247  C CB  . PRO A 1 35  ? -2.063  29.461  35.891  1.00 83.28  ? 192 PRO A CB  1 
ATOM 248  C CG  . PRO A 1 35  ? -2.331  28.049  35.501  1.00 83.28  ? 192 PRO A CG  1 
ATOM 249  C CD  . PRO A 1 35  ? -1.372  27.858  34.368  1.00 83.28  ? 192 PRO A CD  1 
ATOM 250  N N   . ASP A 1 36  ? -0.826  32.084  33.540  1.00 62.82  ? 193 ASP A N   1 
ATOM 251  C CA  . ASP A 1 36  ? 0.001   33.279  33.588  1.00 62.82  ? 193 ASP A CA  1 
ATOM 252  C C   . ASP A 1 36  ? -0.392  34.268  32.532  1.00 62.82  ? 193 ASP A C   1 
ATOM 253  O O   . ASP A 1 36  ? -0.641  35.434  32.818  1.00 62.82  ? 193 ASP A O   1 
ATOM 254  C CB  . ASP A 1 36  ? 1.470   32.933  33.363  1.00 126.04 ? 193 ASP A CB  1 
ATOM 255  C CG  . ASP A 1 36  ? 2.011   31.995  34.403  1.00 126.04 ? 193 ASP A CG  1 
ATOM 256  O OD1 . ASP A 1 36  ? 1.917   32.315  35.607  1.00 78.59  ? 193 ASP A OD1 1 
ATOM 257  O OD2 . ASP A 1 36  ? 2.540   30.937  34.014  1.00 78.59  ? 193 ASP A OD2 1 
ATOM 258  N N   . GLY A 1 37  ? -0.441  33.792  31.296  1.00 94.66  ? 194 GLY A N   1 
ATOM 259  C CA  . GLY A 1 37  ? -0.750  34.667  30.188  1.00 94.66  ? 194 GLY A CA  1 
ATOM 260  C C   . GLY A 1 37  ? 0.610   35.022  29.632  1.00 94.66  ? 194 GLY A C   1 
ATOM 261  O O   . GLY A 1 37  ? 0.745   35.846  28.733  1.00 94.66  ? 194 GLY A O   1 
ATOM 262  N N   . LYS A 1 38  ? 1.633   34.388  30.196  1.00 84.00  ? 195 LYS A N   1 
ATOM 263  C CA  . LYS A 1 38  ? 3.003   34.607  29.760  1.00 84.00  ? 195 LYS A CA  1 
ATOM 264  C C   . LYS A 1 38  ? 3.701   33.269  29.473  1.00 84.00  ? 195 LYS A C   1 
ATOM 265  O O   . LYS A 1 38  ? 4.018   32.962  28.325  1.00 84.00  ? 195 LYS A O   1 
ATOM 266  C CB  . LYS A 1 38  ? 3.787   35.376  30.829  1.00 122.13 ? 195 LYS A CB  1 
ATOM 267  C CG  . LYS A 1 38  ? 5.165   35.838  30.358  1.00 122.13 ? 195 LYS A CG  1 
ATOM 268  C CD  . LYS A 1 38  ? 6.197   35.810  31.480  1.00 122.13 ? 195 LYS A CD  1 
ATOM 269  C CE  . LYS A 1 38  ? 6.476   34.380  31.935  1.00 122.13 ? 195 LYS A CE  1 
ATOM 270  N NZ  . LYS A 1 38  ? 7.545   34.293  32.970  1.00 122.13 ? 195 LYS A NZ  1 
ATOM 271  N N   . SER A 1 39  ? 3.926   32.477  30.521  1.00 60.77  ? 196 SER A N   1 
ATOM 272  C CA  . SER A 1 39  ? 4.603   31.187  30.390  1.00 60.77  ? 196 SER A CA  1 
ATOM 273  C C   . SER A 1 39  ? 3.892   30.234  29.454  1.00 60.77  ? 196 SER A C   1 
ATOM 274  O O   . SER A 1 39  ? 2.670   30.287  29.319  1.00 60.77  ? 196 SER A O   1 
ATOM 275  C CB  . SER A 1 39  ? 4.742   30.515  31.755  1.00 60.97  ? 196 SER A CB  1 
ATOM 276  O OG  . SER A 1 39  ? 5.458   31.339  32.654  1.00 60.97  ? 196 SER A OG  1 
ATOM 277  N N   . ILE A 1 40  ? 4.663   29.363  28.803  1.00 70.45  ? 197 ILE A N   1 
ATOM 278  C CA  . ILE A 1 40  ? 4.088   28.377  27.891  1.00 70.45  ? 197 ILE A CA  1 
ATOM 279  C C   . ILE A 1 40  ? 4.475   26.960  28.300  1.00 70.45  ? 197 ILE A C   1 
ATOM 280  O O   . ILE A 1 40  ? 5.591   26.707  28.754  1.00 70.45  ? 197 ILE A O   1 
ATOM 281  C CB  . ILE A 1 40  ? 4.520   28.604  26.426  1.00 54.55  ? 197 ILE A CB  1 
ATOM 282  C CG1 . ILE A 1 40  ? 4.404   30.090  26.060  1.00 54.55  ? 197 ILE A CG1 1 
ATOM 283  C CG2 . ILE A 1 40  ? 3.606   27.799  25.505  1.00 54.55  ? 197 ILE A CG2 1 
ATOM 284  C CD1 . ILE A 1 40  ? 4.637   30.393  24.574  1.00 54.55  ? 197 ILE A CD1 1 
ATOM 285  N N   . ARG A 1 41  ? 3.531   26.043  28.135  1.00 71.37  ? 198 ARG A N   1 
ATOM 286  C CA  . ARG A 1 41  ? 3.726   24.648  28.494  1.00 71.37  ? 198 ARG A CA  1 
ATOM 287  C C   . ARG A 1 41  ? 4.362   23.846  27.361  1.00 71.37  ? 198 ARG A C   1 
ATOM 288  O O   . ARG A 1 41  ? 4.487   24.322  26.233  1.00 71.37  ? 198 ARG A O   1 
ATOM 289  C CB  . ARG A 1 41  ? 2.379   24.020  28.840  1.00 139.43 ? 198 ARG A CB  1 
ATOM 290  C CG  . ARG A 1 41  ? 2.488   22.852  29.778  1.00 108.69 ? 198 ARG A CG  1 
ATOM 291  C CD  . ARG A 1 41  ? 2.712   23.356  31.180  1.00 108.69 ? 198 ARG A CD  1 
ATOM 292  N NE  . ARG A 1 41  ? 1.522   24.040  31.682  1.00 108.69 ? 198 ARG A NE  1 
ATOM 293  C CZ  . ARG A 1 41  ? 1.422   24.585  32.893  1.00 108.69 ? 198 ARG A CZ  1 
ATOM 294  N NH1 . ARG A 1 41  ? 2.444   24.538  33.740  1.00 108.69 ? 198 ARG A NH1 1 
ATOM 295  N NH2 . ARG A 1 41  ? 0.286   25.154  33.270  1.00 108.69 ? 198 ARG A NH2 1 
ATOM 296  N N   . ASN A 1 42  ? 4.755   22.616  27.675  1.00 77.17  ? 199 ASN A N   1 
ATOM 297  C CA  . ASN A 1 42  ? 5.352   21.726  26.690  1.00 77.17  ? 199 ASN A CA  1 
ATOM 298  C C   . ASN A 1 42  ? 4.369   20.605  26.370  1.00 77.17  ? 199 ASN A C   1 
ATOM 299  O O   . ASN A 1 42  ? 4.208   20.232  25.214  1.00 77.17  ? 199 ASN A O   1 
ATOM 300  C CB  . ASN A 1 42  ? 6.664   21.119  27.217  1.00 128.17 ? 199 ASN A CB  1 
ATOM 301  C CG  . ASN A 1 42  ? 7.828   22.110  27.212  1.00 97.43  ? 199 ASN A CG  1 
ATOM 302  O OD1 . ASN A 1 42  ? 8.085   22.779  26.210  1.00 97.43  ? 199 ASN A OD1 1 
ATOM 303  N ND2 . ASN A 1 42  ? 8.550   22.186  28.332  1.00 97.43  ? 199 ASN A ND2 1 
ATOM 304  N N   . GLU A 1 43  ? 3.706   20.096  27.407  1.00 94.00  ? 200 GLU A N   1 
ATOM 305  C CA  . GLU A 1 43  ? 2.742   18.990  27.316  1.00 94.00  ? 200 GLU A CA  1 
ATOM 306  C C   . GLU A 1 43  ? 2.353   18.442  25.935  1.00 94.00  ? 200 GLU A C   1 
ATOM 307  O O   . GLU A 1 43  ? 2.089   19.190  24.987  1.00 94.00  ? 200 GLU A O   1 
ATOM 308  C CB  . GLU A 1 43  ? 1.466   19.322  28.112  1.00 115.59 ? 200 GLU A CB  1 
ATOM 309  C CG  . GLU A 1 43  ? 0.712   20.565  27.677  1.00 115.59 ? 200 GLU A CG  1 
ATOM 310  C CD  . GLU A 1 43  ? -0.531  20.802  28.522  1.00 115.59 ? 200 GLU A CD  1 
ATOM 311  O OE1 . GLU A 1 43  ? -1.453  19.959  28.468  1.00 115.59 ? 200 GLU A OE1 1 
ATOM 312  O OE2 . GLU A 1 43  ? -0.585  21.825  29.240  1.00 115.59 ? 200 GLU A OE2 1 
ATOM 313  N N   . ASP A 1 44  ? 2.312   17.112  25.855  1.00 129.08 ? 201 ASP A N   1 
ATOM 314  C CA  . ASP A 1 44  ? 1.970   16.394  24.634  1.00 129.08 ? 201 ASP A CA  1 
ATOM 315  C C   . ASP A 1 44  ? 0.516   15.946  24.624  1.00 129.08 ? 201 ASP A C   1 
ATOM 316  O O   . ASP A 1 44  ? -0.294  16.403  25.434  1.00 129.08 ? 201 ASP A O   1 
ATOM 317  C CB  . ASP A 1 44  ? 2.860   15.164  24.485  1.00 133.36 ? 201 ASP A CB  1 
ATOM 318  C CG  . ASP A 1 44  ? 4.320   15.484  24.678  1.00 133.36 ? 201 ASP A CG  1 
ATOM 319  O OD1 . ASP A 1 44  ? 4.826   16.382  23.972  1.00 102.62 ? 201 ASP A OD1 1 
ATOM 320  O OD2 . ASP A 1 44  ? 4.960   14.838  25.534  1.00 102.62 ? 201 ASP A OD2 1 
ATOM 321  N N   . LYS A 1 45  ? 0.197   15.037  23.708  1.00 100.52 ? 202 LYS A N   1 
ATOM 322  C CA  . LYS A 1 45  ? -1.160  14.519  23.567  1.00 100.52 ? 202 LYS A CA  1 
ATOM 323  C C   . LYS A 1 45  ? -1.131  13.361  22.561  1.00 100.52 ? 202 LYS A C   1 
ATOM 324  O O   . LYS A 1 45  ? -0.579  13.493  21.467  1.00 100.52 ? 202 LYS A O   1 
ATOM 325  C CB  . LYS A 1 45  ? -2.086  15.643  23.069  1.00 99.30  ? 202 LYS A CB  1 
ATOM 326  C CG  . LYS A 1 45  ? -3.513  15.663  23.643  1.00 68.56  ? 202 LYS A CG  1 
ATOM 327  C CD  . LYS A 1 45  ? -4.153  17.059  23.437  1.00 68.56  ? 202 LYS A CD  1 
ATOM 328  C CE  . LYS A 1 45  ? -5.473  17.252  24.211  1.00 68.56  ? 202 LYS A CE  1 
ATOM 329  N NZ  . LYS A 1 45  ? -5.770  18.705  24.528  1.00 68.56  ? 202 LYS A NZ  1 
ATOM 330  N N   . ILE A 1 46  ? -1.704  12.225  22.953  1.00 69.40  ? 203 ILE A N   1 
ATOM 331  C CA  . ILE A 1 46  ? -1.770  11.046  22.096  1.00 69.40  ? 203 ILE A CA  1 
ATOM 332  C C   . ILE A 1 46  ? -3.100  11.021  21.350  1.00 69.40  ? 203 ILE A C   1 
ATOM 333  O O   . ILE A 1 46  ? -4.121  10.613  21.913  1.00 69.40  ? 203 ILE A O   1 
ATOM 334  C CB  . ILE A 1 46  ? -1.645  9.743   22.920  1.00 77.19  ? 203 ILE A CB  1 
ATOM 335  C CG1 . ILE A 1 46  ? -0.178  9.468   23.229  1.00 46.45  ? 203 ILE A CG1 1 
ATOM 336  C CG2 . ILE A 1 46  ? -2.250  8.566   22.169  1.00 46.45  ? 203 ILE A CG2 1 
ATOM 337  C CD1 . ILE A 1 46  ? 0.087   8.071   23.828  1.00 46.45  ? 203 ILE A CD1 1 
ATOM 338  N N   . LEU A 1 47  ? -3.090  11.453  20.089  1.00 74.69  ? 204 LEU A N   1 
ATOM 339  C CA  . LEU A 1 47  ? -4.304  11.471  19.276  1.00 74.69  ? 204 LEU A CA  1 
ATOM 340  C C   . LEU A 1 47  ? -4.527  10.117  18.633  1.00 74.69  ? 204 LEU A C   1 
ATOM 341  O O   . LEU A 1 47  ? -3.719  9.665   17.830  1.00 74.69  ? 204 LEU A O   1 
ATOM 342  C CB  . LEU A 1 47  ? -4.206  12.530  18.181  1.00 75.14  ? 204 LEU A CB  1 
ATOM 343  C CG  . LEU A 1 47  ? -3.884  13.963  18.612  1.00 44.40  ? 204 LEU A CG  1 
ATOM 344  C CD1 . LEU A 1 47  ? -3.945  14.884  17.408  1.00 75.14  ? 204 LEU A CD1 1 
ATOM 345  C CD2 . LEU A 1 47  ? -4.872  14.422  19.677  1.00 44.40  ? 204 LEU A CD2 1 
ATOM 346  N N   . THR A 1 48  ? -5.627  9.469   18.996  1.00 59.26  ? 205 THR A N   1 
ATOM 347  C CA  . THR A 1 48  ? -5.965  8.161   18.454  1.00 59.26  ? 205 THR A CA  1 
ATOM 348  C C   . THR A 1 48  ? -6.701  8.330   17.135  1.00 59.26  ? 205 THR A C   1 
ATOM 349  O O   . THR A 1 48  ? -7.481  9.265   16.970  1.00 59.26  ? 205 THR A O   1 
ATOM 350  C CB  . THR A 1 48  ? -6.845  7.392   19.430  1.00 82.60  ? 205 THR A CB  1 
ATOM 351  O OG1 . THR A 1 48  ? -6.109  7.169   20.637  1.00 51.86  ? 205 THR A OG1 1 
ATOM 352  C CG2 . THR A 1 48  ? -7.279  6.067   18.831  1.00 51.86  ? 205 THR A CG2 1 
ATOM 353  N N   . ILE A 1 49  ? -6.457  7.428   16.192  1.00 69.03  ? 206 ILE A N   1 
ATOM 354  C CA  . ILE A 1 49  ? -7.095  7.539   14.893  1.00 69.03  ? 206 ILE A CA  1 
ATOM 355  C C   . ILE A 1 49  ? -7.537  6.204   14.325  1.00 69.03  ? 206 ILE A C   1 
ATOM 356  O O   . ILE A 1 49  ? -6.748  5.259   14.242  1.00 69.03  ? 206 ILE A O   1 
ATOM 357  C CB  . ILE A 1 49  ? -6.151  8.198   13.861  1.00 75.15  ? 206 ILE A CB  1 
ATOM 358  C CG1 . ILE A 1 49  ? -5.588  9.512   14.414  1.00 75.15  ? 206 ILE A CG1 1 
ATOM 359  C CG2 . ILE A 1 49  ? -6.911  8.469   12.574  1.00 75.15  ? 206 ILE A CG2 1 
ATOM 360  C CD1 . ILE A 1 49  ? -4.633  10.223  13.475  1.00 75.15  ? 206 ILE A CD1 1 
ATOM 361  N N   . GLU A 1 50  ? -8.803  6.140   13.918  1.00 55.08  ? 207 GLU A N   1 
ATOM 362  C CA  . GLU A 1 50  ? -9.350  4.925   13.342  1.00 55.08  ? 207 GLU A CA  1 
ATOM 363  C C   . GLU A 1 50  ? -9.269  4.940   11.827  1.00 55.08  ? 207 GLU A C   1 
ATOM 364  O O   . GLU A 1 50  ? -9.880  5.779   11.163  1.00 55.08  ? 207 GLU A O   1 
ATOM 365  C CB  . GLU A 1 50  ? -10.802 4.729   13.771  1.00 96.21  ? 207 GLU A CB  1 
ATOM 366  C CG  . GLU A 1 50  ? -10.992 3.490   14.617  1.00 96.21  ? 207 GLU A CG  1 
ATOM 367  C CD  . GLU A 1 50  ? -9.987  3.408   15.765  1.00 96.21  ? 207 GLU A CD  1 
ATOM 368  O OE1 . GLU A 1 50  ? -9.983  4.311   16.638  1.00 96.21  ? 207 GLU A OE1 1 
ATOM 369  O OE2 . GLU A 1 50  ? -9.197  2.439   15.790  1.00 65.47  ? 207 GLU A OE2 1 
ATOM 370  N N   . VAL A 1 51  ? -8.499  4.008   11.283  1.00 62.73  ? 208 VAL A N   1 
ATOM 371  C CA  . VAL A 1 51  ? -8.356  3.904   9.847   1.00 62.73  ? 208 VAL A CA  1 
ATOM 372  C C   . VAL A 1 51  ? -9.269  2.796   9.350   1.00 62.73  ? 208 VAL A C   1 
ATOM 373  O O   . VAL A 1 51  ? -8.985  1.615   9.556   1.00 62.73  ? 208 VAL A O   1 
ATOM 374  C CB  . VAL A 1 51  ? -6.918  3.564   9.446   1.00 73.72  ? 208 VAL A CB  1 
ATOM 375  C CG1 . VAL A 1 51  ? -6.840  3.427   7.944   1.00 42.98  ? 208 VAL A CG1 1 
ATOM 376  C CG2 . VAL A 1 51  ? -5.959  4.649   9.937   1.00 42.98  ? 208 VAL A CG2 1 
ATOM 377  N N   . LYS A 1 52  ? -10.369 3.180   8.706   1.00 59.30  ? 209 LYS A N   1 
ATOM 378  C CA  . LYS A 1 52  ? -11.318 2.202   8.178   1.00 59.30  ? 209 LYS A CA  1 
ATOM 379  C C   . LYS A 1 52  ? -10.721 1.444   7.005   1.00 59.30  ? 209 LYS A C   1 
ATOM 380  O O   . LYS A 1 52  ? -9.926  1.999   6.243   1.00 59.30  ? 209 LYS A O   1 
ATOM 381  C CB  . LYS A 1 52  ? -12.610 2.886   7.722   1.00 107.21 ? 209 LYS A CB  1 
ATOM 382  C CG  . LYS A 1 52  ? -13.532 3.340   8.839   1.00 107.21 ? 209 LYS A CG  1 
ATOM 383  C CD  . LYS A 1 52  ? -14.891 3.744   8.274   1.00 107.21 ? 209 LYS A CD  1 
ATOM 384  C CE  . LYS A 1 52  ? -15.902 4.061   9.371   1.00 107.21 ? 209 LYS A CE  1 
ATOM 385  N NZ  . LYS A 1 52  ? -17.266 4.348   8.827   1.00 107.21 ? 209 LYS A NZ  1 
ATOM 386  N N   . LYS A 1 53  ? -11.120 0.182   6.859   1.00 54.48  ? 210 LYS A N   1 
ATOM 387  C CA  . LYS A 1 53  ? -10.643 -0.669  5.771   1.00 54.48  ? 210 LYS A CA  1 
ATOM 388  C C   . LYS A 1 53  ? -10.537 0.058   4.430   1.00 54.48  ? 210 LYS A C   1 
ATOM 389  O O   . LYS A 1 53  ? -11.340 0.938   4.107   1.00 54.48  ? 210 LYS A O   1 
ATOM 390  C CB  . LYS A 1 53  ? -11.564 -1.874  5.582   1.00 77.58  ? 210 LYS A CB  1 
ATOM 391  C CG  . LYS A 1 53  ? -11.586 -2.858  6.726   1.00 77.58  ? 210 LYS A CG  1 
ATOM 392  C CD  . LYS A 1 53  ? -12.425 -4.065  6.344   1.00 77.58  ? 210 LYS A CD  1 
ATOM 393  C CE  . LYS A 1 53  ? -12.580 -5.039  7.501   1.00 46.84  ? 210 LYS A CE  1 
ATOM 394  N NZ  . LYS A 1 53  ? -11.269 -5.429  8.089   1.00 46.84  ? 210 LYS A NZ  1 
ATOM 395  N N   . GLY A 1 54  ? -9.529  -0.335  3.658   1.00 45.64  ? 211 GLY A N   1 
ATOM 396  C CA  . GLY A 1 54  ? -9.295  0.233   2.344   1.00 45.64  ? 211 GLY A CA  1 
ATOM 397  C C   . GLY A 1 54  ? -9.569  1.703   2.111   1.00 45.64  ? 211 GLY A C   1 
ATOM 398  O O   . GLY A 1 54  ? -10.256 2.055   1.164   1.00 45.64  ? 211 GLY A O   1 
ATOM 399  N N   . TRP A 1 55  ? -9.029  2.576   2.946   1.00 49.21  ? 212 TRP A N   1 
ATOM 400  C CA  . TRP A 1 55  ? -9.264  3.992   2.738   1.00 49.21  ? 212 TRP A CA  1 
ATOM 401  C C   . TRP A 1 55  ? -8.352  4.535   1.664   1.00 49.21  ? 212 TRP A C   1 
ATOM 402  O O   . TRP A 1 55  ? -7.131  4.421   1.770   1.00 49.21  ? 212 TRP A O   1 
ATOM 403  C CB  . TRP A 1 55  ? -9.034  4.772   4.029   1.00 67.51  ? 212 TRP A CB  1 
ATOM 404  C CG  . TRP A 1 55  ? -10.281 5.027   4.791   1.00 67.51  ? 212 TRP A CG  1 
ATOM 405  C CD1 . TRP A 1 55  ? -11.547 4.643   4.451   1.00 67.51  ? 212 TRP A CD1 1 
ATOM 406  C CD2 . TRP A 1 55  ? -10.394 5.726   6.032   1.00 67.51  ? 212 TRP A CD2 1 
ATOM 407  N NE1 . TRP A 1 55  ? -12.440 5.059   5.405   1.00 67.51  ? 212 TRP A NE1 1 
ATOM 408  C CE2 . TRP A 1 55  ? -11.760 5.726   6.388   1.00 67.51  ? 212 TRP A CE2 1 
ATOM 409  C CE3 . TRP A 1 55  ? -9.471  6.353   6.879   1.00 67.51  ? 212 TRP A CE3 1 
ATOM 410  C CZ2 . TRP A 1 55  ? -12.230 6.328   7.559   1.00 67.51  ? 212 TRP A CZ2 1 
ATOM 411  C CZ3 . TRP A 1 55  ? -9.940  6.953   8.047   1.00 67.51  ? 212 TRP A CZ3 1 
ATOM 412  C CH2 . TRP A 1 55  ? -11.309 6.934   8.373   1.00 67.51  ? 212 TRP A CH2 1 
ATOM 413  N N   . LYS A 1 56  ? -8.937  5.112   0.620   1.00 58.83  ? 213 LYS A N   1 
ATOM 414  C CA  . LYS A 1 56  ? -8.120  5.694   -0.426  1.00 58.83  ? 213 LYS A CA  1 
ATOM 415  C C   . LYS A 1 56  ? -7.172  6.560   0.361   1.00 58.83  ? 213 LYS A C   1 
ATOM 416  O O   . LYS A 1 56  ? -7.599  7.420   1.127   1.00 58.83  ? 213 LYS A O   1 
ATOM 417  C CB  . LYS A 1 56  ? -8.952  6.565   -1.369  1.00 85.00  ? 213 LYS A CB  1 
ATOM 418  C CG  . LYS A 1 56  ? -9.660  5.799   -2.479  1.00 85.00  ? 213 LYS A CG  1 
ATOM 419  C CD  . LYS A 1 56  ? -10.535 6.714   -3.345  1.00 85.00  ? 213 LYS A CD  1 
ATOM 420  C CE  . LYS A 1 56  ? -9.747  7.880   -3.944  1.00 85.00  ? 213 LYS A CE  1 
ATOM 421  N NZ  . LYS A 1 56  ? -8.555  7.439   -4.726  1.00 85.00  ? 213 LYS A NZ  1 
ATOM 422  N N   . GLU A 1 57  ? -5.885  6.303   0.221   1.00 58.78  ? 214 GLU A N   1 
ATOM 423  C CA  . GLU A 1 57  ? -4.912  7.099   0.935   1.00 58.78  ? 214 GLU A CA  1 
ATOM 424  C C   . GLU A 1 57  ? -5.149  8.540   0.485   1.00 58.78  ? 214 GLU A C   1 
ATOM 425  O O   . GLU A 1 57  ? -5.741  8.780   -0.569  1.00 58.78  ? 214 GLU A O   1 
ATOM 426  C CB  . GLU A 1 57  ? -3.509  6.626   0.568   1.00 83.30  ? 214 GLU A CB  1 
ATOM 427  C CG  . GLU A 1 57  ? -3.124  6.946   -0.849  1.00 52.56  ? 214 GLU A CG  1 
ATOM 428  C CD  . GLU A 1 57  ? -2.442  8.280   -0.941  1.00 52.56  ? 214 GLU A CD  1 
ATOM 429  O OE1 . GLU A 1 57  ? -1.196  8.324   -0.816  1.00 52.56  ? 214 GLU A OE1 1 
ATOM 430  O OE2 . GLU A 1 57  ? -3.156  9.286   -1.114  1.00 52.56  ? 214 GLU A OE2 1 
ATOM 431  N N   . GLY A 1 58  ? -4.709  9.503   1.278   1.00 53.23  ? 215 GLY A N   1 
ATOM 432  C CA  . GLY A 1 58  ? -4.920  10.884  0.901   1.00 53.23  ? 215 GLY A CA  1 
ATOM 433  C C   . GLY A 1 58  ? -6.102  11.451  1.649   1.00 53.23  ? 215 GLY A C   1 
ATOM 434  O O   . GLY A 1 58  ? -6.222  12.668  1.787   1.00 53.23  ? 215 GLY A O   1 
ATOM 435  N N   . THR A 1 59  ? -6.980  10.578  2.138   1.00 44.02  ? 216 THR A N   1 
ATOM 436  C CA  . THR A 1 59  ? -8.148  11.044  2.885   1.00 44.02  ? 216 THR A CA  1 
ATOM 437  C C   . THR A 1 59  ? -7.697  11.788  4.149   1.00 44.02  ? 216 THR A C   1 
ATOM 438  O O   . THR A 1 59  ? -6.853  11.293  4.908   1.00 44.02  ? 216 THR A O   1 
ATOM 439  C CB  . THR A 1 59  ? -9.077  9.878   3.268   1.00 60.43  ? 216 THR A CB  1 
ATOM 440  O OG1 . THR A 1 59  ? -8.328  8.887   3.977   1.00 60.43  ? 216 THR A OG1 1 
ATOM 441  C CG2 . THR A 1 59  ? -9.704  9.255   2.015   1.00 60.43  ? 216 THR A CG2 1 
ATOM 442  N N   . LYS A 1 60  ? -8.255  12.980  4.368   1.00 62.92  ? 217 LYS A N   1 
ATOM 443  C CA  . LYS A 1 60  ? -7.872  13.793  5.520   1.00 62.92  ? 217 LYS A CA  1 
ATOM 444  C C   . LYS A 1 60  ? -8.587  13.474  6.834   1.00 62.92  ? 217 LYS A C   1 
ATOM 445  O O   . LYS A 1 60  ? -9.742  13.037  6.843   1.00 62.92  ? 217 LYS A O   1 
ATOM 446  C CB  . LYS A 1 60  ? -8.046  15.276  5.196   1.00 60.53  ? 217 LYS A CB  1 
ATOM 447  C CG  . LYS A 1 60  ? -7.267  15.729  3.975   1.00 60.53  ? 217 LYS A CG  1 
ATOM 448  C CD  . LYS A 1 60  ? -7.093  17.245  3.950   1.00 60.53  ? 217 LYS A CD  1 
ATOM 449  C CE  . LYS A 1 60  ? -8.426  17.996  4.003   1.00 60.53  ? 217 LYS A CE  1 
ATOM 450  N NZ  . LYS A 1 60  ? -8.237  19.477  4.147   1.00 60.53  ? 217 LYS A NZ  1 
ATOM 451  N N   . ILE A 1 61  ? -7.860  13.686  7.935   1.00 44.68  ? 218 ILE A N   1 
ATOM 452  C CA  . ILE A 1 61  ? -8.346  13.463  9.303   1.00 44.68  ? 218 ILE A CA  1 
ATOM 453  C C   . ILE A 1 61  ? -7.998  14.684  10.147  1.00 44.68  ? 218 ILE A C   1 
ATOM 454  O O   . ILE A 1 61  ? -6.819  14.951  10.422  1.00 44.68  ? 218 ILE A O   1 
ATOM 455  C CB  . ILE A 1 61  ? -7.687  12.239  9.967   1.00 55.25  ? 218 ILE A CB  1 
ATOM 456  C CG1 . ILE A 1 61  ? -8.295  10.950  9.424   1.00 55.25  ? 218 ILE A CG1 1 
ATOM 457  C CG2 . ILE A 1 61  ? -7.868  12.311  11.469  1.00 55.25  ? 218 ILE A CG2 1 
ATOM 458  C CD1 . ILE A 1 61  ? -7.897  10.630  8.013   1.00 55.25  ? 218 ILE A CD1 1 
ATOM 459  N N   . THR A 1 62  ? -9.026  15.402  10.588  1.00 58.87  ? 219 THR A N   1 
ATOM 460  C CA  . THR A 1 62  ? -8.802  16.612  11.367  1.00 58.87  ? 219 THR A CA  1 
ATOM 461  C C   . THR A 1 62  ? -9.017  16.522  12.868  1.00 58.87  ? 219 THR A C   1 
ATOM 462  O O   . THR A 1 62  ? -9.898  15.813  13.351  1.00 58.87  ? 219 THR A O   1 
ATOM 463  C CB  . THR A 1 62  ? -9.681  17.745  10.846  1.00 55.81  ? 219 THR A CB  1 
ATOM 464  O OG1 . THR A 1 62  ? -9.659  17.733  9.413   1.00 55.81  ? 219 THR A OG1 1 
ATOM 465  C CG2 . THR A 1 62  ? -9.164  19.080  11.334  1.00 55.81  ? 219 THR A CG2 1 
ATOM 466  N N   . PHE A 1 63  ? -8.182  17.254  13.593  1.00 64.12  ? 220 PHE A N   1 
ATOM 467  C CA  . PHE A 1 63  ? -8.263  17.348  15.044  1.00 64.12  ? 220 PHE A CA  1 
ATOM 468  C C   . PHE A 1 63  ? -8.409  18.837  15.351  1.00 64.12  ? 220 PHE A C   1 
ATOM 469  O O   . PHE A 1 63  ? -7.470  19.623  15.171  1.00 64.12  ? 220 PHE A O   1 
ATOM 470  C CB  . PHE A 1 63  ? -7.006  16.779  15.711  1.00 70.47  ? 220 PHE A CB  1 
ATOM 471  C CG  . PHE A 1 63  ? -6.971  15.280  15.746  1.00 70.47  ? 220 PHE A CG  1 
ATOM 472  C CD1 . PHE A 1 63  ? -6.796  14.545  14.578  1.00 70.47  ? 220 PHE A CD1 1 
ATOM 473  C CD2 . PHE A 1 63  ? -7.150  14.596  16.945  1.00 70.47  ? 220 PHE A CD2 1 
ATOM 474  C CE1 . PHE A 1 63  ? -6.802  13.148  14.604  1.00 70.47  ? 220 PHE A CE1 1 
ATOM 475  C CE2 . PHE A 1 63  ? -7.158  13.201  16.982  1.00 70.47  ? 220 PHE A CE2 1 
ATOM 476  C CZ  . PHE A 1 63  ? -6.984  12.476  15.810  1.00 70.47  ? 220 PHE A CZ  1 
ATOM 477  N N   . PRO A 1 64  ? -9.604  19.246  15.804  1.00 62.76  ? 221 PRO A N   1 
ATOM 478  C CA  . PRO A 1 64  ? -9.906  20.640  16.135  1.00 62.76  ? 221 PRO A CA  1 
ATOM 479  C C   . PRO A 1 64  ? -8.888  21.309  17.045  1.00 62.76  ? 221 PRO A C   1 
ATOM 480  O O   . PRO A 1 64  ? -8.480  20.748  18.064  1.00 62.76  ? 221 PRO A O   1 
ATOM 481  C CB  . PRO A 1 64  ? -11.285 20.547  16.779  1.00 138.29 ? 221 PRO A CB  1 
ATOM 482  C CG  . PRO A 1 64  ? -11.261 19.191  17.412  1.00 138.29 ? 221 PRO A CG  1 
ATOM 483  C CD  . PRO A 1 64  ? -10.663 18.358  16.312  1.00 138.29 ? 221 PRO A CD  1 
ATOM 484  N N   . LYS A 1 65  ? -8.479  22.505  16.639  1.00 88.19  ? 222 LYS A N   1 
ATOM 485  C CA  . LYS A 1 65  ? -7.532  23.344  17.363  1.00 88.19  ? 222 LYS A CA  1 
ATOM 486  C C   . LYS A 1 65  ? -6.528  22.675  18.312  1.00 88.19  ? 222 LYS A C   1 
ATOM 487  O O   . LYS A 1 65  ? -6.171  23.254  19.340  1.00 88.19  ? 222 LYS A O   1 
ATOM 488  C CB  . LYS A 1 65  ? -8.318  24.414  18.120  1.00 148.35 ? 222 LYS A CB  1 
ATOM 489  C CG  . LYS A 1 65  ? -9.122  25.329  17.206  1.00 148.35 ? 222 LYS A CG  1 
ATOM 490  C CD  . LYS A 1 65  ? -10.487 25.678  17.798  1.00 117.61 ? 222 LYS A CD  1 
ATOM 491  C CE  . LYS A 1 65  ? -11.419 24.462  17.818  1.00 117.61 ? 222 LYS A CE  1 
ATOM 492  N NZ  . LYS A 1 65  ? -12.812 24.795  18.254  1.00 117.61 ? 222 LYS A NZ  1 
ATOM 493  N N   . GLU A 1 66  ? -6.060  21.475  17.975  1.00 52.63  ? 223 GLU A N   1 
ATOM 494  C CA  . GLU A 1 66  ? -5.081  20.784  18.819  1.00 52.63  ? 223 GLU A CA  1 
ATOM 495  C C   . GLU A 1 66  ? -3.733  21.506  18.778  1.00 52.63  ? 223 GLU A C   1 
ATOM 496  O O   . GLU A 1 66  ? -2.817  21.161  19.524  1.00 52.63  ? 223 GLU A O   1 
ATOM 497  C CB  . GLU A 1 66  ? -4.872  19.355  18.331  1.00 81.11  ? 223 GLU A CB  1 
ATOM 498  C CG  . GLU A 1 66  ? -6.023  18.412  18.581  1.00 81.11  ? 223 GLU A CG  1 
ATOM 499  C CD  . GLU A 1 66  ? -6.234  18.125  20.051  1.00 81.11  ? 223 GLU A CD  1 
ATOM 500  O OE1 . GLU A 1 66  ? -5.238  18.107  20.808  1.00 81.11  ? 223 GLU A OE1 1 
ATOM 501  O OE2 . GLU A 1 66  ? -7.398  17.899  20.445  1.00 50.37  ? 223 GLU A OE2 1 
ATOM 502  N N   . GLY A 1 67  ? -3.632  22.497  17.891  1.00 61.16  ? 224 GLY A N   1 
ATOM 503  C CA  . GLY A 1 67  ? -2.413  23.274  17.706  1.00 61.16  ? 224 GLY A CA  1 
ATOM 504  C C   . GLY A 1 67  ? -1.637  23.783  18.911  1.00 61.16  ? 224 GLY A C   1 
ATOM 505  O O   . GLY A 1 67  ? -1.218  23.004  19.760  1.00 61.16  ? 224 GLY A O   1 
ATOM 506  N N   . ASP A 1 68  ? -1.432  25.095  18.983  1.00 113.19 ? 225 ASP A N   1 
ATOM 507  C CA  . ASP A 1 68  ? -0.669  25.689  20.078  1.00 113.19 ? 225 ASP A CA  1 
ATOM 508  C C   . ASP A 1 68  ? -1.514  26.372  21.150  1.00 113.19 ? 225 ASP A C   1 
ATOM 509  O O   . ASP A 1 68  ? -2.176  25.709  21.949  1.00 113.19 ? 225 ASP A O   1 
ATOM 510  C CB  . ASP A 1 68  ? 0.334   26.693  19.513  1.00 119.97 ? 225 ASP A CB  1 
ATOM 511  C CG  . ASP A 1 68  ? 1.362   26.041  18.621  1.00 119.97 ? 225 ASP A CG  1 
ATOM 512  O OD1 . ASP A 1 68  ? 2.119   26.775  17.952  1.00 119.97 ? 225 ASP A OD1 1 
ATOM 513  O OD2 . ASP A 1 68  ? 1.418   24.793  18.593  1.00 119.97 ? 225 ASP A OD2 1 
ATOM 514  N N   . GLN A 1 69  ? -1.465  27.702  21.163  1.00 123.58 ? 226 GLN A N   1 
ATOM 515  C CA  . GLN A 1 69  ? -2.210  28.509  22.125  1.00 123.58 ? 226 GLN A CA  1 
ATOM 516  C C   . GLN A 1 69  ? -2.199  29.975  21.659  1.00 123.58 ? 226 GLN A C   1 
ATOM 517  O O   . GLN A 1 69  ? -1.438  30.795  22.178  1.00 123.58 ? 226 GLN A O   1 
ATOM 518  C CB  . GLN A 1 69  ? -1.563  28.389  23.512  1.00 122.33 ? 226 GLN A CB  1 
ATOM 519  C CG  . GLN A 1 69  ? -2.498  28.673  24.688  1.00 122.33 ? 226 GLN A CG  1 
ATOM 520  C CD  . GLN A 1 69  ? -3.253  27.438  25.169  1.00 91.59  ? 226 GLN A CD  1 
ATOM 521  O OE1 . GLN A 1 69  ? -3.980  26.801  24.409  1.00 91.59  ? 226 GLN A OE1 1 
ATOM 522  N NE2 . GLN A 1 69  ? -3.084  27.100  26.443  1.00 91.59  ? 226 GLN A NE2 1 
ATOM 523  N N   . THR A 1 70  ? -3.047  30.288  20.677  1.00 159.65 ? 227 THR A N   1 
ATOM 524  C CA  . THR A 1 70  ? -3.152  31.637  20.108  1.00 159.65 ? 227 THR A CA  1 
ATOM 525  C C   . THR A 1 70  ? -1.794  32.182  19.682  1.00 159.65 ? 227 THR A C   1 
ATOM 526  O O   . THR A 1 70  ? -1.133  32.895  20.432  1.00 159.65 ? 227 THR A O   1 
ATOM 527  C CB  . THR A 1 70  ? -3.805  32.631  21.106  1.00 123.58 ? 227 THR A CB  1 
ATOM 528  O OG1 . THR A 1 70  ? -5.180  32.281  21.297  1.00 92.84  ? 227 THR A OG1 1 
ATOM 529  C CG2 . THR A 1 70  ? -3.737  34.064  20.577  1.00 92.84  ? 227 THR A CG2 1 
ATOM 530  N N   . ILE A 1 74  ? -5.944  31.696  16.930  1.00 156.35 ? 231 ILE A N   1 
ATOM 531  C CA  . ILE A 1 74  ? -6.367  30.461  17.575  1.00 156.35 ? 231 ILE A CA  1 
ATOM 532  C C   . ILE A 1 74  ? -5.613  29.249  17.034  1.00 156.35 ? 231 ILE A C   1 
ATOM 533  O O   . ILE A 1 74  ? -5.350  29.154  15.832  1.00 156.35 ? 231 ILE A O   1 
ATOM 534  C CB  . ILE A 1 74  ? -7.894  30.231  17.398  1.00 162.25 ? 231 ILE A CB  1 
ATOM 535  C CG1 . ILE A 1 74  ? -8.663  31.145  18.356  1.00 114.80 ? 231 ILE A CG1 1 
ATOM 536  C CG2 . ILE A 1 74  ? -8.252  28.764  17.640  1.00 114.80 ? 231 ILE A CG2 1 
ATOM 537  C CD1 . ILE A 1 74  ? -10.164 30.903  18.383  1.00 114.80 ? 231 ILE A CD1 1 
ATOM 538  N N   . PRO A 1 75  ? -5.257  28.305  17.925  1.00 135.69 ? 232 PRO A N   1 
ATOM 539  C CA  . PRO A 1 75  ? -4.533  27.074  17.598  1.00 135.69 ? 232 PRO A CA  1 
ATOM 540  C C   . PRO A 1 75  ? -4.960  26.430  16.289  1.00 135.69 ? 232 PRO A C   1 
ATOM 541  O O   . PRO A 1 75  ? -6.148  26.341  15.970  1.00 135.69 ? 232 PRO A O   1 
ATOM 542  C CB  . PRO A 1 75  ? -4.815  26.190  18.802  1.00 93.61  ? 232 PRO A CB  1 
ATOM 543  C CG  . PRO A 1 75  ? -4.746  27.176  19.912  1.00 93.61  ? 232 PRO A CG  1 
ATOM 544  C CD  . PRO A 1 75  ? -5.556  28.347  19.369  1.00 93.61  ? 232 PRO A CD  1 
ATOM 545  N N   . ALA A 1 76  ? -3.966  25.977  15.537  1.00 60.42  ? 233 ALA A N   1 
ATOM 546  C CA  . ALA A 1 76  ? -4.207  25.352  14.252  1.00 60.42  ? 233 ALA A CA  1 
ATOM 547  C C   . ALA A 1 76  ? -4.965  24.043  14.388  1.00 60.42  ? 233 ALA A C   1 
ATOM 548  O O   . ALA A 1 76  ? -5.001  23.426  15.456  1.00 60.42  ? 233 ALA A O   1 
ATOM 549  C CB  . ALA A 1 76  ? -2.883  25.102  13.549  1.00 52.91  ? 233 ALA A CB  1 
ATOM 550  N N   . ASP A 1 77  ? -5.589  23.630  13.296  1.00 88.43  ? 234 ASP A N   1 
ATOM 551  C CA  . ASP A 1 77  ? -6.297  22.369  13.287  1.00 88.43  ? 234 ASP A CA  1 
ATOM 552  C C   . ASP A 1 77  ? -5.298  21.357  12.747  1.00 88.43  ? 234 ASP A C   1 
ATOM 553  O O   . ASP A 1 77  ? -4.956  21.381  11.564  1.00 88.43  ? 234 ASP A O   1 
ATOM 554  C CB  . ASP A 1 77  ? -7.527  22.441  12.384  1.00 116.59 ? 234 ASP A CB  1 
ATOM 555  C CG  . ASP A 1 77  ? -8.685  23.154  13.042  1.00 85.85  ? 234 ASP A CG  1 
ATOM 556  O OD1 . ASP A 1 77  ? -9.180  22.653  14.078  1.00 85.85  ? 234 ASP A OD1 1 
ATOM 557  O OD2 . ASP A 1 77  ? -9.099  24.215  12.532  1.00 85.85  ? 234 ASP A OD2 1 
ATOM 558  N N   . ILE A 1 78  ? -4.804  20.495  13.631  1.00 47.83  ? 235 ILE A N   1 
ATOM 559  C CA  . ILE A 1 78  ? -3.846  19.462  13.246  1.00 47.83  ? 235 ILE A CA  1 
ATOM 560  C C   . ILE A 1 78  ? -4.518  18.377  12.404  1.00 47.83  ? 235 ILE A C   1 
ATOM 561  O O   . ILE A 1 78  ? -5.345  17.606  12.901  1.00 47.83  ? 235 ILE A O   1 
ATOM 562  C CB  . ILE A 1 78  ? -3.205  18.822  14.488  1.00 89.54  ? 235 ILE A CB  1 
ATOM 563  C CG1 . ILE A 1 78  ? -2.353  19.873  15.208  1.00 58.80  ? 235 ILE A CG1 1 
ATOM 564  C CG2 . ILE A 1 78  ? -2.374  17.604  14.083  1.00 58.80  ? 235 ILE A CG2 1 
ATOM 565  C CD1 . ILE A 1 78  ? -1.821  19.433  16.555  1.00 89.54  ? 235 ILE A CD1 1 
ATOM 566  N N   . VAL A 1 79  ? -4.148  18.334  11.124  1.00 76.30  ? 236 VAL A N   1 
ATOM 567  C CA  . VAL A 1 79  ? -4.698  17.368  10.180  1.00 76.30  ? 236 VAL A CA  1 
ATOM 568  C C   . VAL A 1 79  ? -3.688  16.337  9.689   1.00 76.30  ? 236 VAL A C   1 
ATOM 569  O O   . VAL A 1 79  ? -2.532  16.660  9.392   1.00 76.30  ? 236 VAL A O   1 
ATOM 570  C CB  . VAL A 1 79  ? -5.279  18.074  8.941   1.00 96.76  ? 236 VAL A CB  1 
ATOM 571  C CG1 . VAL A 1 79  ? -5.686  17.039  7.894   1.00 66.02  ? 236 VAL A CG1 1 
ATOM 572  C CG2 . VAL A 1 79  ? -6.470  18.928  9.347   1.00 66.02  ? 236 VAL A CG2 1 
ATOM 573  N N   . PHE A 1 80  ? -4.147  15.092  9.602   1.00 67.18  ? 237 PHE A N   1 
ATOM 574  C CA  . PHE A 1 80  ? -3.314  14.002  9.124   1.00 67.18  ? 237 PHE A CA  1 
ATOM 575  C C   . PHE A 1 80  ? -3.781  13.551  7.756   1.00 67.18  ? 237 PHE A C   1 
ATOM 576  O O   . PHE A 1 80  ? -4.984  13.351  7.532   1.00 67.18  ? 237 PHE A O   1 
ATOM 577  C CB  . PHE A 1 80  ? -3.365  12.814  10.075  1.00 68.07  ? 237 PHE A CB  1 
ATOM 578  C CG  . PHE A 1 80  ? -2.769  13.093  11.415  1.00 68.07  ? 237 PHE A CG  1 
ATOM 579  C CD1 . PHE A 1 80  ? -3.584  13.378  12.509  1.00 68.07  ? 237 PHE A CD1 1 
ATOM 580  C CD2 . PHE A 1 80  ? -1.387  13.079  11.589  1.00 68.07  ? 237 PHE A CD2 1 
ATOM 581  C CE1 . PHE A 1 80  ? -3.031  13.644  13.765  1.00 68.07  ? 237 PHE A CE1 1 
ATOM 582  C CE2 . PHE A 1 80  ? -0.819  13.344  12.837  1.00 68.07  ? 237 PHE A CE2 1 
ATOM 583  C CZ  . PHE A 1 80  ? -1.646  13.627  13.929  1.00 68.07  ? 237 PHE A CZ  1 
ATOM 584  N N   . VAL A 1 81  ? -2.823  13.402  6.841   1.00 62.66  ? 238 VAL A N   1 
ATOM 585  C CA  . VAL A 1 81  ? -3.121  12.950  5.488   1.00 62.66  ? 238 VAL A CA  1 
ATOM 586  C C   . VAL A 1 81  ? -2.687  11.502  5.378   1.00 62.66  ? 238 VAL A C   1 
ATOM 587  O O   . VAL A 1 81  ? -1.521  11.176  5.596   1.00 62.66  ? 238 VAL A O   1 
ATOM 588  C CB  . VAL A 1 81  ? -2.358  13.758  4.430   1.00 87.00  ? 238 VAL A CB  1 
ATOM 589  C CG1 . VAL A 1 81  ? -2.843  13.358  3.042   1.00 87.00  ? 238 VAL A CG1 1 
ATOM 590  C CG2 . VAL A 1 81  ? -2.550  15.246  4.665   1.00 87.00  ? 238 VAL A CG2 1 
ATOM 591  N N   . LEU A 1 82  ? -3.631  10.632  5.046   1.00 52.49  ? 239 LEU A N   1 
ATOM 592  C CA  . LEU A 1 82  ? -3.328  9.220   4.920   1.00 52.49  ? 239 LEU A CA  1 
ATOM 593  C C   . LEU A 1 82  ? -2.347  8.982   3.768   1.00 52.49  ? 239 LEU A C   1 
ATOM 594  O O   . LEU A 1 82  ? -2.513  9.524   2.677   1.00 52.49  ? 239 LEU A O   1 
ATOM 595  C CB  . LEU A 1 82  ? -4.617  8.435   4.702   1.00 73.40  ? 239 LEU A CB  1 
ATOM 596  C CG  . LEU A 1 82  ? -4.503  6.917   4.818   1.00 42.66  ? 239 LEU A CG  1 
ATOM 597  C CD1 . LEU A 1 82  ? -3.306  6.521   5.680   1.00 73.40  ? 239 LEU A CD1 1 
ATOM 598  C CD2 . LEU A 1 82  ? -5.800  6.382   5.405   1.00 42.66  ? 239 LEU A CD2 1 
ATOM 599  N N   . LYS A 1 83  ? -1.313  8.183   4.023   1.00 42.85  ? 240 LYS A N   1 
ATOM 600  C CA  . LYS A 1 83  ? -0.295  7.880   3.013   1.00 42.85  ? 240 LYS A CA  1 
ATOM 601  C C   . LYS A 1 83  ? 0.059   6.398   2.988   1.00 42.85  ? 240 LYS A C   1 
ATOM 602  O O   . LYS A 1 83  ? 0.265   5.774   4.034   1.00 42.85  ? 240 LYS A O   1 
ATOM 603  C CB  . LYS A 1 83  ? 0.978   8.679   3.283   1.00 69.80  ? 240 LYS A CB  1 
ATOM 604  C CG  . LYS A 1 83  ? 0.810   10.178  3.241   1.00 69.80  ? 240 LYS A CG  1 
ATOM 605  C CD  . LYS A 1 83  ? 0.610   10.686  1.838   1.00 69.80  ? 240 LYS A CD  1 
ATOM 606  C CE  . LYS A 1 83  ? 0.942   12.167  1.779   1.00 39.06  ? 240 LYS A CE  1 
ATOM 607  N NZ  . LYS A 1 83  ? 0.877   12.722  0.397   1.00 39.06  ? 240 LYS A NZ  1 
ATOM 608  N N   . ASP A 1 84  ? 0.144   5.846   1.781   1.00 38.00  ? 241 ASP A N   1 
ATOM 609  C CA  . ASP A 1 84  ? 0.481   4.435   1.591   1.00 38.00  ? 241 ASP A CA  1 
ATOM 610  C C   . ASP A 1 84  ? 1.967   4.116   1.815   1.00 38.00  ? 241 ASP A C   1 
ATOM 611  O O   . ASP A 1 84  ? 2.822   4.596   1.080   1.00 38.00  ? 241 ASP A O   1 
ATOM 612  C CB  . ASP A 1 84  ? 0.088   4.012   0.178   1.00 87.80  ? 241 ASP A CB  1 
ATOM 613  C CG  . ASP A 1 84  ? -1.405  3.990   -0.021  1.00 87.80  ? 241 ASP A CG  1 
ATOM 614  O OD1 . ASP A 1 84  ? -1.875  4.461   -1.082  1.00 57.06  ? 241 ASP A OD1 1 
ATOM 615  O OD2 . ASP A 1 84  ? -2.105  3.489   0.883   1.00 57.06  ? 241 ASP A OD2 1 
ATOM 616  N N   . LYS A 1 85  ? 2.279   3.326   2.837   1.00 37.92  ? 242 LYS A N   1 
ATOM 617  C CA  . LYS A 1 85  ? 3.668   2.939   3.053   1.00 37.92  ? 242 LYS A CA  1 
ATOM 618  C C   . LYS A 1 85  ? 4.017   2.076   1.842   1.00 37.92  ? 242 LYS A C   1 
ATOM 619  O O   . LYS A 1 85  ? 3.270   1.146   1.490   1.00 37.92  ? 242 LYS A O   1 
ATOM 620  C CB  . LYS A 1 85  ? 3.829   2.080   4.310   1.00 59.45  ? 242 LYS A CB  1 
ATOM 621  C CG  . LYS A 1 85  ? 3.835   2.824   5.637   1.00 59.45  ? 242 LYS A CG  1 
ATOM 622  C CD  . LYS A 1 85  ? 4.072   1.831   6.783   1.00 59.45  ? 242 LYS A CD  1 
ATOM 623  C CE  . LYS A 1 85  ? 4.286   2.517   8.124   1.00 59.45  ? 242 LYS A CE  1 
ATOM 624  N NZ  . LYS A 1 85  ? 4.635   1.520   9.177   1.00 59.45  ? 242 LYS A NZ  1 
ATOM 625  N N   . PRO A 1 86  ? 5.124   2.391   1.153   1.00 37.39  ? 243 PRO A N   1 
ATOM 626  C CA  . PRO A 1 86  ? 5.400   1.517   0.016   1.00 37.39  ? 243 PRO A CA  1 
ATOM 627  C C   . PRO A 1 86  ? 5.610   0.115   0.565   1.00 37.39  ? 243 PRO A C   1 
ATOM 628  O O   . PRO A 1 86  ? 6.355   -0.064  1.523   1.00 37.39  ? 243 PRO A O   1 
ATOM 629  C CB  . PRO A 1 86  ? 6.660   2.131   -0.607  1.00 80.68  ? 243 PRO A CB  1 
ATOM 630  C CG  . PRO A 1 86  ? 7.237   2.994   0.488   1.00 49.94  ? 243 PRO A CG  1 
ATOM 631  C CD  . PRO A 1 86  ? 6.028   3.550   1.173   1.00 49.94  ? 243 PRO A CD  1 
ATOM 632  N N   . HIS A 1 87  ? 4.907   -0.857  -0.013  1.00 45.63  ? 244 HIS A N   1 
ATOM 633  C CA  . HIS A 1 87  ? 4.978   -2.260  0.392   1.00 45.63  ? 244 HIS A CA  1 
ATOM 634  C C   . HIS A 1 87  ? 5.986   -2.966  -0.505  1.00 45.63  ? 244 HIS A C   1 
ATOM 635  O O   . HIS A 1 87  ? 6.069   -2.696  -1.701  1.00 45.63  ? 244 HIS A O   1 
ATOM 636  C CB  . HIS A 1 87  ? 3.611   -2.916  0.233   1.00 38.92  ? 244 HIS A CB  1 
ATOM 637  C CG  . HIS A 1 87  ? 3.541   -4.311  0.768   1.00 38.92  ? 244 HIS A CG  1 
ATOM 638  N ND1 . HIS A 1 87  ? 3.388   -4.588  2.107   1.00 38.92  ? 244 HIS A ND1 1 
ATOM 639  C CD2 . HIS A 1 87  ? 3.558   -5.508  0.135   1.00 38.92  ? 244 HIS A CD2 1 
ATOM 640  C CE1 . HIS A 1 87  ? 3.309   -5.895  2.277   1.00 38.92  ? 244 HIS A CE1 1 
ATOM 641  N NE2 . HIS A 1 87  ? 3.408   -6.476  1.095   1.00 38.92  ? 244 HIS A NE2 1 
ATOM 642  N N   . ASN A 1 88  ? 6.727   -3.894  0.073   1.00 54.68  ? 245 ASN A N   1 
ATOM 643  C CA  . ASN A 1 88  ? 7.773   -4.603  -0.652  1.00 54.68  ? 245 ASN A CA  1 
ATOM 644  C C   . ASN A 1 88  ? 7.316   -5.887  -1.332  1.00 54.68  ? 245 ASN A C   1 
ATOM 645  O O   . ASN A 1 88  ? 8.067   -6.860  -1.383  1.00 54.68  ? 245 ASN A O   1 
ATOM 646  C CB  . ASN A 1 88  ? 8.892   -4.930  0.327   1.00 86.33  ? 245 ASN A CB  1 
ATOM 647  C CG  . ASN A 1 88  ? 8.412   -5.827  1.461   1.00 86.33  ? 245 ASN A CG  1 
ATOM 648  O OD1 . ASN A 1 88  ? 7.414   -5.524  2.131   1.00 55.59  ? 245 ASN A OD1 1 
ATOM 649  N ND2 . ASN A 1 88  ? 9.114   -6.943  1.675   1.00 55.59  ? 245 ASN A ND2 1 
ATOM 650  N N   . ILE A 1 89  ? 6.097   -5.903  -1.851  1.00 68.71  ? 246 ILE A N   1 
ATOM 651  C CA  . ILE A 1 89  ? 5.586   -7.096  -2.517  1.00 68.71  ? 246 ILE A CA  1 
ATOM 652  C C   . ILE A 1 89  ? 4.473   -6.728  -3.469  1.00 68.71  ? 246 ILE A C   1 
ATOM 653  O O   . ILE A 1 89  ? 4.311   -7.319  -4.533  1.00 68.71  ? 246 ILE A O   1 
ATOM 654  C CB  . ILE A 1 89  ? 4.991   -8.096  -1.513  1.00 64.45  ? 246 ILE A CB  1 
ATOM 655  C CG1 . ILE A 1 89  ? 6.106   -8.771  -0.706  1.00 33.71  ? 246 ILE A CG1 1 
ATOM 656  C CG2 . ILE A 1 89  ? 4.116   -9.103  -2.261  1.00 33.71  ? 246 ILE A CG2 1 
ATOM 657  C CD1 . ILE A 1 89  ? 5.602   -9.791  0.313   1.00 33.71  ? 246 ILE A CD1 1 
ATOM 658  N N   . PHE A 1 90  ? 3.700   -5.738  -3.057  1.00 39.06  ? 247 PHE A N   1 
ATOM 659  C CA  . PHE A 1 90  ? 2.567   -5.282  -3.820  1.00 39.06  ? 247 PHE A CA  1 
ATOM 660  C C   . PHE A 1 90  ? 2.636   -3.791  -4.065  1.00 39.06  ? 247 PHE A C   1 
ATOM 661  O O   . PHE A 1 90  ? 3.328   -3.062  -3.345  1.00 39.06  ? 247 PHE A O   1 
ATOM 662  C CB  . PHE A 1 90  ? 1.302   -5.590  -3.040  1.00 22.90  ? 247 PHE A CB  1 
ATOM 663  C CG  . PHE A 1 90  ? 1.076   -7.054  -2.800  1.00 22.90  ? 247 PHE A CG  1 
ATOM 664  C CD1 . PHE A 1 90  ? 0.818   -7.919  -3.868  1.00 22.90  ? 247 PHE A CD1 1 
ATOM 665  C CD2 . PHE A 1 90  ? 1.008   -7.558  -1.497  1.00 22.90  ? 247 PHE A CD2 1 
ATOM 666  C CE1 . PHE A 1 90  ? 0.475   -9.264  -3.640  1.00 22.90  ? 247 PHE A CE1 1 
ATOM 667  C CE2 . PHE A 1 90  ? 0.671   -8.893  -1.259  1.00 22.90  ? 247 PHE A CE2 1 
ATOM 668  C CZ  . PHE A 1 90  ? 0.399   -9.751  -2.337  1.00 22.90  ? 247 PHE A CZ  1 
ATOM 669  N N   . LYS A 1 91  ? 1.918   -3.357  -5.099  1.00 38.18  ? 248 LYS A N   1 
ATOM 670  C CA  . LYS A 1 91  ? 1.802   -1.953  -5.453  1.00 38.18  ? 248 LYS A CA  1 
ATOM 671  C C   . LYS A 1 91  ? 0.306   -1.705  -5.410  1.00 38.18  ? 248 LYS A C   1 
ATOM 672  O O   . LYS A 1 91  ? -0.459  -2.335  -6.148  1.00 38.18  ? 248 LYS A O   1 
ATOM 673  C CB  . LYS A 1 91  ? 2.289   -1.667  -6.869  1.00 94.27  ? 248 LYS A CB  1 
ATOM 674  C CG  . LYS A 1 91  ? 2.053   -0.214  -7.279  1.00 94.27  ? 248 LYS A CG  1 
ATOM 675  C CD  . LYS A 1 91  ? 2.034   -0.024  -8.796  1.00 94.27  ? 248 LYS A CD  1 
ATOM 676  C CE  . LYS A 1 91  ? 3.392   -0.285  -9.443  1.00 94.27  ? 248 LYS A CE  1 
ATOM 677  N NZ  . LYS A 1 91  ? 3.380   -0.018  -10.914 1.00 94.27  ? 248 LYS A NZ  1 
ATOM 678  N N   . ARG A 1 92  ? -0.111  -0.796  -4.540  1.00 44.41  ? 249 ARG A N   1 
ATOM 679  C CA  . ARG A 1 92  ? -1.520  -0.485  -4.407  1.00 44.41  ? 249 ARG A CA  1 
ATOM 680  C C   . ARG A 1 92  ? -1.986  0.248   -5.640  1.00 44.41  ? 249 ARG A C   1 
ATOM 681  O O   . ARG A 1 92  ? -1.234  1.010   -6.242  1.00 44.41  ? 249 ARG A O   1 
ATOM 682  C CB  . ARG A 1 92  ? -1.756  0.389   -3.184  1.00 59.28  ? 249 ARG A CB  1 
ATOM 683  C CG  . ARG A 1 92  ? -3.208  0.552   -2.850  1.00 59.28  ? 249 ARG A CG  1 
ATOM 684  C CD  . ARG A 1 92  ? -3.414  1.587   -1.786  1.00 59.28  ? 249 ARG A CD  1 
ATOM 685  N NE  . ARG A 1 92  ? -4.778  1.528   -1.275  1.00 59.28  ? 249 ARG A NE  1 
ATOM 686  C CZ  . ARG A 1 92  ? -5.381  2.529   -0.644  1.00 59.28  ? 249 ARG A CZ  1 
ATOM 687  N NH1 . ARG A 1 92  ? -4.741  3.676   -0.451  1.00 59.28  ? 249 ARG A NH1 1 
ATOM 688  N NH2 . ARG A 1 92  ? -6.622  2.377   -0.207  1.00 59.28  ? 249 ARG A NH2 1 
ATOM 689  N N   . ASP A 1 93  ? -3.233  0.004   -6.009  1.00 40.59  ? 250 ASP A N   1 
ATOM 690  C CA  . ASP A 1 93  ? -3.845  0.637   -7.165  1.00 40.59  ? 250 ASP A CA  1 
ATOM 691  C C   . ASP A 1 93  ? -5.348  0.754   -6.885  1.00 40.59  ? 250 ASP A C   1 
ATOM 692  O O   . ASP A 1 93  ? -6.172  0.060   -7.489  1.00 40.59  ? 250 ASP A O   1 
ATOM 693  C CB  . ASP A 1 93  ? -3.584  -0.192  -8.423  1.00 62.78  ? 250 ASP A CB  1 
ATOM 694  C CG  . ASP A 1 93  ? -4.380  0.295   -9.613  1.00 62.78  ? 250 ASP A CG  1 
ATOM 695  O OD1 . ASP A 1 93  ? -4.431  1.527   -9.813  1.00 62.78  ? 250 ASP A OD1 1 
ATOM 696  O OD2 . ASP A 1 93  ? -4.953  -0.543  -10.348 1.00 62.78  ? 250 ASP A OD2 1 
ATOM 697  N N   . GLY A 1 94  ? -5.685  1.646   -5.950  1.00 47.36  ? 251 GLY A N   1 
ATOM 698  C CA  . GLY A 1 94  ? -7.069  1.847   -5.558  1.00 47.36  ? 251 GLY A CA  1 
ATOM 699  C C   . GLY A 1 94  ? -7.416  0.716   -4.622  1.00 47.36  ? 251 GLY A C   1 
ATOM 700  O O   . GLY A 1 94  ? -6.763  0.542   -3.596  1.00 47.36  ? 251 GLY A O   1 
ATOM 701  N N   . SER A 1 95  ? -8.430  -0.061  -4.979  1.00 58.41  ? 252 SER A N   1 
ATOM 702  C CA  . SER A 1 95  ? -8.823  -1.199  -4.165  1.00 58.41  ? 252 SER A CA  1 
ATOM 703  C C   . SER A 1 95  ? -8.022  -2.394  -4.668  1.00 58.41  ? 252 SER A C   1 
ATOM 704  O O   . SER A 1 95  ? -8.026  -3.460  -4.053  1.00 58.41  ? 252 SER A O   1 
ATOM 705  C CB  . SER A 1 95  ? -10.309 -1.486  -4.332  1.00 149.09 ? 252 SER A CB  1 
ATOM 706  O OG  . SER A 1 95  ? -10.563 -1.983  -5.633  1.00 118.35 ? 252 SER A OG  1 
ATOM 707  N N   . ASP A 1 96  ? -7.345  -2.210  -5.801  1.00 38.65  ? 253 ASP A N   1 
ATOM 708  C CA  . ASP A 1 96  ? -6.532  -3.264  -6.402  1.00 38.65  ? 253 ASP A CA  1 
ATOM 709  C C   . ASP A 1 96  ? -5.100  -3.221  -5.908  1.00 38.65  ? 253 ASP A C   1 
ATOM 710  O O   . ASP A 1 96  ? -4.578  -2.157  -5.559  1.00 38.65  ? 253 ASP A O   1 
ATOM 711  C CB  . ASP A 1 96  ? -6.512  -3.130  -7.922  1.00 55.29  ? 253 ASP A CB  1 
ATOM 712  C CG  . ASP A 1 96  ? -7.805  -3.546  -8.556  1.00 55.29  ? 253 ASP A CG  1 
ATOM 713  O OD1 . ASP A 1 96  ? -8.147  -4.742  -8.471  1.00 55.29  ? 253 ASP A OD1 1 
ATOM 714  O OD2 . ASP A 1 96  ? -8.484  -2.679  -9.135  1.00 55.29  ? 253 ASP A OD2 1 
ATOM 715  N N   . VAL A 1 97  ? -4.471  -4.388  -5.873  1.00 34.99  ? 254 VAL A N   1 
ATOM 716  C CA  . VAL A 1 97  ? -3.080  -4.478  -5.458  1.00 34.99  ? 254 VAL A CA  1 
ATOM 717  C C   . VAL A 1 97  ? -2.321  -5.228  -6.536  1.00 34.99  ? 254 VAL A C   1 
ATOM 718  O O   . VAL A 1 97  ? -2.621  -6.393  -6.828  1.00 34.99  ? 254 VAL A O   1 
ATOM 719  C CB  . VAL A 1 97  ? -2.932  -5.201  -4.121  1.00 61.26  ? 254 VAL A CB  1 
ATOM 720  C CG1 . VAL A 1 97  ? -3.334  -4.265  -2.993  1.00 30.52  ? 254 VAL A CG1 1 
ATOM 721  C CG2 . VAL A 1 97  ? -3.800  -6.419  -4.099  1.00 30.52  ? 254 VAL A CG2 1 
ATOM 722  N N   . ILE A 1 98  ? -1.359  -4.553  -7.152  1.00 40.11  ? 255 ILE A N   1 
ATOM 723  C CA  . ILE A 1 98  ? -0.596  -5.178  -8.210  1.00 40.11  ? 255 ILE A CA  1 
ATOM 724  C C   . ILE A 1 98  ? 0.494   -6.072  -7.655  1.00 40.11  ? 255 ILE A C   1 
ATOM 725  O O   . ILE A 1 98  ? 1.064   -5.815  -6.585  1.00 40.11  ? 255 ILE A O   1 
ATOM 726  C CB  . ILE A 1 98  ? 0.042   -4.145  -9.130  1.00 54.51  ? 255 ILE A CB  1 
ATOM 727  C CG1 . ILE A 1 98  ? -1.018  -3.145  -9.610  1.00 54.51  ? 255 ILE A CG1 1 
ATOM 728  C CG2 . ILE A 1 98  ? 0.658   -4.848  -10.311 1.00 54.51  ? 255 ILE A CG2 1 
ATOM 729  C CD1 . ILE A 1 98  ? -0.470  -2.014  -10.469 1.00 54.51  ? 255 ILE A CD1 1 
ATOM 730  N N   . TYR A 1 99  ? 0.765   -7.142  -8.393  1.00 40.40  ? 256 TYR A N   1 
ATOM 731  C CA  . TYR A 1 99  ? 1.778   -8.104  -8.010  1.00 40.40  ? 256 TYR A CA  1 
ATOM 732  C C   . TYR A 1 99  ? 2.689   -8.407  -9.188  1.00 40.40  ? 256 TYR A C   1 
ATOM 733  O O   . TYR A 1 99  ? 2.291   -9.076  -10.152 1.00 40.40  ? 256 TYR A O   1 
ATOM 734  C CB  . TYR A 1 99  ? 1.130   -9.391  -7.518  1.00 46.58  ? 256 TYR A CB  1 
ATOM 735  C CG  . TYR A 1 99  ? 2.141   -10.451 -7.205  1.00 46.58  ? 256 TYR A CG  1 
ATOM 736  C CD1 . TYR A 1 99  ? 2.338   -11.531 -8.062  1.00 46.58  ? 256 TYR A CD1 1 
ATOM 737  C CD2 . TYR A 1 99  ? 2.951   -10.346 -6.074  1.00 46.58  ? 256 TYR A CD2 1 
ATOM 738  C CE1 . TYR A 1 99  ? 3.323   -12.486 -7.802  1.00 46.58  ? 256 TYR A CE1 1 
ATOM 739  C CE2 . TYR A 1 99  ? 3.930   -11.288 -5.802  1.00 46.58  ? 256 TYR A CE2 1 
ATOM 740  C CZ  . TYR A 1 99  ? 4.115   -12.356 -6.667  1.00 46.58  ? 256 TYR A CZ  1 
ATOM 741  O OH  . TYR A 1 99  ? 5.082   -13.292 -6.385  1.00 46.58  ? 256 TYR A OH  1 
ATOM 742  N N   . PRO A 1 100 ? 3.924   -7.887  -9.135  1.00 35.06  ? 257 PRO A N   1 
ATOM 743  C CA  . PRO A 1 100 ? 4.937   -8.076  -10.170 1.00 35.06  ? 257 PRO A CA  1 
ATOM 744  C C   . PRO A 1 100 ? 5.507   -9.469  -10.079 1.00 35.06  ? 257 PRO A C   1 
ATOM 745  O O   . PRO A 1 100 ? 6.053   -9.849  -9.047  1.00 35.06  ? 257 PRO A O   1 
ATOM 746  C CB  . PRO A 1 100 ? 5.980   -7.027  -9.821  1.00 70.08  ? 257 PRO A CB  1 
ATOM 747  C CG  . PRO A 1 100 ? 5.914   -7.012  -8.346  1.00 39.34  ? 257 PRO A CG  1 
ATOM 748  C CD  . PRO A 1 100 ? 4.417   -6.949  -8.113  1.00 39.34  ? 257 PRO A CD  1 
ATOM 749  N N   . ALA A 1 101 ? 5.369   -10.228 -11.161 1.00 28.93  ? 258 ALA A N   1 
ATOM 750  C CA  . ALA A 1 101 ? 5.875   -11.585 -11.214 1.00 28.93  ? 258 ALA A CA  1 
ATOM 751  C C   . ALA A 1 101 ? 7.124   -11.660 -12.088 1.00 28.93  ? 258 ALA A C   1 
ATOM 752  O O   . ALA A 1 101 ? 7.021   -11.582 -13.319 1.00 28.93  ? 258 ALA A O   1 
ATOM 753  C CB  . ALA A 1 101 ? 4.797   -12.504 -11.756 1.00 22.33  ? 258 ALA A CB  1 
ATOM 754  N N   . ARG A 1 102 ? 8.291   -11.785 -11.441 1.00 33.99  ? 259 ARG A N   1 
ATOM 755  C CA  . ARG A 1 102 ? 9.587   -11.911 -12.121 1.00 33.99  ? 259 ARG A CA  1 
ATOM 756  C C   . ARG A 1 102 ? 9.762   -13.373 -12.573 1.00 33.99  ? 259 ARG A C   1 
ATOM 757  O O   . ARG A 1 102 ? 10.114  -14.277 -11.799 1.00 33.99  ? 259 ARG A O   1 
ATOM 758  C CB  . ARG A 1 102 ? 10.700  -11.495 -11.176 1.00 62.48  ? 259 ARG A CB  1 
ATOM 759  C CG  . ARG A 1 102 ? 10.596  -10.058 -10.782 1.00 62.48  ? 259 ARG A CG  1 
ATOM 760  C CD  . ARG A 1 102 ? 10.849  -9.862  -9.296  1.00 62.48  ? 259 ARG A CD  1 
ATOM 761  N NE  . ARG A 1 102 ? 10.492  -8.505  -8.893  1.00 31.74  ? 259 ARG A NE  1 
ATOM 762  C CZ  . ARG A 1 102 ? 10.874  -7.415  -9.555  1.00 31.74  ? 259 ARG A CZ  1 
ATOM 763  N NH1 . ARG A 1 102 ? 11.629  -7.514  -10.651 1.00 31.74  ? 259 ARG A NH1 1 
ATOM 764  N NH2 . ARG A 1 102 ? 10.487  -6.218  -9.134  1.00 31.74  ? 259 ARG A NH2 1 
ATOM 765  N N   . ILE A 1 103 ? 9.528   -13.571 -13.860 1.00 32.49  ? 260 ILE A N   1 
ATOM 766  C CA  . ILE A 1 103 ? 9.524   -14.878 -14.501 1.00 32.49  ? 260 ILE A CA  1 
ATOM 767  C C   . ILE A 1 103 ? 10.673  -14.980 -15.502 1.00 32.49  ? 260 ILE A C   1 
ATOM 768  O O   . ILE A 1 103 ? 11.101  -13.971 -16.070 1.00 32.49  ? 260 ILE A O   1 
ATOM 769  C CB  . ILE A 1 103 ? 8.169   -15.000 -15.233 1.00 54.19  ? 260 ILE A CB  1 
ATOM 770  C CG1 . ILE A 1 103 ? 8.005   -16.341 -15.862 1.00 23.45  ? 260 ILE A CG1 1 
ATOM 771  C CG2 . ILE A 1 103 ? 8.095   -13.983 -16.396 1.00 23.45  ? 260 ILE A CG2 1 
ATOM 772  C CD1 . ILE A 1 103 ? 6.947   -16.324 -16.979 1.00 54.19  ? 260 ILE A CD1 1 
ATOM 773  N N   . SER A 1 104 ? 11.176  -16.180 -15.741 1.00 19.72  ? 261 SER A N   1 
ATOM 774  C CA  . SER A 1 104 ? 12.269  -16.316 -16.697 1.00 19.72  ? 261 SER A CA  1 
ATOM 775  C C   . SER A 1 104 ? 11.706  -16.519 -18.093 1.00 19.72  ? 261 SER A C   1 
ATOM 776  O O   . SER A 1 104 ? 10.573  -17.006 -18.240 1.00 19.72  ? 261 SER A O   1 
ATOM 777  C CB  . SER A 1 104 ? 13.139  -17.501 -16.355 1.00 19.20  ? 261 SER A CB  1 
ATOM 778  O OG  . SER A 1 104 ? 12.543  -18.683 -16.832 1.00 19.20  ? 261 SER A OG  1 
ATOM 779  N N   . LEU A 1 105 ? 12.490  -16.148 -19.113 1.00 25.52  ? 262 LEU A N   1 
ATOM 780  C CA  . LEU A 1 105 ? 12.058  -16.293 -20.497 1.00 25.52  ? 262 LEU A CA  1 
ATOM 781  C C   . LEU A 1 105 ? 11.669  -17.729 -20.757 1.00 25.52  ? 262 LEU A C   1 
ATOM 782  O O   . LEU A 1 105 ? 10.713  -17.999 -21.499 1.00 25.52  ? 262 LEU A O   1 
ATOM 783  C CB  . LEU A 1 105 ? 13.148  -15.887 -21.477 1.00 26.30  ? 262 LEU A CB  1 
ATOM 784  C CG  . LEU A 1 105 ? 12.802  -16.111 -22.958 1.00 26.30  ? 262 LEU A CG  1 
ATOM 785  C CD1 . LEU A 1 105 ? 11.679  -15.183 -23.416 1.00 26.30  ? 262 LEU A CD1 1 
ATOM 786  C CD2 . LEU A 1 105 ? 14.041  -15.882 -23.790 1.00 26.30  ? 262 LEU A CD2 1 
ATOM 787  N N   . ARG A 1 106 ? 12.386  -18.667 -20.155 1.00 35.87  ? 263 ARG A N   1 
ATOM 788  C CA  . ARG A 1 106 ? 12.024  -20.059 -20.363 1.00 35.87  ? 263 ARG A CA  1 
ATOM 789  C C   . ARG A 1 106 ? 10.613  -20.254 -19.816 1.00 35.87  ? 263 ARG A C   1 
ATOM 790  O O   . ARG A 1 106 ? 9.732   -20.768 -20.499 1.00 35.87  ? 263 ARG A O   1 
ATOM 791  C CB  . ARG A 1 106 ? 12.980  -21.012 -19.641 1.00 69.57  ? 263 ARG A CB  1 
ATOM 792  C CG  . ARG A 1 106 ? 12.776  -22.436 -20.105 1.00 69.57  ? 263 ARG A CG  1 
ATOM 793  C CD  . ARG A 1 106 ? 12.912  -23.475 -19.015 1.00 69.57  ? 263 ARG A CD  1 
ATOM 794  N NE  . ARG A 1 106 ? 14.247  -24.048 -18.988 1.00 38.83  ? 263 ARG A NE  1 
ATOM 795  C CZ  . ARG A 1 106 ? 14.613  -25.091 -18.243 1.00 38.83  ? 263 ARG A CZ  1 
ATOM 796  N NH1 . ARG A 1 106 ? 13.740  -25.706 -17.450 1.00 38.83  ? 263 ARG A NH1 1 
ATOM 797  N NH2 . ARG A 1 106 ? 15.872  -25.501 -18.267 1.00 38.83  ? 263 ARG A NH2 1 
ATOM 798  N N   . GLU A 1 107 ? 10.396  -19.826 -18.581 1.00 28.30  ? 264 GLU A N   1 
ATOM 799  C CA  . GLU A 1 107 ? 9.093   -19.984 -17.971 1.00 28.30  ? 264 GLU A CA  1 
ATOM 800  C C   . GLU A 1 107 ? 8.017   -19.361 -18.808 1.00 28.30  ? 264 GLU A C   1 
ATOM 801  O O   . GLU A 1 107 ? 6.964   -19.952 -19.022 1.00 28.30  ? 264 GLU A O   1 
ATOM 802  C CB  . GLU A 1 107 ? 9.046   -19.333 -16.610 1.00 35.39  ? 264 GLU A CB  1 
ATOM 803  C CG  . GLU A 1 107 ? 10.016  -19.876 -15.633 1.00 35.39  ? 264 GLU A CG  1 
ATOM 804  C CD  . GLU A 1 107 ? 9.899   -19.157 -14.329 1.00 35.39  ? 264 GLU A CD  1 
ATOM 805  O OE1 . GLU A 1 107 ? 8.975   -19.466 -13.542 1.00 35.39  ? 264 GLU A OE1 1 
ATOM 806  O OE2 . GLU A 1 107 ? 10.725  -18.253 -14.107 1.00 35.39  ? 264 GLU A OE2 1 
ATOM 807  N N   . ALA A 1 108 ? 8.286   -18.156 -19.276 1.00 47.84  ? 265 ALA A N   1 
ATOM 808  C CA  . ALA A 1 108 ? 7.319   -17.440 -20.074 1.00 47.84  ? 265 ALA A CA  1 
ATOM 809  C C   . ALA A 1 108 ? 6.929   -18.212 -21.322 1.00 47.84  ? 265 ALA A C   1 
ATOM 810  O O   . ALA A 1 108 ? 5.779   -18.149 -21.756 1.00 47.84  ? 265 ALA A O   1 
ATOM 811  C CB  . ALA A 1 108 ? 7.868   -16.105 -20.440 1.00 29.09  ? 265 ALA A CB  1 
ATOM 812  N N   . LEU A 1 109 ? 7.863   -18.958 -21.901 1.00 45.09  ? 266 LEU A N   1 
ATOM 813  C CA  . LEU A 1 109 ? 7.540   -19.704 -23.112 1.00 45.09  ? 266 LEU A CA  1 
ATOM 814  C C   . LEU A 1 109 ? 6.991   -21.118 -22.933 1.00 45.09  ? 266 LEU A C   1 
ATOM 815  O O   . LEU A 1 109 ? 6.021   -21.506 -23.602 1.00 45.09  ? 266 LEU A O   1 
ATOM 816  C CB  . LEU A 1 109 ? 8.755   -19.796 -24.019 1.00 21.06  ? 266 LEU A CB  1 
ATOM 817  C CG  . LEU A 1 109 ? 9.373   -18.524 -24.576 1.00 21.06  ? 266 LEU A CG  1 
ATOM 818  C CD1 . LEU A 1 109 ? 10.436  -18.932 -25.581 1.00 21.06  ? 266 LEU A CD1 1 
ATOM 819  C CD2 . LEU A 1 109 ? 8.316   -17.666 -25.256 1.00 21.06  ? 266 LEU A CD2 1 
ATOM 820  N N   . CYS A 1 110 ? 7.606   -21.893 -22.048 1.00 46.41  ? 267 CYS A N   1 
ATOM 821  C CA  . CYS A 1 110 ? 7.176   -23.269 -21.847 1.00 46.41  ? 267 CYS A CA  1 
ATOM 822  C C   . CYS A 1 110 ? 6.134   -23.481 -20.787 1.00 46.41  ? 267 CYS A C   1 
ATOM 823  O O   . CYS A 1 110 ? 5.852   -24.620 -20.437 1.00 46.41  ? 267 CYS A O   1 
ATOM 824  C CB  . CYS A 1 110 ? 8.373   -24.128 -21.518 1.00 76.87  ? 267 CYS A CB  1 
ATOM 825  S SG  . CYS A 1 110 ? 9.612   -23.947 -22.759 1.00 46.13  ? 267 CYS A SG  1 
ATOM 826  N N   . GLY A 1 111 ? 5.558   -22.402 -20.277 1.00 38.83  ? 268 GLY A N   1 
ATOM 827  C CA  . GLY A 1 111 ? 4.570   -22.542 -19.225 1.00 38.83  ? 268 GLY A CA  1 
ATOM 828  C C   . GLY A 1 111 ? 5.238   -22.564 -17.860 1.00 38.83  ? 268 GLY A C   1 
ATOM 829  O O   . GLY A 1 111 ? 6.411   -22.923 -17.725 1.00 38.83  ? 268 GLY A O   1 
ATOM 830  N N   . CYS A 1 112 ? 4.482   -22.187 -16.839 1.00 24.89  ? 269 CYS A N   1 
ATOM 831  C CA  . CYS A 1 112 ? 5.015   -22.145 -15.486 1.00 24.89  ? 269 CYS A CA  1 
ATOM 832  C C   . CYS A 1 112 ? 3.875   -21.994 -14.499 1.00 24.89  ? 269 CYS A C   1 
ATOM 833  O O   . CYS A 1 112 ? 2.711   -21.844 -14.884 1.00 24.89  ? 269 CYS A O   1 
ATOM 834  C CB  . CYS A 1 112 ? 5.954   -20.947 -15.329 1.00 77.37  ? 269 CYS A CB  1 
ATOM 835  S SG  . CYS A 1 112 ? 5.091   -19.337 -15.345 1.00 46.63  ? 269 CYS A SG  1 
ATOM 836  N N   . THR A 1 113 ? 4.217   -22.010 -13.220 1.00 40.91  ? 270 THR A N   1 
ATOM 837  C CA  . THR A 1 113 ? 3.221   -21.859 -12.183 1.00 40.91  ? 270 THR A CA  1 
ATOM 838  C C   . THR A 1 113 ? 3.592   -20.696 -11.292 1.00 40.91  ? 270 THR A C   1 
ATOM 839  O O   . THR A 1 113 ? 4.747   -20.555 -10.890 1.00 40.91  ? 270 THR A O   1 
ATOM 840  C CB  . THR A 1 113 ? 3.096   -23.147 -11.362 1.00 68.36  ? 270 THR A CB  1 
ATOM 841  O OG1 . THR A 1 113 ? 2.170   -24.019 -12.013 1.00 37.62  ? 270 THR A OG1 1 
ATOM 842  C CG2 . THR A 1 113 ? 2.596   -22.864 -9.977  1.00 37.62  ? 270 THR A CG2 1 
ATOM 843  N N   . VAL A 1 114 ? 2.607   -19.859 -10.985 1.00 49.29  ? 271 VAL A N   1 
ATOM 844  C CA  . VAL A 1 114 ? 2.846   -18.692 -10.147 1.00 49.29  ? 271 VAL A CA  1 
ATOM 845  C C   . VAL A 1 114 ? 2.113   -18.778 -8.817  1.00 49.29  ? 271 VAL A C   1 
ATOM 846  O O   . VAL A 1 114 ? 0.886   -18.790 -8.764  1.00 49.29  ? 271 VAL A O   1 
ATOM 847  C CB  . VAL A 1 114 ? 2.436   -17.417 -10.892 1.00 44.13  ? 271 VAL A CB  1 
ATOM 848  C CG1 . VAL A 1 114 ? 2.835   -16.173 -10.102 1.00 13.39  ? 271 VAL A CG1 1 
ATOM 849  C CG2 . VAL A 1 114 ? 3.107   -17.409 -12.250 1.00 13.39  ? 271 VAL A CG2 1 
ATOM 850  N N   . ASN A 1 115 ? 2.879   -18.849 -7.736  1.00 43.00  ? 272 ASN A N   1 
ATOM 851  C CA  . ASN A 1 115 ? 2.296   -18.937 -6.407  1.00 43.00  ? 272 ASN A CA  1 
ATOM 852  C C   . ASN A 1 115 ? 2.077   -17.540 -5.887  1.00 43.00  ? 272 ASN A C   1 
ATOM 853  O O   . ASN A 1 115 ? 2.915   -16.961 -5.198  1.00 43.00  ? 272 ASN A O   1 
ATOM 854  C CB  . ASN A 1 115 ? 3.218   -19.723 -5.494  1.00 74.43  ? 272 ASN A CB  1 
ATOM 855  C CG  . ASN A 1 115 ? 3.598   -21.050 -6.094  1.00 43.69  ? 272 ASN A CG  1 
ATOM 856  O OD1 . ASN A 1 115 ? 2.728   -21.880 -6.414  1.00 43.69  ? 272 ASN A OD1 1 
ATOM 857  N ND2 . ASN A 1 115 ? 4.902   -21.260 -6.270  1.00 43.69  ? 272 ASN A ND2 1 
ATOM 858  N N   . VAL A 1 116 ? 0.930   -17.001 -6.258  1.00 62.41  ? 273 VAL A N   1 
ATOM 859  C CA  . VAL A 1 116 ? 0.544   -15.664 -5.874  1.00 62.41  ? 273 VAL A CA  1 
ATOM 860  C C   . VAL A 1 116 ? 0.276   -15.572 -4.378  1.00 62.41  ? 273 VAL A C   1 
ATOM 861  O O   . VAL A 1 116 ? -0.547  -16.314 -3.841  1.00 62.41  ? 273 VAL A O   1 
ATOM 862  C CB  . VAL A 1 116 ? -0.716  -15.255 -6.644  1.00 29.14  ? 273 VAL A CB  1 
ATOM 863  C CG1 . VAL A 1 116 ? -1.042  -13.808 -6.364  1.00 29.14  ? 273 VAL A CG1 1 
ATOM 864  C CG2 . VAL A 1 116 ? -0.505  -15.505 -8.132  1.00 29.14  ? 273 VAL A CG2 1 
ATOM 865  N N   . PRO A 1 117 ? 0.983   -14.675 -3.681  1.00 33.63  ? 274 PRO A N   1 
ATOM 866  C CA  . PRO A 1 117 ? 0.806   -14.491 -2.232  1.00 33.63  ? 274 PRO A CA  1 
ATOM 867  C C   . PRO A 1 117 ? -0.383  -13.571 -1.895  1.00 33.63  ? 274 PRO A C   1 
ATOM 868  O O   . PRO A 1 117 ? -0.573  -12.551 -2.551  1.00 33.63  ? 274 PRO A O   1 
ATOM 869  C CB  . PRO A 1 117 ? 2.147   -13.900 -1.800  1.00 40.63  ? 274 PRO A CB  1 
ATOM 870  C CG  . PRO A 1 117 ? 2.546   -13.086 -2.989  1.00 40.63  ? 274 PRO A CG  1 
ATOM 871  C CD  . PRO A 1 117 ? 2.218   -14.020 -4.144  1.00 40.63  ? 274 PRO A CD  1 
ATOM 872  N N   . THR A 1 118 ? -1.162  -13.921 -0.873  1.00 56.73  ? 275 THR A N   1 
ATOM 873  C CA  . THR A 1 118 ? -2.329  -13.122 -0.480  1.00 56.73  ? 275 THR A CA  1 
ATOM 874  C C   . THR A 1 118 ? -2.085  -12.229 0.720   1.00 56.73  ? 275 THR A C   1 
ATOM 875  O O   . THR A 1 118 ? -1.186  -12.485 1.518   1.00 56.73  ? 275 THR A O   1 
ATOM 876  C CB  . THR A 1 118 ? -3.505  -14.005 -0.123  1.00 69.63  ? 275 THR A CB  1 
ATOM 877  O OG1 . THR A 1 118 ? -3.729  -14.945 -1.175  1.00 69.63  ? 275 THR A OG1 1 
ATOM 878  C CG2 . THR A 1 118 ? -4.746  -13.162 0.052   1.00 69.63  ? 275 THR A CG2 1 
ATOM 879  N N   . LEU A 1 119 ? -2.898  -11.190 0.868   1.00 50.77  ? 276 LEU A N   1 
ATOM 880  C CA  . LEU A 1 119 ? -2.735  -10.288 2.005   1.00 50.77  ? 276 LEU A CA  1 
ATOM 881  C C   . LEU A 1 119 ? -2.948  -11.021 3.321   1.00 50.77  ? 276 LEU A C   1 
ATOM 882  O O   . LEU A 1 119 ? -2.282  -10.732 4.319   1.00 50.77  ? 276 LEU A O   1 
ATOM 883  C CB  . LEU A 1 119 ? -3.715  -9.124  1.920   1.00 68.43  ? 276 LEU A CB  1 
ATOM 884  C CG  . LEU A 1 119 ? -3.591  -8.317  0.636   1.00 37.69  ? 276 LEU A CG  1 
ATOM 885  C CD1 . LEU A 1 119 ? -4.632  -8.836  -0.352  1.00 68.43  ? 276 LEU A CD1 1 
ATOM 886  C CD2 . LEU A 1 119 ? -3.799  -6.837  0.922   1.00 37.69  ? 276 LEU A CD2 1 
ATOM 887  N N   . ASP A 1 120 ? -3.891  -11.959 3.306   1.00 78.33  ? 277 ASP A N   1 
ATOM 888  C CA  . ASP A 1 120 ? -4.217  -12.773 4.469   1.00 78.33  ? 277 ASP A CA  1 
ATOM 889  C C   . ASP A 1 120 ? -2.960  -13.477 4.925   1.00 78.33  ? 277 ASP A C   1 
ATOM 890  O O   . ASP A 1 120 ? -2.805  -13.787 6.105   1.00 78.33  ? 277 ASP A O   1 
ATOM 891  C CB  . ASP A 1 120 ? -5.273  -13.804 4.097   1.00 108.82 ? 277 ASP A CB  1 
ATOM 892  C CG  . ASP A 1 120 ? -6.563  -13.164 3.653   1.00 108.82 ? 277 ASP A CG  1 
ATOM 893  O OD1 . ASP A 1 120 ? -7.327  -12.705 4.529   1.00 108.82 ? 277 ASP A OD1 1 
ATOM 894  O OD2 . ASP A 1 120 ? -6.806  -13.103 2.428   1.00 108.82 ? 277 ASP A OD2 1 
ATOM 895  N N   . GLY A 1 121 ? -2.065  -13.725 3.972   1.00 87.69  ? 278 GLY A N   1 
ATOM 896  C CA  . GLY A 1 121 ? -0.816  -14.392 4.275   1.00 87.69  ? 278 GLY A CA  1 
ATOM 897  C C   . GLY A 1 121 ? -0.764  -15.814 3.757   1.00 87.69  ? 278 GLY A C   1 
ATOM 898  O O   . GLY A 1 121 ? -0.031  -16.643 4.288   1.00 87.69  ? 278 GLY A O   1 
ATOM 899  N N   . ARG A 1 122 ? -1.548  -16.105 2.727   1.00 66.72  ? 279 ARG A N   1 
ATOM 900  C CA  . ARG A 1 122 ? -1.567  -17.436 2.136   1.00 66.72  ? 279 ARG A CA  1 
ATOM 901  C C   . ARG A 1 122 ? -1.126  -17.318 0.677   1.00 66.72  ? 279 ARG A C   1 
ATOM 902  O O   . ARG A 1 122 ? -0.975  -16.207 0.169   1.00 66.72  ? 279 ARG A O   1 
ATOM 903  C CB  . ARG A 1 122 ? -2.971  -18.024 2.238   1.00 105.45 ? 279 ARG A CB  1 
ATOM 904  C CG  . ARG A 1 122 ? -4.069  -17.001 2.024   1.00 105.45 ? 279 ARG A CG  1 
ATOM 905  C CD  . ARG A 1 122 ? -5.435  -17.588 2.350   1.00 105.45 ? 279 ARG A CD  1 
ATOM 906  N NE  . ARG A 1 122 ? -6.508  -16.597 2.261   1.00 105.45 ? 279 ARG A NE  1 
ATOM 907  C CZ  . ARG A 1 122 ? -6.846  -15.953 1.147   1.00 105.45 ? 279 ARG A CZ  1 
ATOM 908  N NH1 . ARG A 1 122 ? -6.196  -16.192 0.017   1.00 105.45 ? 279 ARG A NH1 1 
ATOM 909  N NH2 . ARG A 1 122 ? -7.841  -15.074 1.160   1.00 105.45 ? 279 ARG A NH2 1 
ATOM 910  N N   . THR A 1 123 ? -0.904  -18.451 0.011   1.00 49.22  ? 280 THR A N   1 
ATOM 911  C CA  . THR A 1 123 ? -0.470  -18.443 -1.385  1.00 49.22  ? 280 THR A CA  1 
ATOM 912  C C   . THR A 1 123 ? -1.476  -19.115 -2.297  1.00 49.22  ? 280 THR A C   1 
ATOM 913  O O   . THR A 1 123 ? -2.201  -20.012 -1.871  1.00 49.22  ? 280 THR A O   1 
ATOM 914  C CB  . THR A 1 123 ? 0.904   -19.144 -1.553  1.00 46.63  ? 280 THR A CB  1 
ATOM 915  O OG1 . THR A 1 123 ? 1.915   -18.149 -1.755  1.00 46.63  ? 280 THR A OG1 1 
ATOM 916  C CG2 . THR A 1 123 ? 0.897   -20.121 -2.736  1.00 46.63  ? 280 THR A CG2 1 
ATOM 917  N N   . ILE A 1 124 ? -1.512  -18.683 -3.557  1.00 46.04  ? 281 ILE A N   1 
ATOM 918  C CA  . ILE A 1 124 ? -2.433  -19.243 -4.539  1.00 46.04  ? 281 ILE A CA  1 
ATOM 919  C C   . ILE A 1 124 ? -1.710  -19.658 -5.804  1.00 46.04  ? 281 ILE A C   1 
ATOM 920  O O   . ILE A 1 124 ? -0.985  -18.874 -6.408  1.00 46.04  ? 281 ILE A O   1 
ATOM 921  C CB  . ILE A 1 124 ? -3.493  -18.232 -4.976  1.00 58.31  ? 281 ILE A CB  1 
ATOM 922  C CG1 . ILE A 1 124 ? -4.233  -17.676 -3.754  1.00 27.57  ? 281 ILE A CG1 1 
ATOM 923  C CG2 . ILE A 1 124 ? -4.432  -18.898 -6.003  1.00 27.57  ? 281 ILE A CG2 1 
ATOM 924  C CD1 . ILE A 1 124 ? -5.226  -16.596 -4.095  1.00 58.31  ? 281 ILE A CD1 1 
ATOM 925  N N   . PRO A 1 125 ? -1.913  -20.893 -6.234  1.00 65.25  ? 282 PRO A N   1 
ATOM 926  C CA  . PRO A 1 125 ? -1.253  -21.361 -7.445  1.00 65.25  ? 282 PRO A CA  1 
ATOM 927  C C   . PRO A 1 125 ? -2.060  -21.041 -8.700  1.00 65.25  ? 282 PRO A C   1 
ATOM 928  O O   . PRO A 1 125 ? -3.253  -21.345 -8.795  1.00 65.25  ? 282 PRO A O   1 
ATOM 929  C CB  . PRO A 1 125 ? -1.136  -22.856 -7.198  1.00 42.90  ? 282 PRO A CB  1 
ATOM 930  C CG  . PRO A 1 125 ? -2.394  -23.147 -6.505  1.00 42.90  ? 282 PRO A CG  1 
ATOM 931  C CD  . PRO A 1 125 ? -2.497  -22.019 -5.495  1.00 42.90  ? 282 PRO A CD  1 
ATOM 932  N N   . VAL A 1 126 ? -1.401  -20.413 -9.659  1.00 45.32  ? 283 VAL A N   1 
ATOM 933  C CA  . VAL A 1 126 ? -2.041  -20.076 -10.914 1.00 45.32  ? 283 VAL A CA  1 
ATOM 934  C C   . VAL A 1 126 ? -1.172  -20.573 -12.052 1.00 45.32  ? 283 VAL A C   1 
ATOM 935  O O   . VAL A 1 126 ? -0.007  -20.181 -12.199 1.00 45.32  ? 283 VAL A O   1 
ATOM 936  C CB  . VAL A 1 126 ? -2.232  -18.583 -11.058 1.00 53.94  ? 283 VAL A CB  1 
ATOM 937  C CG1 . VAL A 1 126 ? -2.895  -18.275 -12.411 1.00 23.20  ? 283 VAL A CG1 1 
ATOM 938  C CG2 . VAL A 1 126 ? -3.066  -18.081 -9.909  1.00 23.20  ? 283 VAL A CG2 1 
ATOM 939  N N   . VAL A 1 127 ? -1.751  -21.436 -12.867 1.00 65.90  ? 284 VAL A N   1 
ATOM 940  C CA  . VAL A 1 127 ? -1.024  -22.021 -13.966 1.00 65.90  ? 284 VAL A CA  1 
ATOM 941  C C   . VAL A 1 127 ? -1.109  -21.274 -15.283 1.00 65.90  ? 284 VAL A C   1 
ATOM 942  O O   . VAL A 1 127 ? -2.097  -20.602 -15.572 1.00 65.90  ? 284 VAL A O   1 
ATOM 943  C CB  . VAL A 1 127 ? -1.480  -23.458 -14.144 1.00 71.95  ? 284 VAL A CB  1 
ATOM 944  C CG1 . VAL A 1 127 ? -1.421  -23.861 -15.586 1.00 41.21  ? 284 VAL A CG1 1 
ATOM 945  C CG2 . VAL A 1 127 ? -0.600  -24.350 -13.312 1.00 41.21  ? 284 VAL A CG2 1 
ATOM 946  N N   . PHE A 1 128 ? -0.048  -21.395 -16.076 1.00 50.57  ? 285 PHE A N   1 
ATOM 947  C CA  . PHE A 1 128 ? 0.015   -20.757 -17.384 1.00 50.57  ? 285 PHE A CA  1 
ATOM 948  C C   . PHE A 1 128 ? 0.612   -21.713 -18.404 1.00 50.57  ? 285 PHE A C   1 
ATOM 949  O O   . PHE A 1 128 ? 1.748   -22.170 -18.255 1.00 50.57  ? 285 PHE A O   1 
ATOM 950  C CB  . PHE A 1 128 ? 0.849   -19.482 -17.312 1.00 63.36  ? 285 PHE A CB  1 
ATOM 951  C CG  . PHE A 1 128 ? 0.321   -18.487 -16.337 1.00 63.36  ? 285 PHE A CG  1 
ATOM 952  C CD1 . PHE A 1 128 ? 0.551   -18.640 -14.975 1.00 32.62  ? 285 PHE A CD1 1 
ATOM 953  C CD2 . PHE A 1 128 ? -0.447  -17.418 -16.771 1.00 32.62  ? 285 PHE A CD2 1 
ATOM 954  C CE1 . PHE A 1 128 ? 0.016   -17.734 -14.052 1.00 32.62  ? 285 PHE A CE1 1 
ATOM 955  C CE2 . PHE A 1 128 ? -0.987  -16.509 -15.864 1.00 32.62  ? 285 PHE A CE2 1 
ATOM 956  C CZ  . PHE A 1 128 ? -0.758  -16.664 -14.504 1.00 63.36  ? 285 PHE A CZ  1 
ATOM 957  N N   . LYS A 1 129 ? -0.167  -22.016 -19.436 1.00 55.33  ? 286 LYS A N   1 
ATOM 958  C CA  . LYS A 1 129 ? 0.267   -22.933 -20.483 1.00 55.33  ? 286 LYS A CA  1 
ATOM 959  C C   . LYS A 1 129 ? 0.759   -22.170 -21.689 1.00 55.33  ? 286 LYS A C   1 
ATOM 960  O O   . LYS A 1 129 ? 1.846   -22.425 -22.201 1.00 55.33  ? 286 LYS A O   1 
ATOM 961  C CB  . LYS A 1 129 ? -0.887  -23.831 -20.926 1.00 124.90 ? 286 LYS A CB  1 
ATOM 962  C CG  . LYS A 1 129 ? -1.466  -24.725 -19.854 1.00 94.16  ? 286 LYS A CG  1 
ATOM 963  C CD  . LYS A 1 129 ? -2.589  -25.569 -20.443 1.00 94.16  ? 286 LYS A CD  1 
ATOM 964  C CE  . LYS A 1 129 ? -3.242  -26.490 -19.409 1.00 94.16  ? 286 LYS A CE  1 
ATOM 965  N NZ  . LYS A 1 129 ? -4.382  -27.272 -19.997 1.00 94.16  ? 286 LYS A NZ  1 
ATOM 966  N N   . ASP A 1 130 ? -0.066  -21.234 -22.141 1.00 35.77  ? 287 ASP A N   1 
ATOM 967  C CA  . ASP A 1 130 ? 0.238   -20.420 -23.307 1.00 35.77  ? 287 ASP A CA  1 
ATOM 968  C C   . ASP A 1 130 ? 1.394   -19.498 -23.064 1.00 35.77  ? 287 ASP A C   1 
ATOM 969  O O   . ASP A 1 130 ? 1.710   -19.173 -21.926 1.00 35.77  ? 287 ASP A O   1 
ATOM 970  C CB  . ASP A 1 130 ? -0.959  -19.559 -23.693 1.00 82.12  ? 287 ASP A CB  1 
ATOM 971  C CG  . ASP A 1 130 ? -2.186  -20.370 -23.961 1.00 82.12  ? 287 ASP A CG  1 
ATOM 972  O OD1 . ASP A 1 130 ? -2.167  -21.162 -24.929 1.00 51.38  ? 287 ASP A OD1 1 
ATOM 973  O OD2 . ASP A 1 130 ? -3.165  -20.213 -23.199 1.00 51.38  ? 287 ASP A OD2 1 
ATOM 974  N N   . VAL A 1 131 ? 2.003   -19.066 -24.163 1.00 23.31  ? 288 VAL A N   1 
ATOM 975  C CA  . VAL A 1 131 ? 3.121   -18.138 -24.135 1.00 23.31  ? 288 VAL A CA  1 
ATOM 976  C C   . VAL A 1 131 ? 2.700   -16.876 -23.374 1.00 23.31  ? 288 VAL A C   1 
ATOM 977  O O   . VAL A 1 131 ? 1.642   -16.300 -23.647 1.00 23.31  ? 288 VAL A O   1 
ATOM 978  C CB  . VAL A 1 131 ? 3.536   -17.787 -25.595 1.00 59.39  ? 288 VAL A CB  1 
ATOM 979  C CG1 . VAL A 1 131 ? 4.463   -16.592 -25.630 1.00 28.65  ? 288 VAL A CG1 1 
ATOM 980  C CG2 . VAL A 1 131 ? 4.216   -18.991 -26.237 1.00 28.65  ? 288 VAL A CG2 1 
ATOM 981  N N   . ILE A 1 132 ? 3.519   -16.476 -22.404 1.00 37.87  ? 289 ILE A N   1 
ATOM 982  C CA  . ILE A 1 132 ? 3.251   -15.284 -21.609 1.00 37.87  ? 289 ILE A CA  1 
ATOM 983  C C   . ILE A 1 132 ? 4.059   -14.137 -22.196 1.00 37.87  ? 289 ILE A C   1 
ATOM 984  O O   . ILE A 1 132 ? 5.275   -14.250 -22.361 1.00 37.87  ? 289 ILE A O   1 
ATOM 985  C CB  . ILE A 1 132 ? 3.678   -15.470 -20.140 1.00 24.18  ? 289 ILE A CB  1 
ATOM 986  C CG1 . ILE A 1 132 ? 3.018   -16.724 -19.573 1.00 24.18  ? 289 ILE A CG1 1 
ATOM 987  C CG2 . ILE A 1 132 ? 3.313   -14.215 -19.309 1.00 24.18  ? 289 ILE A CG2 1 
ATOM 988  C CD1 . ILE A 1 132 ? 3.497   -17.031 -18.162 1.00 1.00   ? 289 ILE A CD1 1 
ATOM 989  N N   . ARG A 1 133 ? 3.382   -13.037 -22.513 1.00 49.14  ? 290 ARG A N   1 
ATOM 990  C CA  . ARG A 1 133 ? 4.053   -11.875 -23.091 1.00 49.14  ? 290 ARG A CA  1 
ATOM 991  C C   . ARG A 1 133 ? 4.543   -10.866 -22.035 1.00 49.14  ? 290 ARG A C   1 
ATOM 992  O O   . ARG A 1 133 ? 3.903   -10.663 -21.001 1.00 49.14  ? 290 ARG A O   1 
ATOM 993  C CB  . ARG A 1 133 ? 3.104   -11.186 -24.071 1.00 68.23  ? 290 ARG A CB  1 
ATOM 994  C CG  . ARG A 1 133 ? 2.582   -12.093 -25.162 1.00 68.23  ? 290 ARG A CG  1 
ATOM 995  C CD  . ARG A 1 133 ? 1.452   -11.408 -25.889 1.00 68.23  ? 290 ARG A CD  1 
ATOM 996  N NE  . ARG A 1 133 ? 0.391   -11.077 -24.947 1.00 37.49  ? 290 ARG A NE  1 
ATOM 997  C CZ  . ARG A 1 133 ? -0.482  -11.962 -24.455 1.00 37.49  ? 290 ARG A CZ  1 
ATOM 998  N NH1 . ARG A 1 133 ? -0.427  -13.244 -24.837 1.00 37.49  ? 290 ARG A NH1 1 
ATOM 999  N NH2 . ARG A 1 133 ? -1.386  -11.583 -23.550 1.00 37.49  ? 290 ARG A NH2 1 
ATOM 1000 N N   . PRO A 1 134 ? 5.702   -10.242 -22.274 1.00 31.57  ? 291 PRO A N   1 
ATOM 1001 C CA  . PRO A 1 134 ? 6.184   -9.273  -21.287 1.00 31.57  ? 291 PRO A CA  1 
ATOM 1002 C C   . PRO A 1 134 ? 5.186   -8.157  -21.175 1.00 31.57  ? 291 PRO A C   1 
ATOM 1003 O O   . PRO A 1 134 ? 4.753   -7.618  -22.183 1.00 31.57  ? 291 PRO A O   1 
ATOM 1004 C CB  . PRO A 1 134 ? 7.520   -8.798  -21.868 1.00 37.95  ? 291 PRO A CB  1 
ATOM 1005 C CG  . PRO A 1 134 ? 7.398   -9.080  -23.330 1.00 37.95  ? 291 PRO A CG  1 
ATOM 1006 C CD  . PRO A 1 134 ? 6.678   -10.411 -23.363 1.00 37.95  ? 291 PRO A CD  1 
ATOM 1007 N N   . GLY A 1 135 ? 4.804   -7.819  -19.952 1.00 36.91  ? 292 GLY A N   1 
ATOM 1008 C CA  . GLY A 1 135 ? 3.835   -6.757  -19.748 1.00 36.91  ? 292 GLY A CA  1 
ATOM 1009 C C   . GLY A 1 135 ? 2.490   -7.346  -19.373 1.00 36.91  ? 292 GLY A C   1 
ATOM 1010 O O   . GLY A 1 135 ? 1.729   -6.762  -18.592 1.00 36.91  ? 292 GLY A O   1 
ATOM 1011 N N   . MET A 1 136 ? 2.206   -8.522  -19.922 1.00 36.08  ? 293 MET A N   1 
ATOM 1012 C CA  . MET A 1 136 ? 0.952   -9.197  -19.671 1.00 36.08  ? 293 MET A CA  1 
ATOM 1013 C C   . MET A 1 136 ? 0.577   -9.203  -18.189 1.00 36.08  ? 293 MET A C   1 
ATOM 1014 O O   . MET A 1 136 ? 1.442   -9.130  -17.323 1.00 36.08  ? 293 MET A O   1 
ATOM 1015 C CB  . MET A 1 136 ? 1.032   -10.618 -20.174 1.00 65.05  ? 293 MET A CB  1 
ATOM 1016 C CG  . MET A 1 136 ? -0.294  -11.288 -20.183 1.00 65.05  ? 293 MET A CG  1 
ATOM 1017 S SD  . MET A 1 136 ? -0.084  -12.936 -20.739 1.00 34.31  ? 293 MET A SD  1 
ATOM 1018 C CE  . MET A 1 136 ? -0.103  -13.831 -19.145 1.00 34.31  ? 293 MET A CE  1 
ATOM 1019 N N   . ARG A 1 137 ? -0.719  -9.285  -17.901 1.00 41.98  ? 294 ARG A N   1 
ATOM 1020 C CA  . ARG A 1 137 ? -1.168  -9.316  -16.517 1.00 41.98  ? 294 ARG A CA  1 
ATOM 1021 C C   . ARG A 1 137 ? -2.427  -10.155 -16.353 1.00 41.98  ? 294 ARG A C   1 
ATOM 1022 O O   . ARG A 1 137 ? -3.332  -10.051 -17.158 1.00 41.98  ? 294 ARG A O   1 
ATOM 1023 C CB  . ARG A 1 137 ? -1.412  -7.899  -16.019 1.00 81.44  ? 294 ARG A CB  1 
ATOM 1024 C CG  . ARG A 1 137 ? -1.728  -6.947  -17.127 1.00 50.70  ? 294 ARG A CG  1 
ATOM 1025 C CD  . ARG A 1 137 ? -2.193  -5.628  -16.592 1.00 50.70  ? 294 ARG A CD  1 
ATOM 1026 N NE  . ARG A 1 137 ? -1.168  -4.947  -15.821 1.00 50.70  ? 294 ARG A NE  1 
ATOM 1027 C CZ  . ARG A 1 137 ? -1.421  -3.910  -15.030 1.00 50.70  ? 294 ARG A CZ  1 
ATOM 1028 N NH1 . ARG A 1 137 ? -2.666  -3.458  -14.925 1.00 50.70  ? 294 ARG A NH1 1 
ATOM 1029 N NH2 . ARG A 1 137 ? -0.444  -3.335  -14.332 1.00 50.70  ? 294 ARG A NH2 1 
ATOM 1030 N N   . ARG A 1 138 ? -2.453  -11.005 -15.323 1.00 35.49  ? 295 ARG A N   1 
ATOM 1031 C CA  . ARG A 1 138 ? -3.603  -11.858 -15.009 1.00 35.49  ? 295 ARG A CA  1 
ATOM 1032 C C   . ARG A 1 138 ? -4.297  -11.281 -13.798 1.00 35.49  ? 295 ARG A C   1 
ATOM 1033 O O   . ARG A 1 138 ? -3.663  -11.102 -12.764 1.00 35.49  ? 295 ARG A O   1 
ATOM 1034 C CB  . ARG A 1 138 ? -3.162  -13.256 -14.627 1.00 101.39 ? 295 ARG A CB  1 
ATOM 1035 C CG  . ARG A 1 138 ? -3.185  -14.225 -15.739 1.00 70.65  ? 295 ARG A CG  1 
ATOM 1036 C CD  . ARG A 1 138 ? -4.574  -14.714 -16.101 1.00 70.65  ? 295 ARG A CD  1 
ATOM 1037 N NE  . ARG A 1 138 ? -4.473  -15.433 -17.370 1.00 70.65  ? 295 ARG A NE  1 
ATOM 1038 C CZ  . ARG A 1 138 ? -4.254  -14.836 -18.543 1.00 70.65  ? 295 ARG A CZ  1 
ATOM 1039 N NH1 . ARG A 1 138 ? -4.132  -13.510 -18.614 1.00 70.65  ? 295 ARG A NH1 1 
ATOM 1040 N NH2 . ARG A 1 138 ? -4.120  -15.561 -19.643 1.00 70.65  ? 295 ARG A NH2 1 
ATOM 1041 N N   . LYS A 1 139 ? -5.590  -10.997 -13.908 1.00 37.66  ? 296 LYS A N   1 
ATOM 1042 C CA  . LYS A 1 139 ? -6.311  -10.467 -12.764 1.00 37.66  ? 296 LYS A CA  1 
ATOM 1043 C C   . LYS A 1 139 ? -6.706  -11.622 -11.870 1.00 37.66  ? 296 LYS A C   1 
ATOM 1044 O O   . LYS A 1 139 ? -7.000  -12.709 -12.359 1.00 37.66  ? 296 LYS A O   1 
ATOM 1045 C CB  . LYS A 1 139 ? -7.565  -9.699  -13.197 1.00 101.29 ? 296 LYS A CB  1 
ATOM 1046 C CG  . LYS A 1 139 ? -8.610  -9.566  -12.084 1.00 70.55  ? 296 LYS A CG  1 
ATOM 1047 C CD  . LYS A 1 139 ? -9.418  -8.258  -12.152 1.00 70.55  ? 296 LYS A CD  1 
ATOM 1048 C CE  . LYS A 1 139 ? -8.578  -7.040  -11.707 1.00 70.55  ? 296 LYS A CE  1 
ATOM 1049 N NZ  . LYS A 1 139 ? -9.356  -5.763  -11.542 1.00 70.55  ? 296 LYS A NZ  1 
ATOM 1050 N N   . VAL A 1 140 ? -6.666  -11.389 -10.558 1.00 49.29  ? 297 VAL A N   1 
ATOM 1051 C CA  . VAL A 1 140 ? -7.059  -12.391 -9.570  1.00 49.29  ? 297 VAL A CA  1 
ATOM 1052 C C   . VAL A 1 140 ? -8.195  -11.762 -8.773  1.00 49.29  ? 297 VAL A C   1 
ATOM 1053 O O   . VAL A 1 140 ? -7.973  -10.934 -7.883  1.00 49.29  ? 297 VAL A O   1 
ATOM 1054 C CB  . VAL A 1 140 ? -5.929  -12.739 -8.599  1.00 69.22  ? 297 VAL A CB  1 
ATOM 1055 C CG1 . VAL A 1 140 ? -6.418  -13.759 -7.607  1.00 38.48  ? 297 VAL A CG1 1 
ATOM 1056 C CG2 . VAL A 1 140 ? -4.748  -13.296 -9.342  1.00 38.48  ? 297 VAL A CG2 1 
ATOM 1057 N N   . PRO A 1 141 ? -9.435  -12.145 -9.099  1.00 58.88  ? 298 PRO A N   1 
ATOM 1058 C CA  . PRO A 1 141 ? -10.661 -11.660 -8.466  1.00 58.88  ? 298 PRO A CA  1 
ATOM 1059 C C   . PRO A 1 141 ? -10.699 -11.696 -6.948  1.00 58.88  ? 298 PRO A C   1 
ATOM 1060 O O   . PRO A 1 141 ? -10.361 -12.699 -6.324  1.00 58.88  ? 298 PRO A O   1 
ATOM 1061 C CB  . PRO A 1 141 ? -11.734 -12.545 -9.082  1.00 64.65  ? 298 PRO A CB  1 
ATOM 1062 C CG  . PRO A 1 141 ? -11.210 -12.772 -10.451 1.00 64.65  ? 298 PRO A CG  1 
ATOM 1063 C CD  . PRO A 1 141 ? -9.758  -13.091 -10.181 1.00 64.65  ? 298 PRO A CD  1 
ATOM 1064 N N   . GLY A 1 142 ? -11.108 -10.570 -6.376  1.00 44.85  ? 299 GLY A N   1 
ATOM 1065 C CA  . GLY A 1 142 ? -11.260 -10.443 -4.941  1.00 44.85  ? 299 GLY A CA  1 
ATOM 1066 C C   . GLY A 1 142 ? -10.051 -10.600 -4.048  1.00 44.85  ? 299 GLY A C   1 
ATOM 1067 O O   . GLY A 1 142 ? -10.186 -10.680 -2.820  1.00 44.85  ? 299 GLY A O   1 
ATOM 1068 N N   . GLU A 1 143 ? -8.865  -10.648 -4.625  1.00 44.86  ? 300 GLU A N   1 
ATOM 1069 C CA  . GLU A 1 143 ? -7.714  -10.783 -3.773  1.00 44.86  ? 300 GLU A CA  1 
ATOM 1070 C C   . GLU A 1 143 ? -7.153  -9.414  -3.426  1.00 44.86  ? 300 GLU A C   1 
ATOM 1071 O O   . GLU A 1 143 ? -6.115  -9.307  -2.789  1.00 44.86  ? 300 GLU A O   1 
ATOM 1072 C CB  . GLU A 1 143 ? -6.669  -11.662 -4.435  1.00 72.30  ? 300 GLU A CB  1 
ATOM 1073 C CG  . GLU A 1 143 ? -6.099  -12.674 -3.463  1.00 72.30  ? 300 GLU A CG  1 
ATOM 1074 C CD  . GLU A 1 143 ? -7.184  -13.456 -2.733  1.00 72.30  ? 300 GLU A CD  1 
ATOM 1075 O OE1 . GLU A 1 143 ? -7.950  -14.189 -3.390  1.00 72.30  ? 300 GLU A OE1 1 
ATOM 1076 O OE2 . GLU A 1 143 ? -7.267  -13.332 -1.496  1.00 41.56  ? 300 GLU A OE2 1 
ATOM 1077 N N   . GLY A 1 144 ? -7.869  -8.367  -3.821  1.00 38.49  ? 301 GLY A N   1 
ATOM 1078 C CA  . GLY A 1 144 ? -7.426  -7.009  -3.529  1.00 38.49  ? 301 GLY A CA  1 
ATOM 1079 C C   . GLY A 1 144 ? -7.846  -6.468  -2.164  1.00 38.49  ? 301 GLY A C   1 
ATOM 1080 O O   . GLY A 1 144 ? -8.001  -7.222  -1.201  1.00 38.49  ? 301 GLY A O   1 
ATOM 1081 N N   . LEU A 1 145 ? -8.025  -5.153  -2.082  1.00 60.88  ? 302 LEU A N   1 
ATOM 1082 C CA  . LEU A 1 145 ? -8.425  -4.498  -0.835  1.00 60.88  ? 302 LEU A CA  1 
ATOM 1083 C C   . LEU A 1 145 ? -9.931  -4.239  -0.772  1.00 60.88  ? 302 LEU A C   1 
ATOM 1084 O O   . LEU A 1 145 ? -10.565 -3.963  -1.793  1.00 60.88  ? 302 LEU A O   1 
ATOM 1085 C CB  . LEU A 1 145 ? -7.689  -3.167  -0.686  1.00 76.72  ? 302 LEU A CB  1 
ATOM 1086 C CG  . LEU A 1 145 ? -6.169  -3.226  -0.546  1.00 76.72  ? 302 LEU A CG  1 
ATOM 1087 C CD1 . LEU A 1 145 ? -5.597  -1.846  -0.846  1.00 45.98  ? 302 LEU A CD1 1 
ATOM 1088 C CD2 . LEU A 1 145 ? -5.780  -3.710  0.862   1.00 45.98  ? 302 LEU A CD2 1 
ATOM 1089 N N   . PRO A 1 146 ? -10.524 -4.317  0.434   1.00 55.65  ? 303 PRO A N   1 
ATOM 1090 C CA  . PRO A 1 146 ? -11.971 -4.074  0.565   1.00 55.65  ? 303 PRO A CA  1 
ATOM 1091 C C   . PRO A 1 146 ? -12.333 -2.684  0.061   1.00 55.65  ? 303 PRO A C   1 
ATOM 1092 O O   . PRO A 1 146 ? -11.573 -1.737  0.277   1.00 55.65  ? 303 PRO A O   1 
ATOM 1093 C CB  . PRO A 1 146 ? -12.218 -4.225  2.068   1.00 41.18  ? 303 PRO A CB  1 
ATOM 1094 C CG  . PRO A 1 146 ? -10.873 -3.845  2.691   1.00 41.18  ? 303 PRO A CG  1 
ATOM 1095 C CD  . PRO A 1 146 ? -9.895  -4.540  1.754   1.00 41.18  ? 303 PRO A CD  1 
ATOM 1096 N N   . LEU A 1 147 ? -13.469 -2.558  -0.625  1.00 46.58  ? 304 LEU A N   1 
ATOM 1097 C CA  . LEU A 1 147 ? -13.888 -1.255  -1.125  1.00 46.58  ? 304 LEU A CA  1 
ATOM 1098 C C   . LEU A 1 147 ? -14.548 -0.500  0.028   1.00 46.58  ? 304 LEU A C   1 
ATOM 1099 O O   . LEU A 1 147 ? -15.441 -1.023  0.701   1.00 46.58  ? 304 LEU A O   1 
ATOM 1100 C CB  . LEU A 1 147 ? -14.873 -1.400  -2.279  1.00 69.12  ? 304 LEU A CB  1 
ATOM 1101 C CG  . LEU A 1 147 ? -14.462 -2.385  -3.370  1.00 38.38  ? 304 LEU A CG  1 
ATOM 1102 C CD1 . LEU A 1 147 ? -15.161 -3.709  -3.105  1.00 38.38  ? 304 LEU A CD1 1 
ATOM 1103 C CD2 . LEU A 1 147 ? -14.852 -1.865  -4.753  1.00 38.38  ? 304 LEU A CD2 1 
ATOM 1104 N N   . PRO A 1 148 ? -14.110 0.742   0.274   1.00 72.32  ? 305 PRO A N   1 
ATOM 1105 C CA  . PRO A 1 148 ? -14.650 1.577   1.350   1.00 72.32  ? 305 PRO A CA  1 
ATOM 1106 C C   . PRO A 1 148 ? -16.184 1.607   1.379   1.00 72.32  ? 305 PRO A C   1 
ATOM 1107 O O   . PRO A 1 148 ? -16.802 1.229   2.379   1.00 72.32  ? 305 PRO A O   1 
ATOM 1108 C CB  . PRO A 1 148 ? -14.056 2.947   1.050   1.00 53.76  ? 305 PRO A CB  1 
ATOM 1109 C CG  . PRO A 1 148 ? -12.781 2.622   0.352   1.00 53.76  ? 305 PRO A CG  1 
ATOM 1110 C CD  . PRO A 1 148 ? -13.166 1.504   -0.559  1.00 53.76  ? 305 PRO A CD  1 
ATOM 1111 N N   . LYS A 1 149 ? -16.791 2.060   0.285   1.00 102.88 ? 306 LYS A N   1 
ATOM 1112 C CA  . LYS A 1 149 ? -18.246 2.129   0.189   1.00 102.88 ? 306 LYS A CA  1 
ATOM 1113 C C   . LYS A 1 149 ? -18.890 0.789   0.545   1.00 102.88 ? 306 LYS A C   1 
ATOM 1114 O O   . LYS A 1 149 ? -19.982 0.748   1.111   1.00 102.88 ? 306 LYS A O   1 
ATOM 1115 C CB  . LYS A 1 149 ? -18.669 2.533   -1.228  1.00 133.02 ? 306 LYS A CB  1 
ATOM 1116 C CG  . LYS A 1 149 ? -20.183 2.540   -1.453  1.00 133.02 ? 306 LYS A CG  1 
ATOM 1117 C CD  . LYS A 1 149 ? -20.539 2.793   -2.919  1.00 133.02 ? 306 LYS A CD  1 
ATOM 1118 C CE  . LYS A 1 149 ? -22.049 2.830   -3.142  1.00 133.02 ? 306 LYS A CE  1 
ATOM 1119 N NZ  . LYS A 1 149 ? -22.727 1.560   -2.749  1.00 133.02 ? 306 LYS A NZ  1 
ATOM 1120 N N   . THR A 1 150 ? -18.214 -0.303  0.206   1.00 60.53  ? 307 THR A N   1 
ATOM 1121 C CA  . THR A 1 150 ? -18.734 -1.632  0.493   1.00 60.53  ? 307 THR A CA  1 
ATOM 1122 C C   . THR A 1 150 ? -17.639 -2.531  1.046   1.00 60.53  ? 307 THR A C   1 
ATOM 1123 O O   . THR A 1 150 ? -17.200 -3.473  0.384   1.00 60.53  ? 307 THR A O   1 
ATOM 1124 C CB  . THR A 1 150 ? -19.301 -2.283  -0.768  1.00 93.27  ? 307 THR A CB  1 
ATOM 1125 O OG1 . THR A 1 150 ? -18.256 -2.427  -1.737  1.00 62.53  ? 307 THR A OG1 1 
ATOM 1126 C CG2 . THR A 1 150 ? -20.398 -1.424  -1.351  1.00 62.53  ? 307 THR A CG2 1 
ATOM 1127 N N   . PRO A 1 151 ? -17.188 -2.258  2.276   1.00 81.72  ? 308 PRO A N   1 
ATOM 1128 C CA  . PRO A 1 151 ? -16.133 -3.078  2.876   1.00 81.72  ? 308 PRO A CA  1 
ATOM 1129 C C   . PRO A 1 151 ? -16.428 -4.557  2.696   1.00 81.72  ? 308 PRO A C   1 
ATOM 1130 O O   . PRO A 1 151 ? -15.539 -5.398  2.807   1.00 81.72  ? 308 PRO A O   1 
ATOM 1131 C CB  . PRO A 1 151 ? -16.149 -2.649  4.343   1.00 69.45  ? 308 PRO A CB  1 
ATOM 1132 C CG  . PRO A 1 151 ? -17.571 -2.189  4.545   1.00 69.45  ? 308 PRO A CG  1 
ATOM 1133 C CD  . PRO A 1 151 ? -17.835 -1.411  3.289   1.00 69.45  ? 308 PRO A CD  1 
ATOM 1134 N N   . GLU A 1 152 ? -17.686 -4.865  2.407   1.00 71.41  ? 309 GLU A N   1 
ATOM 1135 C CA  . GLU A 1 152 ? -18.103 -6.240  2.197   1.00 71.41  ? 309 GLU A CA  1 
ATOM 1136 C C   . GLU A 1 152 ? -17.239 -6.890  1.134   1.00 71.41  ? 309 GLU A C   1 
ATOM 1137 O O   . GLU A 1 152 ? -16.534 -7.862  1.400   1.00 71.41  ? 309 GLU A O   1 
ATOM 1138 C CB  . GLU A 1 152 ? -19.575 -6.281  1.782   1.00 156.25 ? 309 GLU A CB  1 
ATOM 1139 C CG  . GLU A 1 152 ? -20.475 -6.846  2.860   1.00 125.51 ? 309 GLU A CG  1 
ATOM 1140 C CD  . GLU A 1 152 ? -19.945 -6.560  4.255   1.00 125.51 ? 309 GLU A CD  1 
ATOM 1141 O OE1 . GLU A 1 152 ? -19.746 -5.370  4.583   1.00 125.51 ? 309 GLU A OE1 1 
ATOM 1142 O OE2 . GLU A 1 152 ? -19.719 -7.523  5.022   1.00 125.51 ? 309 GLU A OE2 1 
ATOM 1143 N N   . LYS A 1 153 ? -17.287 -6.334  -0.070  1.00 54.85  ? 310 LYS A N   1 
ATOM 1144 C CA  . LYS A 1 153 ? -16.516 -6.853  -1.186  1.00 54.85  ? 310 LYS A CA  1 
ATOM 1145 C C   . LYS A 1 153 ? -15.148 -6.194  -1.296  1.00 54.85  ? 310 LYS A C   1 
ATOM 1146 O O   . LYS A 1 153 ? -14.951 -5.060  -0.854  1.00 54.85  ? 310 LYS A O   1 
ATOM 1147 C CB  . LYS A 1 153 ? -17.307 -6.665  -2.475  1.00 96.13  ? 310 LYS A CB  1 
ATOM 1148 C CG  . LYS A 1 153 ? -18.137 -5.399  -2.489  1.00 96.13  ? 310 LYS A CG  1 
ATOM 1149 C CD  . LYS A 1 153 ? -19.173 -5.453  -3.588  1.00 96.13  ? 310 LYS A CD  1 
ATOM 1150 C CE  . LYS A 1 153 ? -20.056 -6.682  -3.441  1.00 65.39  ? 310 LYS A CE  1 
ATOM 1151 N NZ  . LYS A 1 153 ? -21.081 -6.747  -4.519  1.00 65.39  ? 310 LYS A NZ  1 
ATOM 1152 N N   . ARG A 1 154 ? -14.208 -6.931  -1.883  1.00 74.55  ? 311 ARG A N   1 
ATOM 1153 C CA  . ARG A 1 154 ? -12.830 -6.482  -2.068  1.00 74.55  ? 311 ARG A CA  1 
ATOM 1154 C C   . ARG A 1 154 ? -12.450 -6.292  -3.536  1.00 74.55  ? 311 ARG A C   1 
ATOM 1155 O O   . ARG A 1 154 ? -13.090 -6.832  -4.437  1.00 74.55  ? 311 ARG A O   1 
ATOM 1156 C CB  . ARG A 1 154 ? -11.853 -7.503  -1.463  1.00 72.50  ? 311 ARG A CB  1 
ATOM 1157 C CG  . ARG A 1 154 ? -11.594 -7.385  0.025   1.00 72.50  ? 311 ARG A CG  1 
ATOM 1158 C CD  . ARG A 1 154 ? -10.276 -8.077  0.395   1.00 72.50  ? 311 ARG A CD  1 
ATOM 1159 N NE  . ARG A 1 154 ? -10.333 -9.531  0.266   1.00 72.50  ? 311 ARG A NE  1 
ATOM 1160 C CZ  . ARG A 1 154 ? -9.263  -10.321 0.232   1.00 72.50  ? 311 ARG A CZ  1 
ATOM 1161 N NH1 . ARG A 1 154 ? -8.047  -9.794  0.310   1.00 72.50  ? 311 ARG A NH1 1 
ATOM 1162 N NH2 . ARG A 1 154 ? -9.405  -11.638 0.127   1.00 72.50  ? 311 ARG A NH2 1 
ATOM 1163 N N   . GLY A 1 155 ? -11.390 -5.523  -3.761  1.00 55.04  ? 312 GLY A N   1 
ATOM 1164 C CA  . GLY A 1 155 ? -10.894 -5.301  -5.107  1.00 55.04  ? 312 GLY A CA  1 
ATOM 1165 C C   . GLY A 1 155 ? -10.088 -6.520  -5.532  1.00 55.04  ? 312 GLY A C   1 
ATOM 1166 O O   . GLY A 1 155 ? -10.004 -7.503  -4.794  1.00 55.04  ? 312 GLY A O   1 
ATOM 1167 N N   . ASP A 1 156 ? -9.477  -6.464  -6.709  1.00 37.23  ? 313 ASP A N   1 
ATOM 1168 C CA  . ASP A 1 156 ? -8.713  -7.604  -7.193  1.00 37.23  ? 313 ASP A CA  1 
ATOM 1169 C C   . ASP A 1 156 ? -7.199  -7.488  -7.120  1.00 37.23  ? 313 ASP A C   1 
ATOM 1170 O O   . ASP A 1 156 ? -6.617  -6.398  -7.027  1.00 37.23  ? 313 ASP A O   1 
ATOM 1171 C CB  . ASP A 1 156 ? -9.087  -7.915  -8.644  1.00 82.75  ? 313 ASP A CB  1 
ATOM 1172 C CG  . ASP A 1 156 ? -10.575 -8.105  -8.843  1.00 82.75  ? 313 ASP A CG  1 
ATOM 1173 O OD1 . ASP A 1 156 ? -11.149 -9.033  -8.239  1.00 82.75  ? 313 ASP A OD1 1 
ATOM 1174 O OD2 . ASP A 1 156 ? -11.172 -7.324  -9.610  1.00 52.01  ? 313 ASP A OD2 1 
ATOM 1175 N N   . LEU A 1 157 ? -6.571  -8.654  -7.163  1.00 37.11  ? 314 LEU A N   1 
ATOM 1176 C CA  . LEU A 1 157 ? -5.117  -8.765  -7.175  1.00 37.11  ? 314 LEU A CA  1 
ATOM 1177 C C   . LEU A 1 157 ? -4.688  -8.934  -8.653  1.00 37.11  ? 314 LEU A C   1 
ATOM 1178 O O   . LEU A 1 157 ? -5.171  -9.836  -9.370  1.00 37.11  ? 314 LEU A O   1 
ATOM 1179 C CB  . LEU A 1 157 ? -4.679  -9.980  -6.360  1.00 59.82  ? 314 LEU A CB  1 
ATOM 1180 C CG  . LEU A 1 157 ? -3.203  -10.356 -6.472  1.00 59.82  ? 314 LEU A CG  1 
ATOM 1181 C CD1 . LEU A 1 157 ? -2.325  -9.157  -6.195  1.00 59.82  ? 314 LEU A CD1 1 
ATOM 1182 C CD2 . LEU A 1 157 ? -2.910  -11.458 -5.489  1.00 59.82  ? 314 LEU A CD2 1 
ATOM 1183 N N   . ILE A 1 158 ? -3.799  -8.052  -9.105  1.00 36.12  ? 315 ILE A N   1 
ATOM 1184 C CA  . ILE A 1 158 ? -3.329  -8.109  -10.496 1.00 36.12  ? 315 ILE A CA  1 
ATOM 1185 C C   . ILE A 1 158 ? -1.897  -8.587  -10.676 1.00 36.12  ? 315 ILE A C   1 
ATOM 1186 O O   . ILE A 1 158 ? -0.943  -7.984  -10.192 1.00 36.12  ? 315 ILE A O   1 
ATOM 1187 C CB  . ILE A 1 158 ? -3.455  -6.743  -11.179 1.00 42.32  ? 315 ILE A CB  1 
ATOM 1188 C CG1 . ILE A 1 158 ? -4.913  -6.280  -11.118 1.00 42.32  ? 315 ILE A CG1 1 
ATOM 1189 C CG2 . ILE A 1 158 ? -2.944  -6.837  -12.621 1.00 42.32  ? 315 ILE A CG2 1 
ATOM 1190 C CD1 . ILE A 1 158 ? -5.070  -4.800  -11.340 1.00 42.32  ? 315 ILE A CD1 1 
ATOM 1191 N N   . ILE A 1 159 ? -1.761  -9.683  -11.390 1.00 30.34  ? 316 ILE A N   1 
ATOM 1192 C CA  . ILE A 1 159 ? -0.454  -10.241 -11.652 1.00 30.34  ? 316 ILE A CA  1 
ATOM 1193 C C   . ILE A 1 159 ? 0.135   -9.541  -12.856 1.00 30.34  ? 316 ILE A C   1 
ATOM 1194 O O   . ILE A 1 159 ? -0.474  -9.503  -13.929 1.00 30.34  ? 316 ILE A O   1 
ATOM 1195 C CB  . ILE A 1 159 ? -0.556  -11.732 -11.958 1.00 41.68  ? 316 ILE A CB  1 
ATOM 1196 C CG1 . ILE A 1 159 ? -1.044  -12.453 -10.711 1.00 41.68  ? 316 ILE A CG1 1 
ATOM 1197 C CG2 . ILE A 1 159 ? 0.782   -12.265 -12.455 1.00 41.68  ? 316 ILE A CG2 1 
ATOM 1198 C CD1 . ILE A 1 159 ? -1.083  -13.928 -10.877 1.00 10.94  ? 316 ILE A CD1 1 
ATOM 1199 N N   . GLU A 1 160 ? 1.314   -8.967  -12.675 1.00 36.51  ? 317 GLU A N   1 
ATOM 1200 C CA  . GLU A 1 160 ? 1.973   -8.313  -13.785 1.00 36.51  ? 317 GLU A CA  1 
ATOM 1201 C C   . GLU A 1 160 ? 3.330   -8.972  -14.017 1.00 36.51  ? 317 GLU A C   1 
ATOM 1202 O O   . GLU A 1 160 ? 4.262   -8.795  -13.229 1.00 36.51  ? 317 GLU A O   1 
ATOM 1203 C CB  . GLU A 1 160 ? 2.149   -6.847  -13.492 1.00 69.67  ? 317 GLU A CB  1 
ATOM 1204 C CG  . GLU A 1 160 ? 1.522   -6.026  -14.537 1.00 69.67  ? 317 GLU A CG  1 
ATOM 1205 C CD  . GLU A 1 160 ? 2.195   -4.709  -14.671 1.00 69.67  ? 317 GLU A CD  1 
ATOM 1206 O OE1 . GLU A 1 160 ? 2.228   -3.982  -13.659 1.00 38.93  ? 317 GLU A OE1 1 
ATOM 1207 O OE2 . GLU A 1 160 ? 2.689   -4.412  -15.784 1.00 38.93  ? 317 GLU A OE2 1 
ATOM 1208 N N   . PHE A 1 161 ? 3.439   -9.735  -15.099 1.00 28.30  ? 318 PHE A N   1 
ATOM 1209 C CA  . PHE A 1 161 ? 4.687   -10.441 -15.409 1.00 28.30  ? 318 PHE A CA  1 
ATOM 1210 C C   . PHE A 1 161 ? 5.817   -9.612  -15.975 1.00 28.30  ? 318 PHE A C   1 
ATOM 1211 O O   . PHE A 1 161 ? 5.596   -8.724  -16.796 1.00 28.30  ? 318 PHE A O   1 
ATOM 1212 C CB  . PHE A 1 161 ? 4.466   -11.576 -16.414 1.00 34.42  ? 318 PHE A CB  1 
ATOM 1213 C CG  . PHE A 1 161 ? 3.479   -12.593 -15.979 1.00 34.42  ? 318 PHE A CG  1 
ATOM 1214 C CD1 . PHE A 1 161 ? 2.124   -12.435 -16.278 1.00 34.42  ? 318 PHE A CD1 1 
ATOM 1215 C CD2 . PHE A 1 161 ? 3.901   -13.731 -15.296 1.00 34.42  ? 318 PHE A CD2 1 
ATOM 1216 C CE1 . PHE A 1 161 ? 1.197   -13.407 -15.905 1.00 34.42  ? 318 PHE A CE1 1 
ATOM 1217 C CE2 . PHE A 1 161 ? 2.987   -14.721 -14.908 1.00 34.42  ? 318 PHE A CE2 1 
ATOM 1218 C CZ  . PHE A 1 161 ? 1.634   -14.563 -15.214 1.00 34.42  ? 318 PHE A CZ  1 
ATOM 1219 N N   . GLU A 1 162 ? 7.026   -9.944  -15.529 1.00 29.72  ? 319 GLU A N   1 
ATOM 1220 C CA  . GLU A 1 162 ? 8.256   -9.341  -16.023 1.00 29.72  ? 319 GLU A CA  1 
ATOM 1221 C C   . GLU A 1 162 ? 9.115   -10.533 -16.513 1.00 29.72  ? 319 GLU A C   1 
ATOM 1222 O O   . GLU A 1 162 ? 9.442   -11.461 -15.746 1.00 29.72  ? 319 GLU A O   1 
ATOM 1223 C CB  . GLU A 1 162 ? 8.995   -8.588  -14.919 1.00 67.80  ? 319 GLU A CB  1 
ATOM 1224 C CG  . GLU A 1 162 ? 10.060  -7.659  -15.481 1.00 67.80  ? 319 GLU A CG  1 
ATOM 1225 C CD  . GLU A 1 162 ? 10.852  -6.933  -14.403 1.00 67.80  ? 319 GLU A CD  1 
ATOM 1226 O OE1 . GLU A 1 162 ? 10.337  -6.803  -13.259 1.00 37.06  ? 319 GLU A OE1 1 
ATOM 1227 O OE2 . GLU A 1 162 ? 11.983  -6.473  -14.710 1.00 37.06  ? 319 GLU A OE2 1 
ATOM 1228 N N   . VAL A 1 163 ? 9.458   -10.547 -17.792 1.00 20.99  ? 320 VAL A N   1 
ATOM 1229 C CA  . VAL A 1 163 ? 10.267  -11.649 -18.259 1.00 20.99  ? 320 VAL A CA  1 
ATOM 1230 C C   . VAL A 1 163 ? 11.731  -11.274 -18.201 1.00 20.99  ? 320 VAL A C   1 
ATOM 1231 O O   . VAL A 1 163 ? 12.157  -10.366 -18.902 1.00 20.99  ? 320 VAL A O   1 
ATOM 1232 C CB  . VAL A 1 163 ? 9.928   -12.058 -19.703 1.00 9.44   ? 320 VAL A CB  1 
ATOM 1233 C CG1 . VAL A 1 163 ? 10.690  -13.328 -20.055 1.00 9.44   ? 320 VAL A CG1 1 
ATOM 1234 C CG2 . VAL A 1 163 ? 8.417   -12.270 -19.854 1.00 9.44   ? 320 VAL A CG2 1 
ATOM 1235 N N   . ILE A 1 164 ? 12.488  -11.980 -17.358 1.00 40.00  ? 321 ILE A N   1 
ATOM 1236 C CA  . ILE A 1 164 ? 13.918  -11.757 -17.216 1.00 40.00  ? 321 ILE A CA  1 
ATOM 1237 C C   . ILE A 1 164 ? 14.600  -12.579 -18.300 1.00 40.00  ? 321 ILE A C   1 
ATOM 1238 O O   . ILE A 1 164 ? 14.429  -13.803 -18.370 1.00 40.00  ? 321 ILE A O   1 
ATOM 1239 C CB  . ILE A 1 164 ? 14.451  -12.228 -15.822 1.00 47.52  ? 321 ILE A CB  1 
ATOM 1240 C CG1 . ILE A 1 164 ? 13.987  -11.259 -14.709 1.00 16.78  ? 321 ILE A CG1 1 
ATOM 1241 C CG2 . ILE A 1 164 ? 16.006  -12.316 -15.843 1.00 16.78  ? 321 ILE A CG2 1 
ATOM 1242 C CD1 . ILE A 1 164 ? 12.504  -11.229 -14.493 1.00 16.78  ? 321 ILE A CD1 1 
ATOM 1243 N N   . PHE A 1 165 ? 15.358  -11.900 -19.154 1.00 37.75  ? 322 PHE A N   1 
ATOM 1244 C CA  . PHE A 1 165 ? 16.078  -12.565 -20.230 1.00 37.75  ? 322 PHE A CA  1 
ATOM 1245 C C   . PHE A 1 165 ? 17.438  -13.001 -19.767 1.00 37.75  ? 322 PHE A C   1 
ATOM 1246 O O   . PHE A 1 165 ? 17.965  -12.478 -18.788 1.00 37.75  ? 322 PHE A O   1 
ATOM 1247 C CB  . PHE A 1 165 ? 16.268  -11.628 -21.415 1.00 43.19  ? 322 PHE A CB  1 
ATOM 1248 C CG  . PHE A 1 165 ? 15.070  -11.511 -22.286 1.00 43.19  ? 322 PHE A CG  1 
ATOM 1249 C CD1 . PHE A 1 165 ? 15.158  -10.873 -23.514 1.00 43.19  ? 322 PHE A CD1 1 
ATOM 1250 C CD2 . PHE A 1 165 ? 13.855  -12.072 -21.896 1.00 43.19  ? 322 PHE A CD2 1 
ATOM 1251 C CE1 . PHE A 1 165 ? 14.055  -10.792 -24.357 1.00 43.19  ? 322 PHE A CE1 1 
ATOM 1252 C CE2 . PHE A 1 165 ? 12.746  -12.003 -22.719 1.00 43.19  ? 322 PHE A CE2 1 
ATOM 1253 C CZ  . PHE A 1 165 ? 12.843  -11.357 -23.965 1.00 43.19  ? 322 PHE A CZ  1 
ATOM 1254 N N   . PRO A 1 166 ? 18.036  -13.970 -20.464 1.00 35.38  ? 323 PRO A N   1 
ATOM 1255 C CA  . PRO A 1 166 ? 19.365  -14.417 -20.053 1.00 35.38  ? 323 PRO A CA  1 
ATOM 1256 C C   . PRO A 1 166 ? 20.371  -13.309 -20.353 1.00 35.38  ? 323 PRO A C   1 
ATOM 1257 O O   . PRO A 1 166 ? 20.143  -12.477 -21.232 1.00 35.38  ? 323 PRO A O   1 
ATOM 1258 C CB  . PRO A 1 166 ? 19.585  -15.679 -20.898 1.00 28.13  ? 323 PRO A CB  1 
ATOM 1259 C CG  . PRO A 1 166 ? 18.828  -15.402 -22.131 1.00 28.13  ? 323 PRO A CG  1 
ATOM 1260 C CD  . PRO A 1 166 ? 17.552  -14.745 -21.619 1.00 28.13  ? 323 PRO A CD  1 
ATOM 1261 N N   . GLU A 1 167 ? 21.475  -13.297 -19.618 1.00 46.59  ? 324 GLU A N   1 
ATOM 1262 C CA  . GLU A 1 167 ? 22.499  -12.280 -19.804 1.00 46.59  ? 324 GLU A CA  1 
ATOM 1263 C C   . GLU A 1 167 ? 23.132  -12.361 -21.201 1.00 46.59  ? 324 GLU A C   1 
ATOM 1264 O O   . GLU A 1 167 ? 23.200  -11.370 -21.928 1.00 46.59  ? 324 GLU A O   1 
ATOM 1265 C CB  . GLU A 1 167 ? 23.550  -12.424 -18.711 1.00 70.69  ? 324 GLU A CB  1 
ATOM 1266 C CG  . GLU A 1 167 ? 24.409  -11.197 -18.498 1.00 39.95  ? 324 GLU A CG  1 
ATOM 1267 C CD  . GLU A 1 167 ? 23.611  -9.913  -18.260 1.00 39.95  ? 324 GLU A CD  1 
ATOM 1268 O OE1 . GLU A 1 167 ? 22.512  -9.967  -17.644 1.00 39.95  ? 324 GLU A OE1 1 
ATOM 1269 O OE2 . GLU A 1 167 ? 24.107  -8.839  -18.683 1.00 39.95  ? 324 GLU A OE2 1 
ATOM 1270 N N   . ARG A 1 168 ? 23.601  -13.540 -21.578 1.00 60.76  ? 325 ARG A N   1 
ATOM 1271 C CA  . ARG A 1 168 ? 24.182  -13.704 -22.898 1.00 60.76  ? 325 ARG A CA  1 
ATOM 1272 C C   . ARG A 1 168 ? 23.802  -15.073 -23.428 1.00 60.76  ? 325 ARG A C   1 
ATOM 1273 O O   . ARG A 1 168 ? 23.365  -15.945 -22.669 1.00 60.76  ? 325 ARG A O   1 
ATOM 1274 C CB  . ARG A 1 168 ? 25.696  -13.549 -22.854 1.00 93.86  ? 325 ARG A CB  1 
ATOM 1275 C CG  . ARG A 1 168 ? 26.400  -14.575 -22.022 1.00 63.12  ? 325 ARG A CG  1 
ATOM 1276 C CD  . ARG A 1 168 ? 27.877  -14.606 -22.382 1.00 63.12  ? 325 ARG A CD  1 
ATOM 1277 N NE  . ARG A 1 168 ? 28.632  -15.494 -21.507 1.00 63.12  ? 325 ARG A NE  1 
ATOM 1278 C CZ  . ARG A 1 168 ? 28.740  -15.324 -20.187 1.00 63.12  ? 325 ARG A CZ  1 
ATOM 1279 N NH1 . ARG A 1 168 ? 28.132  -14.290 -19.588 1.00 63.12  ? 325 ARG A NH1 1 
ATOM 1280 N NH2 . ARG A 1 168 ? 29.466  -16.188 -19.468 1.00 63.12  ? 325 ARG A NH2 1 
ATOM 1281 N N   . ILE A 1 169 ? 23.956  -15.259 -24.734 1.00 48.61  ? 326 ILE A N   1 
ATOM 1282 C CA  . ILE A 1 169 ? 23.588  -16.519 -25.359 1.00 48.61  ? 326 ILE A CA  1 
ATOM 1283 C C   . ILE A 1 169 ? 24.769  -17.106 -26.124 1.00 48.61  ? 326 ILE A C   1 
ATOM 1284 O O   . ILE A 1 169 ? 25.221  -16.538 -27.125 1.00 48.61  ? 326 ILE A O   1 
ATOM 1285 C CB  . ILE A 1 169 ? 22.389  -16.293 -26.298 1.00 67.62  ? 326 ILE A CB  1 
ATOM 1286 C CG1 . ILE A 1 169 ? 21.276  -15.603 -25.519 1.00 36.88  ? 326 ILE A CG1 1 
ATOM 1287 C CG2 . ILE A 1 169 ? 21.849  -17.610 -26.821 1.00 36.88  ? 326 ILE A CG2 1 
ATOM 1288 C CD1 . ILE A 1 169 ? 20.086  -15.244 -26.358 1.00 67.62  ? 326 ILE A CD1 1 
ATOM 1289 N N   . PRO A 1 170 ? 25.266  -18.276 -25.677 1.00 59.10  ? 327 PRO A N   1 
ATOM 1290 C CA  . PRO A 1 170 ? 26.400  -18.920 -26.330 1.00 59.10  ? 327 PRO A CA  1 
ATOM 1291 C C   . PRO A 1 170 ? 26.279  -18.977 -27.831 1.00 59.10  ? 327 PRO A C   1 
ATOM 1292 O O   . PRO A 1 170 ? 25.184  -19.026 -28.393 1.00 59.10  ? 327 PRO A O   1 
ATOM 1293 C CB  . PRO A 1 170 ? 26.429  -20.303 -25.690 1.00 73.84  ? 327 PRO A CB  1 
ATOM 1294 C CG  . PRO A 1 170 ? 25.017  -20.555 -25.379 1.00 73.84  ? 327 PRO A CG  1 
ATOM 1295 C CD  . PRO A 1 170 ? 24.582  -19.238 -24.798 1.00 43.10  ? 327 PRO A CD  1 
ATOM 1296 N N   . GLN A 1 171 ? 27.442  -18.961 -28.463 1.00 71.04  ? 328 GLN A N   1 
ATOM 1297 C CA  . GLN A 1 171 ? 27.577  -19.017 -29.904 1.00 71.04  ? 328 GLN A CA  1 
ATOM 1298 C C   . GLN A 1 171 ? 26.720  -20.150 -30.483 1.00 71.04  ? 328 GLN A C   1 
ATOM 1299 O O   . GLN A 1 171 ? 26.190  -20.042 -31.582 1.00 71.04  ? 328 GLN A O   1 
ATOM 1300 C CB  . GLN A 1 171 ? 29.055  -19.238 -30.245 1.00 117.59 ? 328 GLN A CB  1 
ATOM 1301 C CG  . GLN A 1 171 ? 30.046  -18.280 -29.536 1.00 117.59 ? 328 GLN A CG  1 
ATOM 1302 C CD  . GLN A 1 171 ? 30.061  -18.407 -28.007 1.00 86.85  ? 328 GLN A CD  1 
ATOM 1303 O OE1 . GLN A 1 171 ? 30.202  -19.507 -27.455 1.00 86.85  ? 328 GLN A OE1 1 
ATOM 1304 N NE2 . GLN A 1 171 ? 29.932  -17.275 -27.320 1.00 86.85  ? 328 GLN A NE2 1 
ATOM 1305 N N   . THR A 1 172 ? 26.581  -21.231 -29.729 1.00 79.26  ? 329 THR A N   1 
ATOM 1306 C CA  . THR A 1 172 ? 25.802  -22.372 -30.186 1.00 79.26  ? 329 THR A CA  1 
ATOM 1307 C C   . THR A 1 172 ? 24.308  -22.149 -30.075 1.00 79.26  ? 329 THR A C   1 
ATOM 1308 O O   . THR A 1 172 ? 23.565  -22.365 -31.034 1.00 79.26  ? 329 THR A O   1 
ATOM 1309 C CB  . THR A 1 172 ? 26.143  -23.635 -29.387 1.00 75.43  ? 329 THR A CB  1 
ATOM 1310 O OG1 . THR A 1 172 ? 25.946  -23.380 -27.989 1.00 44.69  ? 329 THR A OG1 1 
ATOM 1311 C CG2 . THR A 1 172 ? 27.593  -24.056 -29.654 1.00 44.69  ? 329 THR A CG2 1 
ATOM 1312 N N   . SER A 1 173 ? 23.863  -21.723 -28.901 1.00 61.27  ? 330 SER A N   1 
ATOM 1313 C CA  . SER A 1 173 ? 22.444  -21.489 -28.678 1.00 61.27  ? 330 SER A CA  1 
ATOM 1314 C C   . SER A 1 173 ? 21.796  -20.711 -29.813 1.00 61.27  ? 330 SER A C   1 
ATOM 1315 O O   . SER A 1 173 ? 20.656  -20.987 -30.177 1.00 61.27  ? 330 SER A O   1 
ATOM 1316 C CB  . SER A 1 173 ? 22.243  -20.771 -27.352 1.00 76.38  ? 330 SER A CB  1 
ATOM 1317 O OG  . SER A 1 173 ? 22.626  -21.620 -26.283 1.00 45.64  ? 330 SER A OG  1 
ATOM 1318 N N   . ARG A 1 174 ? 22.523  -19.754 -30.380 1.00 52.14  ? 331 ARG A N   1 
ATOM 1319 C CA  . ARG A 1 174 ? 21.995  -18.972 -31.490 1.00 52.14  ? 331 ARG A CA  1 
ATOM 1320 C C   . ARG A 1 174 ? 21.469  -19.911 -32.574 1.00 52.14  ? 331 ARG A C   1 
ATOM 1321 O O   . ARG A 1 174 ? 20.309  -19.828 -32.955 1.00 52.14  ? 331 ARG A O   1 
ATOM 1322 C CB  . ARG A 1 174 ? 23.078  -18.069 -32.077 1.00 118.26 ? 331 ARG A CB  1 
ATOM 1323 C CG  . ARG A 1 174 ? 23.638  -17.081 -31.088 1.00 118.26 ? 331 ARG A CG  1 
ATOM 1324 C CD  . ARG A 1 174 ? 24.913  -16.439 -31.605 1.00 118.26 ? 331 ARG A CD  1 
ATOM 1325 N NE  . ARG A 1 174 ? 25.636  -15.780 -30.518 1.00 87.52  ? 331 ARG A NE  1 
ATOM 1326 C CZ  . ARG A 1 174 ? 25.225  -14.671 -29.908 1.00 87.52  ? 331 ARG A CZ  1 
ATOM 1327 N NH1 . ARG A 1 174 ? 24.093  -14.082 -30.282 1.00 87.52  ? 331 ARG A NH1 1 
ATOM 1328 N NH2 . ARG A 1 174 ? 25.944  -14.160 -28.914 1.00 87.52  ? 331 ARG A NH2 1 
ATOM 1329 N N   . THR A 1 175 ? 22.321  -20.815 -33.050 1.00 53.08  ? 332 THR A N   1 
ATOM 1330 C CA  . THR A 1 175 ? 21.944  -21.764 -34.100 1.00 53.08  ? 332 THR A CA  1 
ATOM 1331 C C   . THR A 1 175 ? 20.585  -22.375 -33.804 1.00 53.08  ? 332 THR A C   1 
ATOM 1332 O O   . THR A 1 175 ? 19.623  -22.215 -34.559 1.00 53.08  ? 332 THR A O   1 
ATOM 1333 C CB  . THR A 1 175 ? 22.942  -22.956 -34.204 1.00 70.82  ? 332 THR A CB  1 
ATOM 1334 O OG1 . THR A 1 175 ? 24.289  -22.479 -34.177 1.00 40.08  ? 332 THR A OG1 1 
ATOM 1335 C CG2 . THR A 1 175 ? 22.724  -23.717 -35.506 1.00 40.08  ? 332 THR A CG2 1 
ATOM 1336 N N   . VAL A 1 176 ? 20.542  -23.099 -32.692 1.00 29.66  ? 333 VAL A N   1 
ATOM 1337 C CA  . VAL A 1 176 ? 19.334  -23.772 -32.242 1.00 29.66  ? 333 VAL A CA  1 
ATOM 1338 C C   . VAL A 1 176 ? 18.093  -22.899 -32.289 1.00 29.66  ? 333 VAL A C   1 
ATOM 1339 O O   . VAL A 1 176 ? 17.071  -23.274 -32.872 1.00 29.66  ? 333 VAL A O   1 
ATOM 1340 C CB  . VAL A 1 176 ? 19.472  -24.233 -30.805 1.00 74.68  ? 333 VAL A CB  1 
ATOM 1341 C CG1 . VAL A 1 176 ? 18.234  -25.007 -30.407 1.00 43.94  ? 333 VAL A CG1 1 
ATOM 1342 C CG2 . VAL A 1 176 ? 20.726  -25.059 -30.648 1.00 43.94  ? 333 VAL A CG2 1 
ATOM 1343 N N   . LEU A 1 177 ? 18.196  -21.735 -31.661 1.00 57.96  ? 334 LEU A N   1 
ATOM 1344 C CA  . LEU A 1 177 ? 17.090  -20.803 -31.578 1.00 57.96  ? 334 LEU A CA  1 
ATOM 1345 C C   . LEU A 1 177 ? 16.331  -20.487 -32.874 1.00 57.96  ? 334 LEU A C   1 
ATOM 1346 O O   . LEU A 1 177 ? 15.633  -19.477 -32.968 1.00 57.96  ? 334 LEU A O   1 
ATOM 1347 C CB  . LEU A 1 177 ? 17.569  -19.533 -30.874 1.00 48.66  ? 334 LEU A CB  1 
ATOM 1348 C CG  . LEU A 1 177 ? 17.820  -19.768 -29.363 1.00 17.92  ? 334 LEU A CG  1 
ATOM 1349 C CD1 . LEU A 1 177 ? 18.431  -18.527 -28.710 1.00 48.66  ? 334 LEU A CD1 1 
ATOM 1350 C CD2 . LEU A 1 177 ? 16.514  -20.152 -28.694 1.00 17.92  ? 334 LEU A CD2 1 
ATOM 1351 N N   . GLU A 1 178 ? 16.481  -21.359 -33.872 1.00 71.19  ? 335 GLU A N   1 
ATOM 1352 C CA  . GLU A 1 178 ? 15.772  -21.257 -35.143 1.00 71.19  ? 335 GLU A CA  1 
ATOM 1353 C C   . GLU A 1 178 ? 15.153  -22.637 -35.354 1.00 71.19  ? 335 GLU A C   1 
ATOM 1354 O O   . GLU A 1 178 ? 13.958  -22.814 -35.020 1.00 71.19  ? 335 GLU A O   1 
ATOM 1355 C CB  . GLU A 1 178 ? 16.718  -20.943 -36.298 1.00 75.43  ? 335 GLU A CB  1 
ATOM 1356 C CG  . GLU A 1 178 ? 17.199  -19.517 -36.341 1.00 75.43  ? 335 GLU A CG  1 
ATOM 1357 C CD  . GLU A 1 178 ? 18.297  -19.235 -35.335 1.00 44.69  ? 335 GLU A CD  1 
ATOM 1358 O OE1 . GLU A 1 178 ? 18.163  -19.721 -34.192 1.00 44.69  ? 335 GLU A OE1 1 
ATOM 1359 O OE2 . GLU A 1 178 ? 19.286  -18.518 -35.671 1.00 44.69  ? 335 GLU A OE2 1 
# 
